data_8UH6
#
_entry.id   8UH6
#
_cell.length_a   1.00
_cell.length_b   1.00
_cell.length_c   1.00
_cell.angle_alpha   90.00
_cell.angle_beta   90.00
_cell.angle_gamma   90.00
#
_symmetry.space_group_name_H-M   'P 1'
#
loop_
_entity.id
_entity.type
_entity.pdbx_description
1 polymer 'DNA damage-binding protein 1'
2 polymer 'Protein cereblon'
3 polymer 'Tyrosine-protein phosphatase non-receptor type 2'
4 non-polymer '(5P)-3-(carboxymethoxy)-4-chloro-5-(3-{[(4S)-1-({3-[(4-{1-[(3R)-2,6-dioxopiperidin-3-yl]-3-methyl-2-oxo-2,3-dihydro-1H-benzimidazol-5-yl}piperidine-1-carbonyl)amino]phenyl}methanesulfonyl)-2,2-dimethylpiperidin-4-yl]amino}phenyl)thiophene-2-carboxylic acid'
5 non-polymer 'ZINC ION'
#
loop_
_entity_poly.entity_id
_entity_poly.type
_entity_poly.pdbx_seq_one_letter_code
_entity_poly.pdbx_strand_id
1 'polypeptide(L)'
;MHHHHHHHHMSYNYVVTAQKPTAVNGCVTGHFTSAEDLNLLIAKNTRLEIYVVTAEGLRPVKEVGMYGKIAVMELFRPKG
ESKDLLFILTAKYNACILEYKQSGESIDIITRAHGNVQDRIGRPSETGIIGIIDPECRMIGLRLYDGLFKVIPLDRDNKE
LKAFNIRLEELHVIDVKFLYGCQAPTICFVYQDPQGRHVKTYEVSLREKEFNKGPWKQENVEAEASMVIAVPEPFGGAII
IGQESITYHNGDKYLAIAPPIIKQSTIVCHNRVDPNGSRYLLGDMEGRLFMLLLEKEEQMDGTVTLKDLRVELLGETSIA
ECLTYLDNGVVFVGSRLGDSQLVKLNVDSNEQGSYVVAMETFTNLGPIVDMCVVDLERQGQGQLVTCSGAFKEGSLRIIR
NGIGIHEHASIDLPGIKGLWPLRSDPNRETDDTLVLSFVGQTRVLMLNGEEVEETELMGFVDDQQTFFCGNVAHQQLIQI
TSASVRLVSQEPKALVSEWKEPQAKNISVASCNSSQVVVAVGRALYYLQIHPQELRQISHTEMEHEVACLDITPLGDSNG
LSPLCAIGLWTDISARILKLPSFELLHKEMLGGEIIPRSILMTTFESSHYLLCALGDGALFYFGLNIETGLLSDRKKVTL
GTQPTVLRTFRSLSTTNVFACSDRPTVIYSSNHKLVFSNVNLKEVNYMCPLNSDGYPDSLALANNSTLTIGTIDEIQKLH
IRTVPLYESPRKICYQEVSQCFGVLSSRIEVQDTSGGTTALRPSASTQALSSSVSSSKLFSSSTAPHETSFGEEVEVHNL
LIIDQHTFEVLHAHQFLQNEYALSLVSCKLGKDPNTYFIVGTAMVYPEEAEPKQGRIVVFQYSDGKLQTVAEKEVKGAVY
SMVEFNGKLLASINSTVRLYEWTTEKELRTECNHYNNIMALYLKTKGDFILVGDLMRSVLLLAYKPMEGNFEEIARDFNP
NWMSAVEILDDDNFLGAENAFNLFVCQKDSAATTDEERQHLQEVGLFHLGEFVNVFCHGSLVMQNLGETSTPTQGSVLFG
TVNGMIGLVTSLSESWYNLLLDMQNRLNKVIKSVGKIEHSFWRSFHTERKTEPATGFIDGDLIESFLDISRPKMQEVVAN
LQYDDGSGMKREATADDLIKVVEELTRIH
;
A
2 'polypeptide(L)'
;MWSHPQFEKMAGEGDQQDAAHNMGNHLPLLPAESEEEDEMEVEDQDSKEAKKPNIINFDTSLPTSHTYLGADMEEFHGRT
LHDDDSCQVIPVLPQVMMILIPGQTLPLQLFHPQEVSMVRNLIQKDRTFAVLAYSNVQEREAQFGTTAEIYAYREEQDFG
IEIVKVKAIGRQRFKVLELRTQSDGIQQAKVQILPECVLPSTMSAVQLESLNKCQIFPSKPVSREDQCSYKWWQKYQKRK
FHCANLTSWPRWLYSLYDAETLMDRIKKQLREWDENLKDDSLPSNPIDFSYRVAACLPIDDVLRIQLLKIGSAIQRLRCE
LDIMNKCTSLCCKQCQETEITTKNEIFSLSLCGPMAAYVNPHGYVHETLTVYKACNLNLIGRPSTEHSWFPGYAWTVAQC
KICASHIGWKFTATKKDMSPQKFWGLTRSALLPTIPDTEDEISPDKVILCL
;
B
3 'polypeptide(L)'
;MAMPTTIEREFEELDTQRRWQPLYLEIRNESHDYPHRVAKFPENRNRNRYRDVSPYDHSRVKLQNAENDYINASLVDIEE
AQRSYILTQGPLPNTCCHFWLMVWQQKTKAVVMLNRIVEKESVKCAQYWPTDDQEMLFKETGFSVKLLSEDVKSYYTVHL
LQLENINSGETRTISHFHYTTWPDFGVPESPASFLNFLFKVRESGSLNPDHGPAVIHCSAGIGRSGTFSLVDTCLVLMEK
GDDINIKQVLLNMRKYRMGLIQTPDQLRFSYMAIIEGAKCIKGDSSIQKRWKELSKEDLSPAFDHSPNKIMTEKYNHHHH
HHHH
;
C
#
# COMPACT_ATOMS: atom_id res chain seq x y z
N MET A 10 -24.87 0.92 -17.41
CA MET A 10 -25.47 0.70 -16.10
C MET A 10 -25.23 1.88 -15.17
N SER A 11 -26.03 1.97 -14.11
CA SER A 11 -25.88 2.99 -13.07
C SER A 11 -25.86 4.39 -13.69
N TYR A 12 -26.97 4.74 -14.32
CA TYR A 12 -27.10 6.06 -14.95
C TYR A 12 -27.39 7.10 -13.88
N ASN A 13 -26.55 8.13 -13.80
CA ASN A 13 -26.63 9.12 -12.74
C ASN A 13 -26.53 10.53 -13.32
N TYR A 14 -27.07 11.48 -12.57
CA TYR A 14 -27.15 12.88 -12.97
C TYR A 14 -26.62 13.73 -11.83
N VAL A 15 -25.59 14.52 -12.10
CA VAL A 15 -24.95 15.37 -11.11
C VAL A 15 -25.11 16.82 -11.53
N VAL A 16 -25.62 17.66 -10.64
CA VAL A 16 -25.91 19.05 -10.92
C VAL A 16 -25.43 19.91 -9.75
N THR A 17 -24.77 21.02 -10.07
CA THR A 17 -24.27 21.93 -9.05
C THR A 17 -25.43 22.78 -8.54
N ALA A 18 -25.81 22.59 -7.28
CA ALA A 18 -26.86 23.38 -6.66
C ALA A 18 -26.34 24.65 -5.99
N GLN A 19 -25.02 24.82 -5.92
CA GLN A 19 -24.43 26.04 -5.36
C GLN A 19 -23.00 26.14 -5.86
N LYS A 20 -22.68 27.24 -6.53
CA LYS A 20 -21.35 27.43 -7.09
C LYS A 20 -20.31 27.52 -5.99
N PRO A 21 -19.06 27.10 -6.26
CA PRO A 21 -18.02 27.20 -5.25
C PRO A 21 -17.80 28.65 -4.83
N THR A 22 -17.52 28.84 -3.53
CA THR A 22 -17.39 30.16 -2.95
C THR A 22 -16.01 30.44 -2.38
N ALA A 23 -15.07 29.51 -2.47
CA ALA A 23 -13.72 29.71 -1.97
C ALA A 23 -12.82 30.19 -3.11
N VAL A 24 -12.09 31.26 -2.86
CA VAL A 24 -11.27 31.90 -3.88
C VAL A 24 -9.88 31.28 -3.86
N ASN A 25 -9.30 31.11 -5.05
CA ASN A 25 -7.92 30.66 -5.19
C ASN A 25 -6.95 31.80 -5.44
N GLY A 26 -7.42 32.86 -6.10
CA GLY A 26 -6.57 33.99 -6.40
C GLY A 26 -7.35 35.04 -7.14
N CYS A 27 -6.97 36.30 -6.88
CA CYS A 27 -7.61 37.44 -7.50
C CYS A 27 -6.55 38.44 -7.93
N VAL A 28 -6.79 39.10 -9.06
CA VAL A 28 -5.82 39.99 -9.68
C VAL A 28 -6.49 41.32 -10.02
N THR A 29 -5.74 42.41 -9.84
CA THR A 29 -6.19 43.74 -10.20
C THR A 29 -5.49 44.18 -11.49
N GLY A 30 -6.27 44.62 -12.45
CA GLY A 30 -5.71 45.03 -13.73
C GLY A 30 -6.63 45.96 -14.49
N HIS A 31 -6.54 45.89 -15.81
CA HIS A 31 -7.38 46.68 -16.73
C HIS A 31 -7.95 45.78 -17.81
N PHE A 32 -8.54 44.66 -17.38
CA PHE A 32 -8.99 43.64 -18.31
C PHE A 32 -10.12 44.16 -19.21
N THR A 33 -11.16 44.75 -18.62
CA THR A 33 -12.33 45.13 -19.41
C THR A 33 -12.01 46.27 -20.36
N SER A 34 -11.34 47.32 -19.87
CA SER A 34 -10.97 48.45 -20.69
C SER A 34 -9.73 49.11 -20.12
N ALA A 35 -9.06 49.89 -20.96
CA ALA A 35 -7.80 50.51 -20.55
C ALA A 35 -8.03 51.54 -19.45
N GLU A 36 -9.21 52.15 -19.42
CA GLU A 36 -9.51 53.20 -18.45
C GLU A 36 -10.30 52.70 -17.24
N ASP A 37 -10.46 51.39 -17.10
CA ASP A 37 -11.18 50.82 -15.97
C ASP A 37 -10.24 49.90 -15.18
N LEU A 38 -10.39 49.91 -13.87
CA LEU A 38 -9.67 48.99 -12.99
C LEU A 38 -10.58 47.81 -12.67
N ASN A 39 -10.12 46.60 -12.98
CA ASN A 39 -10.92 45.40 -12.83
C ASN A 39 -10.29 44.49 -11.78
N LEU A 40 -11.15 43.80 -11.05
CA LEU A 40 -10.73 42.77 -10.10
C LEU A 40 -11.27 41.44 -10.58
N LEU A 41 -10.38 40.46 -10.74
CA LEU A 41 -10.73 39.15 -11.24
C LEU A 41 -10.55 38.13 -10.11
N ILE A 42 -11.62 37.43 -9.77
CA ILE A 42 -11.64 36.49 -8.66
C ILE A 42 -11.84 35.10 -9.22
N ALA A 43 -11.04 34.15 -8.75
CA ALA A 43 -11.06 32.78 -9.24
C ALA A 43 -11.59 31.86 -8.14
N LYS A 44 -12.91 31.67 -8.11
CA LYS A 44 -13.53 30.73 -7.20
C LYS A 44 -13.47 29.34 -7.83
N ASN A 45 -12.30 28.70 -7.68
CA ASN A 45 -12.04 27.38 -8.24
C ASN A 45 -12.26 27.36 -9.74
N THR A 46 -13.45 26.95 -10.17
CA THR A 46 -13.77 26.82 -11.58
C THR A 46 -14.66 27.96 -12.10
N ARG A 47 -14.75 29.06 -11.35
CA ARG A 47 -15.59 30.19 -11.73
C ARG A 47 -14.74 31.46 -11.70
N LEU A 48 -14.56 32.09 -12.85
CA LEU A 48 -13.86 33.36 -12.92
C LEU A 48 -14.87 34.50 -12.99
N GLU A 49 -14.75 35.45 -12.07
CA GLU A 49 -15.68 36.57 -12.02
C GLU A 49 -14.93 37.87 -12.10
N ILE A 50 -15.39 38.76 -12.99
CA ILE A 50 -14.78 40.06 -13.21
C ILE A 50 -15.70 41.11 -12.63
N TYR A 51 -15.16 41.90 -11.70
CA TYR A 51 -15.84 43.02 -11.07
C TYR A 51 -15.12 44.31 -11.44
N VAL A 52 -15.84 45.43 -11.37
CA VAL A 52 -15.28 46.75 -11.65
C VAL A 52 -15.39 47.58 -10.39
N VAL A 53 -14.28 48.21 -10.00
CA VAL A 53 -14.26 49.06 -8.81
C VAL A 53 -14.97 50.37 -9.13
N THR A 54 -15.78 50.83 -8.18
CA THR A 54 -16.57 52.05 -8.36
C THR A 54 -16.29 53.11 -7.31
N ALA A 55 -15.31 52.91 -6.44
CA ALA A 55 -14.93 53.78 -5.32
C ALA A 55 -15.97 53.75 -4.21
N GLU A 56 -17.09 53.05 -4.38
CA GLU A 56 -18.05 52.83 -3.30
C GLU A 56 -18.42 51.36 -3.15
N GLY A 57 -17.68 50.46 -3.81
CA GLY A 57 -17.98 49.04 -3.74
C GLY A 57 -17.47 48.36 -4.99
N LEU A 58 -17.92 47.12 -5.16
CA LEU A 58 -17.55 46.30 -6.32
C LEU A 58 -18.77 46.11 -7.21
N ARG A 59 -18.61 46.42 -8.48
CA ARG A 59 -19.70 46.27 -9.45
C ARG A 59 -19.43 45.04 -10.29
N PRO A 60 -20.18 43.95 -10.14
CA PRO A 60 -19.96 42.78 -10.99
C PRO A 60 -20.20 43.13 -12.45
N VAL A 61 -19.34 42.60 -13.32
CA VAL A 61 -19.48 42.86 -14.75
C VAL A 61 -19.59 41.56 -15.51
N LYS A 62 -19.03 40.47 -14.98
CA LYS A 62 -19.20 39.19 -15.66
C LYS A 62 -18.82 38.04 -14.74
N GLU A 63 -19.33 36.85 -15.09
CA GLU A 63 -18.93 35.61 -14.45
C GLU A 63 -18.94 34.50 -15.50
N VAL A 64 -17.87 33.71 -15.54
CA VAL A 64 -17.68 32.67 -16.54
C VAL A 64 -17.29 31.39 -15.83
N GLY A 65 -18.05 30.32 -16.09
CA GLY A 65 -17.74 29.00 -15.55
C GLY A 65 -16.91 28.14 -16.48
N MET A 66 -15.62 28.46 -16.64
CA MET A 66 -14.80 27.74 -17.59
C MET A 66 -14.59 26.29 -17.15
N TYR A 67 -14.21 25.45 -18.12
CA TYR A 67 -14.13 24.01 -17.93
C TYR A 67 -12.79 23.64 -17.30
N GLY A 68 -12.69 23.88 -15.99
CA GLY A 68 -11.51 23.45 -15.27
C GLY A 68 -11.25 24.35 -14.07
N LYS A 69 -10.33 23.87 -13.23
CA LYS A 69 -9.87 24.65 -12.09
C LYS A 69 -9.00 25.81 -12.58
N ILE A 70 -8.49 26.57 -11.64
CA ILE A 70 -7.57 27.68 -11.94
C ILE A 70 -6.29 27.40 -11.17
N ALA A 71 -5.34 26.72 -11.81
CA ALA A 71 -4.04 26.51 -11.19
C ALA A 71 -3.28 27.83 -11.04
N VAL A 72 -3.38 28.71 -12.03
CA VAL A 72 -2.74 30.01 -11.97
C VAL A 72 -3.48 30.95 -12.90
N MET A 73 -3.44 32.25 -12.57
CA MET A 73 -4.06 33.29 -13.38
C MET A 73 -3.23 34.55 -13.25
N GLU A 74 -3.11 35.29 -14.35
CA GLU A 74 -2.30 36.51 -14.35
C GLU A 74 -2.83 37.47 -15.39
N LEU A 75 -2.42 38.72 -15.28
CA LEU A 75 -2.76 39.77 -16.23
C LEU A 75 -1.48 40.41 -16.75
N PHE A 76 -1.44 40.69 -18.04
CA PHE A 76 -0.24 41.28 -18.65
C PHE A 76 -0.63 42.03 -19.91
N ARG A 77 0.08 43.13 -20.16
CA ARG A 77 -0.10 43.93 -21.37
C ARG A 77 1.13 43.78 -22.25
N PRO A 78 1.06 43.01 -23.34
CA PRO A 78 2.27 42.73 -24.12
C PRO A 78 2.75 43.86 -25.01
N LYS A 79 2.19 45.06 -24.86
CA LYS A 79 2.63 46.27 -25.57
C LYS A 79 2.23 46.20 -27.04
N GLY A 80 1.76 45.04 -27.48
CA GLY A 80 1.25 44.91 -28.84
C GLY A 80 -0.12 45.51 -29.04
N GLU A 81 -0.88 45.68 -27.96
CA GLU A 81 -2.21 46.27 -28.03
C GLU A 81 -2.56 46.84 -26.67
N SER A 82 -3.78 47.34 -26.55
CA SER A 82 -4.28 47.91 -25.31
C SER A 82 -5.22 46.92 -24.63
N LYS A 83 -5.89 47.38 -23.58
CA LYS A 83 -6.97 46.67 -22.88
C LYS A 83 -6.47 45.46 -22.10
N ASP A 84 -5.16 45.23 -22.00
CA ASP A 84 -4.58 44.16 -21.20
C ASP A 84 -4.97 42.78 -21.73
N LEU A 85 -4.40 41.73 -21.14
CA LEU A 85 -4.70 40.36 -21.53
C LEU A 85 -4.62 39.48 -20.29
N LEU A 86 -5.38 38.39 -20.30
CA LEU A 86 -5.43 37.48 -19.17
C LEU A 86 -4.81 36.14 -19.56
N PHE A 87 -4.13 35.51 -18.62
CA PHE A 87 -3.59 34.17 -18.81
C PHE A 87 -4.15 33.25 -17.73
N ILE A 88 -4.63 32.09 -18.15
CA ILE A 88 -5.27 31.12 -17.27
C ILE A 88 -4.59 29.77 -17.49
N LEU A 89 -4.24 29.09 -16.40
CA LEU A 89 -3.75 27.72 -16.48
C LEU A 89 -4.50 26.89 -15.45
N THR A 90 -5.05 25.76 -15.90
CA THR A 90 -5.90 24.91 -15.09
C THR A 90 -5.09 23.77 -14.49
N ALA A 91 -5.74 23.00 -13.62
CA ALA A 91 -5.08 21.86 -12.99
C ALA A 91 -4.75 20.78 -14.01
N LYS A 92 -5.47 20.72 -15.12
CA LYS A 92 -5.22 19.76 -16.17
C LYS A 92 -4.25 20.27 -17.23
N TYR A 93 -3.57 21.39 -16.96
CA TYR A 93 -2.60 21.99 -17.87
C TYR A 93 -3.26 22.34 -19.21
N ASN A 94 -4.16 23.32 -19.13
CA ASN A 94 -4.98 23.74 -20.25
C ASN A 94 -4.83 25.23 -20.52
N ALA A 95 -3.58 25.69 -20.65
CA ALA A 95 -3.30 27.11 -20.63
C ALA A 95 -4.03 27.84 -21.77
N CYS A 96 -4.42 29.08 -21.50
CA CYS A 96 -5.15 29.87 -22.48
C CYS A 96 -4.92 31.35 -22.20
N ILE A 97 -5.08 32.15 -23.25
CA ILE A 97 -4.95 33.60 -23.19
C ILE A 97 -6.29 34.20 -23.58
N LEU A 98 -6.81 35.07 -22.72
CA LEU A 98 -8.17 35.56 -22.82
C LEU A 98 -8.18 37.08 -22.97
N GLU A 99 -9.16 37.56 -23.74
CA GLU A 99 -9.39 38.98 -23.97
C GLU A 99 -10.86 39.29 -23.73
N TYR A 100 -11.12 40.43 -23.08
CA TYR A 100 -12.48 40.85 -22.77
C TYR A 100 -13.00 41.68 -23.92
N LYS A 101 -13.57 41.01 -24.92
CA LYS A 101 -14.09 41.68 -26.10
C LYS A 101 -15.57 42.01 -25.87
N GLN A 102 -15.88 43.29 -25.79
CA GLN A 102 -17.25 43.76 -25.60
C GLN A 102 -17.80 44.28 -26.92
N SER A 103 -19.07 43.98 -27.18
CA SER A 103 -19.75 44.41 -28.42
C SER A 103 -21.05 45.10 -28.04
N GLY A 104 -20.97 46.39 -27.72
CA GLY A 104 -22.15 47.19 -27.49
C GLY A 104 -22.85 46.89 -26.19
N GLU A 105 -23.50 45.73 -26.11
CA GLU A 105 -24.22 45.31 -24.92
C GLU A 105 -23.82 43.89 -24.55
N SER A 106 -23.47 43.09 -25.55
CA SER A 106 -23.07 41.70 -25.31
C SER A 106 -21.62 41.65 -24.87
N ILE A 107 -21.36 40.94 -23.77
CA ILE A 107 -20.03 40.83 -23.19
C ILE A 107 -19.50 39.43 -23.48
N ASP A 108 -18.29 39.36 -24.03
CA ASP A 108 -17.72 38.09 -24.46
C ASP A 108 -16.29 37.97 -23.98
N ILE A 109 -15.88 36.73 -23.70
CA ILE A 109 -14.52 36.43 -23.32
C ILE A 109 -13.88 35.62 -24.45
N ILE A 110 -13.20 36.30 -25.36
CA ILE A 110 -12.60 35.64 -26.51
C ILE A 110 -11.24 35.08 -26.14
N THR A 111 -10.83 34.03 -26.84
CA THR A 111 -9.57 33.34 -26.58
C THR A 111 -8.58 33.69 -27.68
N ARG A 112 -7.58 34.49 -27.35
CA ARG A 112 -6.55 34.82 -28.32
C ARG A 112 -5.76 33.58 -28.72
N ALA A 113 -5.43 32.73 -27.75
CA ALA A 113 -4.68 31.52 -28.03
C ALA A 113 -4.91 30.53 -26.89
N HIS A 114 -4.55 29.28 -27.12
CA HIS A 114 -4.76 28.23 -26.13
C HIS A 114 -3.78 27.10 -26.39
N GLY A 115 -3.76 26.15 -25.46
CA GLY A 115 -2.91 24.97 -25.62
C GLY A 115 -2.73 24.16 -24.36
N ASN A 116 -2.66 22.84 -24.51
CA ASN A 116 -2.38 21.95 -23.40
C ASN A 116 -0.88 21.86 -23.20
N VAL A 117 -0.43 22.08 -21.96
CA VAL A 117 0.99 22.26 -21.67
C VAL A 117 1.43 21.13 -20.74
N GLN A 118 0.84 19.95 -20.91
CA GLN A 118 1.23 18.80 -20.12
C GLN A 118 2.46 18.11 -20.72
N ASP A 119 3.32 17.60 -19.86
CA ASP A 119 4.45 16.78 -20.28
C ASP A 119 4.04 15.31 -20.31
N ARG A 120 4.51 14.59 -21.33
CA ARG A 120 4.13 13.20 -21.48
C ARG A 120 4.56 12.37 -20.27
N ILE A 121 5.79 12.53 -19.83
CA ILE A 121 6.32 11.82 -18.68
C ILE A 121 6.91 12.82 -17.71
N GLY A 122 6.48 12.76 -16.45
CA GLY A 122 6.99 13.65 -15.44
C GLY A 122 6.22 13.58 -14.13
N ARG A 123 6.93 13.64 -13.02
CA ARG A 123 6.31 13.63 -11.71
C ARG A 123 6.00 15.07 -11.29
N PRO A 124 4.75 15.42 -11.06
CA PRO A 124 4.44 16.80 -10.64
C PRO A 124 5.15 17.15 -9.34
N SER A 125 5.68 18.37 -9.30
CA SER A 125 6.41 18.82 -8.12
C SER A 125 5.47 18.97 -6.93
N GLU A 126 5.94 18.54 -5.76
CA GLU A 126 5.12 18.66 -4.56
C GLU A 126 4.83 20.12 -4.21
N THR A 127 5.73 21.03 -4.58
CA THR A 127 5.50 22.45 -4.30
C THR A 127 4.28 22.96 -5.03
N GLY A 128 4.13 22.61 -6.30
CA GLY A 128 2.94 22.96 -7.07
C GLY A 128 3.28 23.82 -8.26
N ILE A 129 2.22 24.18 -8.98
CA ILE A 129 2.35 24.94 -10.22
C ILE A 129 2.74 26.37 -9.91
N ILE A 130 3.73 26.89 -10.65
CA ILE A 130 4.11 28.29 -10.59
C ILE A 130 3.95 28.89 -11.98
N GLY A 131 3.37 30.10 -12.03
CA GLY A 131 2.93 30.69 -13.28
C GLY A 131 3.48 32.06 -13.64
N ILE A 132 4.79 32.28 -13.49
CA ILE A 132 5.32 33.64 -13.57
C ILE A 132 5.17 34.19 -14.98
N ILE A 133 5.07 35.52 -15.07
CA ILE A 133 4.97 36.23 -16.34
C ILE A 133 6.10 37.24 -16.40
N ASP A 134 6.78 37.30 -17.54
CA ASP A 134 7.85 38.28 -17.72
C ASP A 134 7.25 39.69 -17.72
N PRO A 135 7.84 40.64 -16.98
CA PRO A 135 7.29 42.00 -16.98
C PRO A 135 7.25 42.63 -18.36
N GLU A 136 8.20 42.28 -19.23
CA GLU A 136 8.17 42.77 -20.61
C GLU A 136 7.28 41.92 -21.51
N CYS A 137 6.67 40.87 -20.96
CA CYS A 137 5.73 40.01 -21.69
C CYS A 137 6.39 39.33 -22.89
N ARG A 138 7.71 39.17 -22.85
CA ARG A 138 8.40 38.42 -23.88
C ARG A 138 8.20 36.91 -23.72
N MET A 139 7.83 36.46 -22.54
CA MET A 139 7.77 35.04 -22.23
C MET A 139 6.91 34.84 -20.99
N ILE A 140 6.46 33.61 -20.80
CA ILE A 140 5.83 33.19 -19.56
C ILE A 140 6.51 31.90 -19.10
N GLY A 141 6.71 31.79 -17.79
CA GLY A 141 7.43 30.66 -17.23
C GLY A 141 6.57 29.83 -16.30
N LEU A 142 6.49 28.53 -16.57
CA LEU A 142 5.70 27.60 -15.78
C LEU A 142 6.61 26.62 -15.08
N ARG A 143 6.45 26.49 -13.77
CA ARG A 143 7.09 25.44 -12.99
C ARG A 143 6.02 24.41 -12.69
N LEU A 144 6.02 23.32 -13.46
CA LEU A 144 5.03 22.26 -13.35
C LEU A 144 5.62 20.98 -12.78
N TYR A 145 6.79 20.58 -13.26
CA TYR A 145 7.43 19.32 -12.86
C TYR A 145 8.79 19.61 -12.24
N ASP A 146 9.32 18.60 -11.57
CA ASP A 146 10.62 18.72 -10.92
C ASP A 146 11.73 18.78 -11.96
N GLY A 147 12.71 19.65 -11.71
CA GLY A 147 13.89 19.74 -12.57
C GLY A 147 13.63 20.27 -13.96
N LEU A 148 12.44 20.79 -14.23
CA LEU A 148 12.10 21.32 -15.55
C LEU A 148 11.44 22.68 -15.40
N PHE A 149 11.58 23.52 -16.42
CA PHE A 149 11.00 24.86 -16.41
C PHE A 149 10.42 25.10 -17.79
N LYS A 150 9.11 25.02 -17.92
CA LYS A 150 8.47 25.24 -19.21
C LYS A 150 8.43 26.73 -19.53
N VAL A 151 8.62 27.05 -20.80
CA VAL A 151 8.65 28.43 -21.26
C VAL A 151 7.73 28.56 -22.47
N ILE A 152 6.88 29.58 -22.45
CA ILE A 152 6.02 29.88 -23.60
C ILE A 152 6.30 31.30 -24.07
N PRO A 153 6.88 31.48 -25.26
CA PRO A 153 7.05 32.83 -25.80
C PRO A 153 5.73 33.37 -26.33
N LEU A 154 5.67 34.71 -26.41
CA LEU A 154 4.50 35.41 -26.96
C LEU A 154 4.98 36.34 -28.07
N ASP A 155 4.72 35.95 -29.33
CA ASP A 155 5.09 36.77 -30.47
C ASP A 155 3.99 36.75 -31.54
N ARG A 156 2.74 36.53 -31.12
CA ARG A 156 1.57 36.49 -31.99
C ARG A 156 1.60 35.24 -32.87
N ASP A 157 2.71 34.50 -32.81
CA ASP A 157 2.87 33.29 -33.61
C ASP A 157 2.46 32.04 -32.84
N ASN A 158 2.81 31.97 -31.55
CA ASN A 158 2.53 30.79 -30.74
C ASN A 158 1.06 30.74 -30.31
N LYS A 159 0.18 30.68 -31.31
CA LYS A 159 -1.24 30.54 -31.05
C LYS A 159 -1.60 29.15 -30.55
N GLU A 160 -0.71 28.18 -30.68
CA GLU A 160 -0.91 26.85 -30.15
C GLU A 160 -0.30 26.67 -28.77
N LEU A 161 0.24 27.73 -28.17
CA LEU A 161 0.84 27.69 -26.84
C LEU A 161 1.94 26.63 -26.76
N LYS A 162 2.77 26.56 -27.78
CA LYS A 162 3.86 25.60 -27.81
C LYS A 162 4.97 26.06 -26.86
N ALA A 163 5.25 25.24 -25.86
CA ALA A 163 6.23 25.55 -24.84
C ALA A 163 7.43 24.62 -24.96
N PHE A 164 8.58 25.10 -24.49
CA PHE A 164 9.77 24.25 -24.44
C PHE A 164 10.30 24.22 -23.03
N ASN A 165 10.84 23.07 -22.62
CA ASN A 165 11.29 22.85 -21.25
C ASN A 165 12.79 23.07 -21.16
N ILE A 166 13.20 23.89 -20.19
CA ILE A 166 14.60 24.10 -19.88
C ILE A 166 14.95 23.26 -18.66
N ARG A 167 16.04 22.50 -18.75
CA ARG A 167 16.49 21.70 -17.62
C ARG A 167 16.98 22.60 -16.50
N LEU A 168 16.69 22.20 -15.27
CA LEU A 168 17.10 22.94 -14.09
C LEU A 168 17.84 22.01 -13.14
N GLU A 169 19.06 22.38 -12.78
CA GLU A 169 19.84 21.56 -11.85
C GLU A 169 19.18 21.51 -10.48
N GLU A 170 18.67 22.64 -10.00
CA GLU A 170 18.07 22.70 -8.68
C GLU A 170 16.70 22.01 -8.71
N LEU A 171 16.56 20.93 -7.95
CA LEU A 171 15.31 20.18 -7.97
C LEU A 171 14.26 20.82 -7.08
N HIS A 172 14.52 20.87 -5.77
CA HIS A 172 13.53 21.39 -4.82
C HIS A 172 13.56 22.91 -4.87
N VAL A 173 12.56 23.49 -5.53
CA VAL A 173 12.44 24.94 -5.67
C VAL A 173 11.22 25.40 -4.89
N ILE A 174 11.40 26.45 -4.09
CA ILE A 174 10.33 26.94 -3.24
C ILE A 174 9.45 27.92 -4.00
N ASP A 175 10.06 28.93 -4.61
CA ASP A 175 9.31 29.94 -5.32
C ASP A 175 10.22 30.60 -6.36
N VAL A 176 9.65 30.96 -7.50
CA VAL A 176 10.40 31.58 -8.59
C VAL A 176 9.69 32.89 -8.97
N LYS A 177 10.46 33.83 -9.51
CA LYS A 177 9.91 35.09 -9.95
C LYS A 177 10.77 35.67 -11.07
N PHE A 178 10.19 36.58 -11.83
CA PHE A 178 10.93 37.35 -12.83
C PHE A 178 11.42 38.66 -12.21
N LEU A 179 12.48 39.20 -12.79
CA LEU A 179 13.13 40.39 -12.25
C LEU A 179 12.73 41.62 -13.06
N TYR A 180 12.32 42.66 -12.36
CA TYR A 180 11.99 43.92 -13.01
C TYR A 180 13.27 44.65 -13.45
N GLY A 181 13.16 45.35 -14.58
CA GLY A 181 14.25 46.16 -15.08
C GLY A 181 15.49 45.38 -15.47
N CYS A 182 15.38 44.55 -16.50
CA CYS A 182 16.51 43.79 -17.01
C CYS A 182 16.45 43.76 -18.52
N GLN A 183 17.60 43.94 -19.16
CA GLN A 183 17.66 43.94 -20.62
C GLN A 183 17.30 42.58 -21.19
N ALA A 184 17.50 41.51 -20.42
CA ALA A 184 17.12 40.17 -20.80
C ALA A 184 16.30 39.54 -19.69
N PRO A 185 15.39 38.63 -20.03
CA PRO A 185 14.56 37.99 -18.99
C PRO A 185 15.43 37.22 -18.00
N THR A 186 15.34 37.61 -16.72
CA THR A 186 16.10 37.01 -15.66
C THR A 186 15.16 36.57 -14.55
N ILE A 187 15.35 35.35 -14.05
CA ILE A 187 14.52 34.80 -12.99
C ILE A 187 15.37 34.67 -11.74
N CYS A 188 14.68 34.69 -10.59
CA CYS A 188 15.30 34.47 -9.29
C CYS A 188 14.45 33.49 -8.50
N PHE A 189 15.11 32.62 -7.74
CA PHE A 189 14.39 31.60 -7.00
C PHE A 189 15.24 31.09 -5.86
N VAL A 190 14.60 30.76 -4.75
CA VAL A 190 15.26 30.12 -3.63
C VAL A 190 15.01 28.61 -3.71
N TYR A 191 16.02 27.84 -3.34
CA TYR A 191 15.96 26.39 -3.44
C TYR A 191 16.64 25.79 -2.23
N GLN A 192 16.39 24.51 -2.01
CA GLN A 192 16.89 23.79 -0.84
C GLN A 192 17.82 22.68 -1.27
N ASP A 193 18.99 22.62 -0.64
CA ASP A 193 19.99 21.57 -0.79
C ASP A 193 20.43 21.16 0.61
N PRO A 194 21.19 20.08 0.78
CA PRO A 194 21.66 19.74 2.13
C PRO A 194 22.45 20.85 2.80
N GLN A 195 23.11 21.72 2.02
CA GLN A 195 23.78 22.87 2.62
C GLN A 195 22.79 23.83 3.27
N GLY A 196 21.64 24.05 2.63
CA GLY A 196 20.62 24.94 3.15
C GLY A 196 19.80 25.51 2.03
N ARG A 197 19.22 26.68 2.28
CA ARG A 197 18.42 27.39 1.28
C ARG A 197 19.27 28.48 0.65
N HIS A 198 19.29 28.51 -0.69
CA HIS A 198 20.09 29.46 -1.44
C HIS A 198 19.23 30.14 -2.48
N VAL A 199 19.48 31.43 -2.71
CA VAL A 199 18.74 32.23 -3.67
C VAL A 199 19.61 32.36 -4.92
N LYS A 200 19.25 31.61 -5.96
CA LYS A 200 19.96 31.65 -7.23
C LYS A 200 19.18 32.49 -8.23
N THR A 201 19.85 32.81 -9.33
CA THR A 201 19.23 33.56 -10.42
C THR A 201 19.75 33.04 -11.75
N TYR A 202 18.98 33.28 -12.79
CA TYR A 202 19.31 32.83 -14.13
C TYR A 202 18.89 33.88 -15.15
N GLU A 203 19.47 33.79 -16.33
CA GLU A 203 19.18 34.68 -17.45
C GLU A 203 18.69 33.82 -18.61
N VAL A 204 17.38 33.62 -18.68
CA VAL A 204 16.80 32.74 -19.68
C VAL A 204 16.76 33.49 -21.02
N SER A 205 17.30 32.87 -22.06
CA SER A 205 17.36 33.46 -23.39
C SER A 205 16.68 32.53 -24.38
N LEU A 206 15.82 33.10 -25.22
CA LEU A 206 15.14 32.32 -26.25
C LEU A 206 16.03 32.07 -27.46
N ARG A 207 17.13 32.81 -27.60
CA ARG A 207 18.02 32.63 -28.75
C ARG A 207 18.63 31.23 -28.75
N GLU A 208 19.25 30.85 -27.63
CA GLU A 208 19.83 29.52 -27.49
C GLU A 208 18.88 28.52 -26.84
N LYS A 209 17.66 28.96 -26.49
CA LYS A 209 16.65 28.08 -25.91
C LYS A 209 17.16 27.41 -24.64
N GLU A 210 17.87 28.17 -23.81
CA GLU A 210 18.42 27.66 -22.57
C GLU A 210 18.73 28.82 -21.64
N PHE A 211 19.43 28.53 -20.55
CA PHE A 211 19.72 29.52 -19.51
C PHE A 211 21.07 30.19 -19.76
N ASN A 212 21.46 31.06 -18.84
CA ASN A 212 22.75 31.75 -18.89
C ASN A 212 23.20 32.03 -17.46
N LYS A 213 24.19 32.92 -17.33
CA LYS A 213 24.67 33.31 -16.02
C LYS A 213 23.74 34.32 -15.36
N GLY A 214 23.63 34.25 -14.04
CA GLY A 214 22.80 35.14 -13.29
C GLY A 214 23.49 36.47 -13.01
N PRO A 215 22.69 37.54 -12.83
CA PRO A 215 23.29 38.84 -12.54
C PRO A 215 24.09 38.87 -11.25
N TRP A 216 23.70 38.11 -10.23
CA TRP A 216 24.43 38.11 -8.97
C TRP A 216 24.58 36.66 -8.49
N LYS A 217 25.09 36.50 -7.27
CA LYS A 217 25.52 35.21 -6.77
C LYS A 217 24.36 34.50 -6.08
N GLN A 218 24.66 33.39 -5.39
CA GLN A 218 23.65 32.52 -4.81
C GLN A 218 23.82 32.38 -3.30
N GLU A 219 23.98 33.51 -2.60
CA GLU A 219 24.20 33.53 -1.16
C GLU A 219 23.13 32.75 -0.39
N ASN A 220 23.46 32.32 0.82
CA ASN A 220 22.53 31.57 1.65
C ASN A 220 21.53 32.50 2.33
N VAL A 221 20.34 31.97 2.61
CA VAL A 221 19.24 32.70 3.20
C VAL A 221 18.78 31.92 4.44
N GLU A 222 17.83 32.50 5.17
CA GLU A 222 17.24 31.82 6.31
C GLU A 222 16.68 30.47 5.90
N ALA A 223 16.81 29.48 6.80
CA ALA A 223 16.43 28.12 6.48
C ALA A 223 14.94 27.98 6.17
N GLU A 224 14.12 28.96 6.56
CA GLU A 224 12.69 28.93 6.29
C GLU A 224 12.28 29.96 5.25
N ALA A 225 13.19 30.35 4.36
CA ALA A 225 12.84 31.30 3.30
C ALA A 225 11.81 30.68 2.37
N SER A 226 10.71 31.38 2.17
CA SER A 226 9.63 30.85 1.35
C SER A 226 9.15 31.80 0.27
N MET A 227 9.13 33.09 0.52
CA MET A 227 8.58 34.07 -0.42
C MET A 227 9.68 34.78 -1.20
N VAL A 228 9.44 34.97 -2.49
CA VAL A 228 10.29 35.78 -3.35
C VAL A 228 9.42 36.86 -3.97
N ILE A 229 9.82 38.12 -3.81
CA ILE A 229 9.05 39.26 -4.29
C ILE A 229 9.94 40.09 -5.21
N ALA A 230 9.40 40.50 -6.35
CA ALA A 230 10.12 41.32 -7.31
C ALA A 230 9.57 42.74 -7.26
N VAL A 231 10.33 43.66 -6.67
CA VAL A 231 9.94 45.06 -6.63
C VAL A 231 10.13 45.64 -8.03
N PRO A 232 9.45 46.73 -8.39
CA PRO A 232 9.54 47.23 -9.77
C PRO A 232 10.91 47.83 -10.09
N GLU A 233 11.00 48.48 -11.25
CA GLU A 233 12.29 49.01 -11.70
C GLU A 233 13.04 49.83 -10.66
N PRO A 234 12.41 50.72 -9.89
CA PRO A 234 13.15 51.36 -8.79
C PRO A 234 13.66 50.34 -7.79
N PHE A 235 14.85 50.58 -7.24
CA PHE A 235 15.42 49.71 -6.19
C PHE A 235 15.96 48.39 -6.76
N GLY A 236 15.50 48.01 -7.94
CA GLY A 236 15.87 46.72 -8.53
C GLY A 236 15.78 45.53 -7.61
N GLY A 237 16.42 44.42 -7.99
CA GLY A 237 16.58 43.30 -7.09
C GLY A 237 15.29 42.59 -6.71
N ALA A 238 15.36 41.90 -5.57
CA ALA A 238 14.25 41.10 -5.08
C ALA A 238 14.29 41.06 -3.55
N ILE A 239 13.22 40.55 -2.97
CA ILE A 239 13.05 40.45 -1.53
C ILE A 239 12.74 39.01 -1.17
N ILE A 240 13.45 38.47 -0.18
CA ILE A 240 13.24 37.11 0.30
C ILE A 240 12.59 37.20 1.67
N ILE A 241 11.43 36.56 1.82
CA ILE A 241 10.70 36.54 3.07
C ILE A 241 10.75 35.13 3.64
N GLY A 242 11.22 35.01 4.88
CA GLY A 242 11.27 33.74 5.57
C GLY A 242 10.36 33.72 6.78
N GLN A 243 10.56 32.74 7.66
CA GLN A 243 9.72 32.64 8.85
C GLN A 243 9.92 33.83 9.78
N GLU A 244 11.17 34.26 9.97
CA GLU A 244 11.44 35.34 10.92
C GLU A 244 12.42 36.38 10.39
N SER A 245 12.79 36.36 9.12
CA SER A 245 13.74 37.31 8.58
C SER A 245 13.29 37.77 7.20
N ILE A 246 13.41 39.07 6.95
CA ILE A 246 13.09 39.68 5.65
C ILE A 246 14.37 40.29 5.11
N THR A 247 14.79 39.82 3.93
CA THR A 247 16.02 40.29 3.33
C THR A 247 15.74 40.87 1.95
N TYR A 248 16.62 41.79 1.54
CA TYR A 248 16.51 42.40 0.19
C TYR A 248 17.87 42.26 -0.49
N HIS A 249 17.90 41.68 -1.69
CA HIS A 249 19.12 41.42 -2.43
C HIS A 249 19.05 42.09 -3.79
N ASN A 250 20.12 42.80 -4.15
CA ASN A 250 20.22 43.39 -5.48
C ASN A 250 21.71 43.55 -5.80
N GLY A 251 22.24 42.62 -6.57
CA GLY A 251 23.66 42.67 -6.90
C GLY A 251 24.50 42.57 -5.64
N ASP A 252 25.35 43.59 -5.44
CA ASP A 252 26.17 43.65 -4.23
C ASP A 252 25.34 43.98 -3.00
N LYS A 253 24.25 44.73 -3.18
CA LYS A 253 23.47 45.18 -2.04
C LYS A 253 22.73 44.02 -1.38
N TYR A 254 22.81 43.94 -0.06
CA TYR A 254 22.09 42.92 0.70
C TYR A 254 21.75 43.54 2.06
N LEU A 255 20.46 43.77 2.30
CA LEU A 255 19.99 44.42 3.51
C LEU A 255 18.94 43.54 4.16
N ALA A 256 19.20 43.10 5.38
CA ALA A 256 18.34 42.14 6.06
C ALA A 256 17.88 42.69 7.40
N ILE A 257 16.62 42.43 7.75
CA ILE A 257 16.04 42.79 9.03
C ILE A 257 15.31 41.57 9.59
N ALA A 258 15.15 41.55 10.90
CA ALA A 258 14.47 40.46 11.61
C ALA A 258 13.47 41.05 12.60
N PRO A 259 12.37 41.61 12.11
CA PRO A 259 11.37 42.17 13.02
C PRO A 259 10.73 41.10 13.88
N PRO A 260 10.42 41.40 15.13
CA PRO A 260 9.80 40.40 16.01
C PRO A 260 8.31 40.25 15.82
N ILE A 261 7.64 41.20 15.16
CA ILE A 261 6.20 41.12 14.98
C ILE A 261 5.82 39.93 14.10
N ILE A 262 6.51 39.76 12.98
CA ILE A 262 6.21 38.67 12.05
C ILE A 262 6.72 37.33 12.54
N LYS A 263 7.47 37.29 13.64
CA LYS A 263 7.97 36.02 14.16
C LYS A 263 6.83 35.10 14.60
N GLN A 264 5.69 35.68 14.98
CA GLN A 264 4.60 34.89 15.54
C GLN A 264 4.09 33.85 14.56
N SER A 265 3.91 34.24 13.30
CA SER A 265 3.30 33.35 12.31
C SER A 265 4.15 33.36 11.05
N THR A 266 3.65 32.71 10.00
CA THR A 266 4.35 32.61 8.73
C THR A 266 3.61 33.44 7.69
N ILE A 267 4.36 34.28 6.97
CA ILE A 267 3.77 35.11 5.93
C ILE A 267 3.42 34.24 4.73
N VAL A 268 2.18 34.32 4.27
CA VAL A 268 1.68 33.40 3.26
C VAL A 268 1.00 34.17 2.13
N CYS A 269 0.82 35.48 2.30
CA CYS A 269 0.19 36.30 1.28
C CYS A 269 0.98 37.59 1.10
N HIS A 270 0.95 38.12 -0.11
CA HIS A 270 1.68 39.35 -0.44
C HIS A 270 1.17 39.89 -1.76
N ASN A 271 1.45 41.18 -1.98
CA ASN A 271 1.35 41.83 -3.29
C ASN A 271 1.85 43.26 -3.16
N ARG A 272 1.99 43.92 -4.30
CA ARG A 272 2.36 45.32 -4.35
C ARG A 272 1.20 46.20 -3.86
N VAL A 273 1.54 47.40 -3.41
CA VAL A 273 0.55 48.39 -3.02
C VAL A 273 0.53 49.56 -4.00
N ASP A 274 1.69 50.04 -4.42
CA ASP A 274 1.80 51.14 -5.36
C ASP A 274 2.68 50.75 -6.52
N PRO A 275 2.48 51.35 -7.70
CA PRO A 275 3.33 51.01 -8.85
C PRO A 275 4.80 51.27 -8.60
N ASN A 276 5.15 52.25 -7.76
CA ASN A 276 6.54 52.48 -7.41
C ASN A 276 7.10 51.38 -6.51
N GLY A 277 6.26 50.55 -5.91
CA GLY A 277 6.72 49.47 -5.07
C GLY A 277 7.21 49.89 -3.71
N SER A 278 6.86 51.09 -3.24
CA SER A 278 7.33 51.55 -1.94
C SER A 278 6.69 50.75 -0.80
N ARG A 279 5.44 50.36 -0.95
CA ARG A 279 4.70 49.67 0.11
C ARG A 279 4.24 48.31 -0.37
N TYR A 280 4.17 47.36 0.56
CA TYR A 280 3.71 46.01 0.28
C TYR A 280 2.78 45.56 1.38
N LEU A 281 1.80 44.73 1.02
CA LEU A 281 0.86 44.16 1.97
C LEU A 281 1.25 42.72 2.23
N LEU A 282 1.29 42.34 3.51
CA LEU A 282 1.67 40.99 3.91
C LEU A 282 0.54 40.38 4.73
N GLY A 283 0.12 39.18 4.37
CA GLY A 283 -0.85 38.47 5.17
C GLY A 283 -0.20 37.24 5.76
N ASP A 284 -0.59 36.83 6.96
CA ASP A 284 0.08 35.71 7.58
C ASP A 284 -0.86 34.53 7.74
N MET A 285 -0.32 33.46 8.34
CA MET A 285 -1.04 32.19 8.45
C MET A 285 -2.29 32.32 9.31
N GLU A 286 -2.23 33.13 10.37
CA GLU A 286 -3.31 33.21 11.35
C GLU A 286 -4.30 34.33 11.06
N GLY A 287 -4.13 35.07 9.96
CA GLY A 287 -5.05 36.11 9.58
C GLY A 287 -4.57 37.52 9.82
N ARG A 288 -3.47 37.70 10.56
CA ARG A 288 -2.94 39.04 10.78
C ARG A 288 -2.39 39.62 9.47
N LEU A 289 -2.50 40.93 9.35
CA LEU A 289 -2.10 41.65 8.15
C LEU A 289 -1.14 42.77 8.55
N PHE A 290 0.05 42.76 7.95
CA PHE A 290 1.07 43.78 8.15
C PHE A 290 1.32 44.52 6.84
N MET A 291 2.08 45.60 6.94
CA MET A 291 2.46 46.40 5.79
C MET A 291 3.96 46.66 5.85
N LEU A 292 4.66 46.30 4.79
CA LEU A 292 6.10 46.43 4.71
C LEU A 292 6.47 47.66 3.89
N LEU A 293 7.46 48.41 4.37
CA LEU A 293 7.84 49.68 3.79
C LEU A 293 9.24 49.62 3.21
N LEU A 294 9.45 50.40 2.14
CA LEU A 294 10.77 50.64 1.57
C LEU A 294 11.05 52.14 1.66
N GLU A 295 12.26 52.48 2.13
CA GLU A 295 12.56 53.86 2.46
C GLU A 295 12.82 54.75 1.26
N LYS A 296 13.13 54.18 0.09
CA LYS A 296 13.34 54.95 -1.13
C LYS A 296 14.41 56.01 -0.93
N GLU A 297 15.53 55.60 -0.34
CA GLU A 297 16.61 56.53 -0.04
C GLU A 297 17.36 56.91 -1.31
N GLU A 298 17.61 58.21 -1.47
CA GLU A 298 18.31 58.74 -2.63
C GLU A 298 19.64 59.35 -2.20
N GLN A 299 20.64 59.24 -3.06
CA GLN A 299 21.92 59.89 -2.82
C GLN A 299 22.35 60.70 -4.04
N MET A 300 21.94 60.24 -5.22
CA MET A 300 22.29 60.87 -6.48
C MET A 300 21.39 60.25 -7.56
N ASP A 301 21.69 60.54 -8.82
CA ASP A 301 20.96 59.92 -9.92
C ASP A 301 21.15 58.41 -9.88
N GLY A 302 20.08 57.68 -10.20
CA GLY A 302 20.11 56.23 -10.06
C GLY A 302 20.23 55.83 -8.61
N THR A 303 19.20 56.12 -7.82
CA THR A 303 19.27 55.87 -6.38
C THR A 303 19.43 54.39 -6.08
N VAL A 304 18.54 53.55 -6.63
CA VAL A 304 18.53 52.10 -6.51
C VAL A 304 19.03 51.61 -5.15
N THR A 305 18.64 52.31 -4.09
CA THR A 305 19.08 51.97 -2.74
C THR A 305 17.89 51.98 -1.79
N LEU A 306 18.03 51.21 -0.70
CA LEU A 306 17.03 51.17 0.35
C LEU A 306 17.73 51.48 1.67
N LYS A 307 17.25 52.50 2.38
CA LYS A 307 17.84 52.86 3.66
C LYS A 307 17.66 51.74 4.67
N ASP A 308 16.43 51.28 4.84
CA ASP A 308 16.11 50.12 5.69
C ASP A 308 14.68 49.72 5.40
N LEU A 309 14.30 48.56 5.94
CA LEU A 309 12.96 48.00 5.77
C LEU A 309 12.21 48.06 7.09
N ARG A 310 10.93 48.38 7.02
CA ARG A 310 10.10 48.49 8.21
C ARG A 310 8.73 47.90 7.94
N VAL A 311 8.22 47.14 8.91
CA VAL A 311 6.89 46.55 8.84
C VAL A 311 6.09 47.06 10.03
N GLU A 312 4.77 46.99 9.89
CA GLU A 312 3.86 47.42 10.94
C GLU A 312 2.58 46.61 10.87
N LEU A 313 2.07 46.21 12.02
CA LEU A 313 0.87 45.39 12.10
C LEU A 313 -0.34 46.24 11.72
N LEU A 314 -0.79 46.11 10.47
CA LEU A 314 -1.95 46.87 10.02
C LEU A 314 -3.20 46.47 10.77
N GLY A 315 -3.40 45.17 10.99
CA GLY A 315 -4.57 44.75 11.74
C GLY A 315 -4.83 43.26 11.62
N GLU A 316 -6.08 42.89 11.86
CA GLU A 316 -6.51 41.49 11.82
C GLU A 316 -7.70 41.35 10.88
N THR A 317 -7.55 40.45 9.90
CA THR A 317 -8.62 40.16 8.96
C THR A 317 -8.89 38.65 8.94
N SER A 318 -9.69 38.19 7.99
CA SER A 318 -9.88 36.76 7.82
C SER A 318 -8.57 36.12 7.33
N ILE A 319 -8.52 34.80 7.40
CA ILE A 319 -7.32 34.07 6.99
C ILE A 319 -7.14 34.27 5.49
N ALA A 320 -6.15 35.06 5.11
CA ALA A 320 -6.01 35.47 3.72
C ALA A 320 -5.42 34.36 2.87
N GLU A 321 -5.99 34.17 1.68
CA GLU A 321 -5.37 33.37 0.64
C GLU A 321 -4.76 34.23 -0.46
N CYS A 322 -5.32 35.42 -0.70
CA CYS A 322 -4.75 36.38 -1.63
C CYS A 322 -5.16 37.78 -1.18
N LEU A 323 -4.33 38.76 -1.52
CA LEU A 323 -4.59 40.15 -1.17
C LEU A 323 -4.32 41.03 -2.38
N THR A 324 -5.25 41.93 -2.68
CA THR A 324 -5.07 42.92 -3.73
C THR A 324 -5.45 44.30 -3.21
N TYR A 325 -4.53 45.25 -3.35
CA TYR A 325 -4.80 46.65 -3.02
C TYR A 325 -5.46 47.29 -4.23
N LEU A 326 -6.78 47.42 -4.16
CA LEU A 326 -7.58 47.93 -5.27
C LEU A 326 -8.12 49.31 -4.93
N ASP A 327 -8.07 50.22 -5.92
CA ASP A 327 -8.50 51.61 -5.77
C ASP A 327 -7.58 52.23 -4.72
N ASN A 328 -8.09 52.77 -3.62
CA ASN A 328 -7.23 53.28 -2.56
C ASN A 328 -7.88 53.00 -1.22
N GLY A 329 -7.06 52.68 -0.22
CA GLY A 329 -7.60 52.35 1.10
C GLY A 329 -8.25 51.00 1.19
N VAL A 330 -9.19 50.71 0.29
CA VAL A 330 -9.85 49.40 0.28
C VAL A 330 -8.89 48.35 -0.24
N VAL A 331 -8.82 47.22 0.45
CA VAL A 331 -8.03 46.07 0.00
C VAL A 331 -8.91 44.84 0.09
N PHE A 332 -8.92 44.04 -0.99
CA PHE A 332 -9.74 42.84 -1.04
C PHE A 332 -8.93 41.67 -0.50
N VAL A 333 -9.30 41.20 0.70
CA VAL A 333 -8.66 40.04 1.30
C VAL A 333 -9.43 38.80 0.86
N GLY A 334 -8.86 38.03 -0.06
CA GLY A 334 -9.51 36.85 -0.59
C GLY A 334 -9.34 35.63 0.29
N SER A 335 -10.08 35.56 1.38
CA SER A 335 -9.98 34.42 2.27
C SER A 335 -10.54 33.17 1.61
N ARG A 336 -10.05 32.02 2.04
CA ARG A 336 -10.53 30.73 1.58
C ARG A 336 -11.10 29.87 2.69
N LEU A 337 -10.51 29.92 3.88
CA LEU A 337 -11.10 29.21 5.02
C LEU A 337 -12.37 29.89 5.50
N GLY A 338 -12.34 31.21 5.61
CA GLY A 338 -13.48 32.00 6.01
C GLY A 338 -14.14 32.67 4.83
N ASP A 339 -14.75 33.83 5.10
CA ASP A 339 -15.48 34.59 4.09
C ASP A 339 -14.65 35.78 3.65
N SER A 340 -14.58 35.99 2.33
CA SER A 340 -13.79 37.08 1.78
C SER A 340 -14.37 38.43 2.20
N GLN A 341 -13.50 39.37 2.55
CA GLN A 341 -13.90 40.69 3.01
C GLN A 341 -13.42 41.74 2.01
N LEU A 342 -13.79 42.99 2.29
CA LEU A 342 -13.40 44.15 1.49
C LEU A 342 -12.95 45.27 2.42
N VAL A 343 -12.09 44.94 3.37
CA VAL A 343 -11.70 45.90 4.40
C VAL A 343 -11.01 47.11 3.79
N LYS A 344 -11.05 48.22 4.52
CA LYS A 344 -10.53 49.50 4.06
C LYS A 344 -9.42 49.96 4.99
N LEU A 345 -8.27 50.30 4.42
CA LEU A 345 -7.15 50.81 5.20
C LEU A 345 -7.42 52.24 5.65
N ASN A 346 -6.86 52.61 6.80
CA ASN A 346 -6.94 53.97 7.31
C ASN A 346 -5.56 54.39 7.80
N VAL A 347 -5.20 55.64 7.51
CA VAL A 347 -3.87 56.13 7.89
C VAL A 347 -3.73 56.25 9.40
N ASP A 348 -4.84 56.29 10.14
CA ASP A 348 -4.82 56.48 11.58
C ASP A 348 -5.44 55.28 12.28
N SER A 349 -4.94 55.00 13.48
CA SER A 349 -5.49 53.92 14.27
C SER A 349 -6.91 54.27 14.73
N ASN A 350 -7.64 53.23 15.13
CA ASN A 350 -9.03 53.36 15.56
C ASN A 350 -9.16 53.30 17.08
N GLU A 351 -8.20 53.89 17.79
CA GLU A 351 -8.13 53.83 19.25
C GLU A 351 -7.95 52.40 19.76
N GLN A 352 -7.52 51.50 18.87
CA GLN A 352 -7.35 50.10 19.22
C GLN A 352 -6.09 49.48 18.63
N GLY A 353 -5.26 50.26 17.95
CA GLY A 353 -4.06 49.74 17.32
C GLY A 353 -4.26 49.12 15.96
N SER A 354 -5.49 49.12 15.43
CA SER A 354 -5.79 48.53 14.15
C SER A 354 -6.15 49.62 13.15
N TYR A 355 -5.47 49.62 12.01
CA TYR A 355 -5.73 50.58 10.94
C TYR A 355 -6.74 50.07 9.93
N VAL A 356 -7.32 48.89 10.15
CA VAL A 356 -8.21 48.25 9.18
C VAL A 356 -9.63 48.26 9.73
N VAL A 357 -10.58 48.57 8.85
CA VAL A 357 -12.00 48.51 9.18
C VAL A 357 -12.71 47.79 8.05
N ALA A 358 -13.51 46.79 8.39
CA ALA A 358 -14.25 46.03 7.41
C ALA A 358 -15.51 46.79 6.98
N MET A 359 -15.84 46.66 5.69
CA MET A 359 -17.04 47.30 5.15
C MET A 359 -17.90 46.40 4.29
N GLU A 360 -17.44 45.20 3.95
CA GLU A 360 -18.24 44.26 3.18
C GLU A 360 -17.65 42.88 3.29
N THR A 361 -18.52 41.88 3.45
CA THR A 361 -18.11 40.48 3.49
C THR A 361 -19.00 39.67 2.55
N PHE A 362 -18.40 38.69 1.88
CA PHE A 362 -19.10 37.86 0.91
C PHE A 362 -19.15 36.43 1.43
N THR A 363 -20.29 35.77 1.21
CA THR A 363 -20.52 34.45 1.78
C THR A 363 -19.51 33.44 1.26
N ASN A 364 -19.15 32.48 2.12
CA ASN A 364 -18.19 31.45 1.76
C ASN A 364 -18.48 30.23 2.62
N LEU A 365 -19.18 29.26 2.03
CA LEU A 365 -19.52 28.03 2.79
C LEU A 365 -18.19 27.35 3.15
N GLY A 366 -17.12 27.69 2.45
CA GLY A 366 -15.77 27.21 2.80
C GLY A 366 -15.63 25.70 2.82
N PRO A 367 -15.03 25.11 3.87
CA PRO A 367 -14.76 23.67 3.93
C PRO A 367 -16.00 22.75 3.89
N ILE A 368 -17.09 23.08 4.57
CA ILE A 368 -18.25 22.15 4.63
C ILE A 368 -17.76 20.77 5.06
N VAL A 369 -17.12 20.68 6.23
CA VAL A 369 -16.61 19.39 6.80
C VAL A 369 -17.75 18.41 7.12
N ASP A 370 -18.97 18.89 7.36
CA ASP A 370 -20.12 18.01 7.61
C ASP A 370 -21.38 18.75 7.21
N MET A 371 -22.45 17.98 7.02
CA MET A 371 -23.73 18.53 6.60
C MET A 371 -24.86 17.81 7.34
N CYS A 372 -26.02 18.45 7.34
CA CYS A 372 -27.21 17.86 7.95
C CYS A 372 -28.43 18.44 7.24
N VAL A 373 -29.15 17.59 6.51
CA VAL A 373 -30.38 18.01 5.84
C VAL A 373 -31.51 17.88 6.85
N VAL A 374 -32.01 19.02 7.34
CA VAL A 374 -33.03 19.04 8.36
C VAL A 374 -34.21 19.85 7.87
N ASP A 375 -35.41 19.34 8.11
CA ASP A 375 -36.65 19.94 7.62
C ASP A 375 -37.19 20.85 8.71
N LEU A 376 -37.08 22.16 8.50
CA LEU A 376 -37.47 23.12 9.52
C LEU A 376 -38.82 23.74 9.18
N GLU A 377 -39.64 23.94 10.22
CA GLU A 377 -41.03 24.41 10.12
C GLU A 377 -41.73 23.49 9.12
N ARG A 378 -42.24 23.99 7.99
CA ARG A 378 -43.09 23.20 7.12
C ARG A 378 -42.35 21.98 6.59
N GLN A 379 -43.00 20.83 6.65
CA GLN A 379 -42.43 19.60 6.15
C GLN A 379 -42.27 19.64 4.64
N GLY A 380 -41.23 18.97 4.14
CA GLY A 380 -40.97 18.93 2.72
C GLY A 380 -39.90 19.90 2.28
N GLN A 381 -39.93 21.11 2.84
CA GLN A 381 -38.93 22.14 2.55
C GLN A 381 -37.77 21.96 3.52
N GLY A 382 -36.93 20.98 3.22
CA GLY A 382 -35.80 20.68 4.07
C GLY A 382 -34.60 21.57 3.83
N GLN A 383 -34.27 22.39 4.82
CA GLN A 383 -33.08 23.23 4.75
C GLN A 383 -31.83 22.40 5.06
N LEU A 384 -30.68 23.03 4.88
CA LEU A 384 -29.39 22.37 5.09
C LEU A 384 -28.57 23.14 6.10
N VAL A 385 -27.92 22.43 7.01
CA VAL A 385 -27.04 23.03 8.01
C VAL A 385 -25.65 22.46 7.79
N THR A 386 -24.67 23.34 7.56
CA THR A 386 -23.30 22.95 7.26
C THR A 386 -22.35 23.52 8.29
N CYS A 387 -21.28 22.78 8.56
CA CYS A 387 -20.22 23.21 9.49
C CYS A 387 -19.07 23.78 8.65
N SER A 388 -19.16 25.07 8.37
CA SER A 388 -18.21 25.72 7.47
C SER A 388 -16.98 26.20 8.23
N GLY A 389 -15.93 26.52 7.47
CA GLY A 389 -14.76 27.21 7.99
C GLY A 389 -13.91 26.46 8.99
N ALA A 390 -12.88 27.12 9.51
CA ALA A 390 -11.97 26.53 10.49
C ALA A 390 -11.29 27.63 11.29
N PHE A 391 -10.82 27.29 12.49
CA PHE A 391 -10.13 28.20 13.41
C PHE A 391 -11.09 29.34 13.76
N LYS A 392 -10.62 30.59 13.85
CA LYS A 392 -11.50 31.68 14.24
C LYS A 392 -12.63 31.86 13.22
N GLU A 393 -12.33 31.67 11.94
CA GLU A 393 -13.37 31.63 10.94
C GLU A 393 -14.15 30.33 11.08
N GLY A 394 -15.32 30.28 10.46
CA GLY A 394 -16.14 29.10 10.56
C GLY A 394 -17.40 29.31 11.36
N SER A 395 -18.50 28.77 10.83
CA SER A 395 -19.81 29.07 11.37
C SER A 395 -20.78 27.98 10.95
N LEU A 396 -21.92 27.92 11.64
CA LEU A 396 -23.02 27.10 11.16
C LEU A 396 -23.75 27.85 10.06
N ARG A 397 -23.83 27.25 8.88
CA ARG A 397 -24.45 27.89 7.74
C ARG A 397 -25.78 27.21 7.44
N ILE A 398 -26.85 27.99 7.42
CA ILE A 398 -28.20 27.50 7.19
C ILE A 398 -28.61 27.94 5.79
N ILE A 399 -28.90 26.97 4.92
CA ILE A 399 -29.23 27.24 3.53
C ILE A 399 -30.65 26.79 3.29
N ARG A 400 -31.50 27.73 2.88
CA ARG A 400 -32.91 27.50 2.61
C ARG A 400 -33.23 27.92 1.19
N ASN A 401 -33.88 27.04 0.43
CA ASN A 401 -34.16 27.29 -0.98
C ASN A 401 -35.46 28.07 -1.10
N GLY A 402 -35.37 29.30 -1.59
CA GLY A 402 -36.53 30.11 -1.83
C GLY A 402 -37.15 30.66 -0.56
N ILE A 403 -38.21 31.45 -0.75
CA ILE A 403 -38.97 32.04 0.35
C ILE A 403 -40.40 31.55 0.20
N GLY A 404 -40.72 30.45 0.86
CA GLY A 404 -42.04 29.86 0.77
C GLY A 404 -42.27 29.11 -0.53
N ASP A 714 -39.45 40.89 2.70
CA ASP A 714 -38.76 39.61 2.78
C ASP A 714 -37.58 39.57 1.82
N GLU A 715 -36.64 38.66 2.08
CA GLU A 715 -35.46 38.56 1.25
C GLU A 715 -35.81 38.02 -0.14
N ILE A 716 -35.08 38.51 -1.14
CA ILE A 716 -35.28 38.11 -2.53
C ILE A 716 -33.99 37.47 -3.00
N GLN A 717 -33.93 36.14 -2.94
CA GLN A 717 -32.77 35.38 -3.41
C GLN A 717 -33.19 33.94 -3.60
N LYS A 718 -32.56 33.28 -4.58
CA LYS A 718 -32.93 31.89 -4.86
C LYS A 718 -32.68 30.99 -3.67
N LEU A 719 -31.54 31.16 -2.99
CA LEU A 719 -31.26 30.46 -1.76
C LEU A 719 -30.71 31.45 -0.73
N HIS A 720 -31.22 31.34 0.49
CA HIS A 720 -30.84 32.23 1.58
C HIS A 720 -29.90 31.51 2.53
N ILE A 721 -28.85 32.22 2.94
CA ILE A 721 -27.79 31.67 3.78
C ILE A 721 -27.74 32.47 5.07
N ARG A 722 -27.84 31.77 6.20
CA ARG A 722 -27.81 32.36 7.53
C ARG A 722 -26.54 31.90 8.23
N THR A 723 -25.80 32.84 8.79
CA THR A 723 -24.50 32.58 9.40
C THR A 723 -24.62 32.58 10.92
N VAL A 724 -24.06 31.56 11.56
CA VAL A 724 -23.98 31.50 13.01
C VAL A 724 -22.52 31.32 13.39
N PRO A 725 -21.78 32.42 13.58
CA PRO A 725 -20.35 32.29 13.88
C PRO A 725 -20.10 31.55 15.17
N LEU A 726 -19.06 30.71 15.17
CA LEU A 726 -18.64 29.97 16.35
C LEU A 726 -17.27 30.35 16.86
N TYR A 727 -16.44 31.01 16.04
CA TYR A 727 -15.08 31.39 16.39
C TYR A 727 -14.23 30.20 16.79
N GLU A 728 -14.59 29.02 16.29
CA GLU A 728 -13.80 27.81 16.45
C GLU A 728 -14.23 26.85 15.36
N SER A 729 -13.40 25.84 15.12
CA SER A 729 -13.64 24.94 13.99
C SER A 729 -14.66 23.88 14.38
N PRO A 730 -15.82 23.82 13.73
CA PRO A 730 -16.73 22.70 13.94
C PRO A 730 -16.34 21.52 13.07
N ARG A 731 -16.71 20.34 13.52
CA ARG A 731 -16.28 19.15 12.79
C ARG A 731 -17.42 18.22 12.40
N LYS A 732 -18.42 18.07 13.26
CA LYS A 732 -19.54 17.18 13.00
C LYS A 732 -20.81 17.81 13.54
N ILE A 733 -21.96 17.39 13.00
CA ILE A 733 -23.23 17.96 13.39
C ILE A 733 -24.31 16.88 13.34
N CYS A 734 -25.22 16.91 14.31
CA CYS A 734 -26.42 16.09 14.28
C CYS A 734 -27.60 16.92 14.77
N TYR A 735 -28.80 16.45 14.46
CA TYR A 735 -30.03 17.15 14.81
C TYR A 735 -30.90 16.25 15.68
N GLN A 736 -31.61 16.85 16.63
CA GLN A 736 -32.51 16.12 17.52
C GLN A 736 -33.88 16.78 17.49
N GLU A 737 -34.88 16.03 17.00
CA GLU A 737 -36.25 16.54 16.95
C GLU A 737 -36.83 16.75 18.35
N VAL A 738 -36.61 15.78 19.25
CA VAL A 738 -37.27 15.82 20.55
C VAL A 738 -36.86 17.05 21.33
N SER A 739 -35.56 17.30 21.43
CA SER A 739 -35.09 18.52 22.08
C SER A 739 -35.07 19.72 21.14
N GLN A 740 -35.29 19.50 19.85
CA GLN A 740 -35.18 20.56 18.84
C GLN A 740 -33.83 21.25 18.95
N CYS A 741 -32.77 20.45 18.87
CA CYS A 741 -31.44 20.96 19.16
C CYS A 741 -30.44 20.43 18.12
N PHE A 742 -29.26 21.04 18.14
CA PHE A 742 -28.16 20.67 17.25
C PHE A 742 -26.96 20.24 18.09
N GLY A 743 -26.59 18.97 17.97
CA GLY A 743 -25.38 18.40 18.54
C GLY A 743 -24.18 18.61 17.65
N VAL A 744 -23.55 19.78 17.73
CA VAL A 744 -22.42 20.13 16.87
C VAL A 744 -21.13 19.83 17.61
N LEU A 745 -20.28 18.98 17.04
CA LEU A 745 -18.94 18.82 17.57
C LEU A 745 -18.09 20.01 17.15
N SER A 746 -17.09 20.33 17.98
CA SER A 746 -16.21 21.44 17.67
C SER A 746 -14.90 21.26 18.44
N SER A 747 -13.90 22.04 18.06
CA SER A 747 -12.61 21.99 18.72
C SER A 747 -11.92 23.35 18.59
N ARG A 748 -11.30 23.79 19.68
CA ARG A 748 -10.57 25.04 19.70
C ARG A 748 -9.10 24.77 19.98
N ILE A 749 -8.28 25.80 19.78
CA ILE A 749 -6.83 25.72 19.98
C ILE A 749 -6.47 26.55 21.20
N GLU A 750 -5.68 25.96 22.09
CA GLU A 750 -5.21 26.65 23.29
C GLU A 750 -3.69 26.54 23.38
N VAL A 751 -3.06 27.62 23.81
CA VAL A 751 -1.60 27.67 23.98
C VAL A 751 -1.29 27.39 25.44
N GLN A 752 -0.38 26.45 25.68
CA GLN A 752 -0.01 26.10 27.04
C GLN A 752 0.70 27.27 27.72
N ASP A 753 0.45 27.40 29.02
CA ASP A 753 1.10 28.43 29.83
C ASP A 753 2.46 27.91 30.29
N THR A 754 3.15 28.68 31.14
CA THR A 754 4.42 28.22 31.69
C THR A 754 4.23 26.95 32.51
N SER A 755 3.20 26.93 33.36
CA SER A 755 2.84 25.74 34.10
C SER A 755 1.34 25.53 34.20
N GLY A 756 0.52 26.38 33.57
CA GLY A 756 -0.91 26.28 33.66
C GLY A 756 -1.50 25.30 32.66
N GLY A 757 -2.82 25.14 32.74
CA GLY A 757 -3.54 24.24 31.87
C GLY A 757 -4.04 24.90 30.60
N THR A 758 -3.14 25.60 29.90
CA THR A 758 -3.41 26.25 28.62
C THR A 758 -4.43 27.38 28.73
N THR A 759 -4.40 28.30 27.78
CA THR A 759 -5.33 29.42 27.74
C THR A 759 -5.86 29.59 26.33
N ALA A 760 -7.04 30.20 26.23
CA ALA A 760 -7.67 30.44 24.94
C ALA A 760 -6.99 31.62 24.24
N LEU A 761 -7.49 31.96 23.06
CA LEU A 761 -6.97 33.09 22.30
C LEU A 761 -8.09 34.02 21.89
N ARG A 762 -9.30 33.50 21.79
CA ARG A 762 -10.47 34.27 21.41
C ARG A 762 -11.65 33.79 22.24
N PRO A 763 -12.67 34.64 22.43
CA PRO A 763 -13.91 34.15 23.02
C PRO A 763 -14.67 33.26 22.04
N SER A 764 -14.64 31.96 22.27
CA SER A 764 -15.19 30.98 21.36
C SER A 764 -16.59 30.55 21.78
N ALA A 765 -17.25 29.79 20.91
CA ALA A 765 -18.58 29.30 21.20
C ALA A 765 -18.57 28.32 22.37
N SER A 766 -17.54 27.47 22.45
CA SER A 766 -17.47 26.49 23.52
C SER A 766 -17.22 27.12 24.89
N THR A 767 -16.86 28.40 24.94
CA THR A 767 -16.65 29.09 26.21
C THR A 767 -17.80 30.02 26.56
N GLN A 768 -18.35 30.74 25.58
CA GLN A 768 -19.45 31.67 25.81
C GLN A 768 -20.77 30.93 25.61
N ALA A 769 -21.14 30.14 26.62
CA ALA A 769 -22.35 29.33 26.56
C ALA A 769 -23.12 29.45 27.87
N LEU A 770 -24.40 29.10 27.81
CA LEU A 770 -25.25 29.16 29.00
C LEU A 770 -24.77 28.19 30.07
N SER A 771 -24.43 26.97 29.67
CA SER A 771 -23.91 25.95 30.58
C SER A 771 -22.64 25.37 30.00
N SER A 772 -21.66 25.13 30.86
CA SER A 772 -20.30 24.78 30.44
C SER A 772 -19.78 23.58 31.22
N SER A 773 -20.58 22.52 31.28
CA SER A 773 -20.15 21.30 31.97
C SER A 773 -18.95 20.69 31.26
N VAL A 774 -18.12 19.98 32.03
CA VAL A 774 -16.92 19.34 31.51
C VAL A 774 -16.94 17.87 31.90
N SER A 775 -16.45 17.01 31.01
CA SER A 775 -16.41 15.59 31.30
C SER A 775 -15.35 15.30 32.36
N SER A 776 -15.72 14.51 33.36
CA SER A 776 -14.85 14.16 34.48
C SER A 776 -14.83 12.65 34.67
N SER A 777 -14.68 11.92 33.57
CA SER A 777 -14.64 10.46 33.65
C SER A 777 -13.38 9.99 34.36
N LYS A 778 -13.52 8.91 35.14
CA LYS A 778 -12.39 8.36 35.88
C LYS A 778 -11.49 7.49 35.02
N LEU A 779 -11.96 7.09 33.84
CA LEU A 779 -11.19 6.20 32.98
C LEU A 779 -9.92 6.89 32.48
N PHE A 780 -9.03 6.07 31.92
CA PHE A 780 -7.75 6.53 31.36
C PHE A 780 -6.89 7.20 32.43
N SER A 781 -6.56 6.41 33.46
CA SER A 781 -5.67 6.85 34.53
C SER A 781 -4.26 6.29 34.38
N SER A 782 -3.90 5.86 33.17
CA SER A 782 -2.57 5.32 32.93
C SER A 782 -1.54 6.44 32.78
N SER A 783 -0.28 6.03 32.67
CA SER A 783 0.82 6.99 32.60
C SER A 783 0.91 7.60 31.21
N THR A 784 1.42 8.83 31.17
CA THR A 784 1.68 9.54 29.91
C THR A 784 2.74 10.59 30.18
N ALA A 785 3.41 11.05 29.13
CA ALA A 785 4.48 12.06 29.28
C ALA A 785 4.16 13.29 28.43
N PRO A 786 3.42 14.29 28.96
CA PRO A 786 3.14 15.53 28.23
C PRO A 786 4.39 16.40 28.13
N HIS A 787 5.54 15.90 28.60
CA HIS A 787 6.81 16.67 28.54
C HIS A 787 6.83 17.59 27.32
N GLU A 788 6.46 17.06 26.15
CA GLU A 788 6.51 17.84 24.92
C GLU A 788 5.79 19.18 25.03
N THR A 789 4.93 19.36 26.03
CA THR A 789 4.10 20.55 26.15
C THR A 789 4.98 21.72 26.59
N SER A 790 5.65 22.32 25.61
CA SER A 790 6.49 23.49 25.85
C SER A 790 5.62 24.73 25.93
N PHE A 791 6.25 25.91 25.90
CA PHE A 791 5.53 27.17 26.04
C PHE A 791 4.51 27.34 24.92
N GLY A 792 4.97 27.45 23.68
CA GLY A 792 4.05 27.57 22.56
C GLY A 792 3.67 26.22 22.01
N GLU A 793 2.51 25.71 22.42
CA GLU A 793 2.04 24.40 22.00
C GLU A 793 0.54 24.48 21.82
N GLU A 794 0.10 24.61 20.56
CA GLU A 794 -1.32 24.69 20.24
C GLU A 794 -1.93 23.31 20.41
N VAL A 795 -2.60 23.08 21.55
CA VAL A 795 -3.28 21.83 21.83
C VAL A 795 -4.77 22.02 21.57
N GLU A 796 -5.39 21.00 20.99
CA GLU A 796 -6.79 21.06 20.63
C GLU A 796 -7.66 20.59 21.79
N VAL A 797 -8.65 21.41 22.15
CA VAL A 797 -9.64 21.06 23.16
C VAL A 797 -10.95 20.85 22.44
N HIS A 798 -11.53 19.66 22.61
CA HIS A 798 -12.71 19.25 21.87
C HIS A 798 -13.96 19.37 22.74
N ASN A 799 -15.03 19.85 22.15
CA ASN A 799 -16.29 20.07 22.86
C ASN A 799 -17.46 19.60 22.00
N LEU A 800 -18.54 19.25 22.69
CA LEU A 800 -19.84 19.02 22.06
C LEU A 800 -20.75 20.17 22.47
N LEU A 801 -21.31 20.86 21.48
CA LEU A 801 -22.14 22.03 21.70
C LEU A 801 -23.58 21.68 21.36
N ILE A 802 -24.47 21.91 22.30
CA ILE A 802 -25.90 21.81 22.07
C ILE A 802 -26.40 23.21 21.77
N ILE A 803 -26.90 23.40 20.55
CA ILE A 803 -27.27 24.70 20.02
C ILE A 803 -28.77 24.70 19.72
N ASP A 804 -29.44 25.78 20.10
CA ASP A 804 -30.88 25.87 19.89
C ASP A 804 -31.21 25.91 18.41
N GLN A 805 -32.32 25.26 18.04
CA GLN A 805 -32.75 25.24 16.64
C GLN A 805 -33.16 26.62 16.16
N HIS A 806 -33.86 27.39 17.00
CA HIS A 806 -34.50 28.62 16.56
C HIS A 806 -33.56 29.82 16.61
N THR A 807 -33.06 30.15 17.80
CA THR A 807 -32.19 31.30 17.94
C THR A 807 -30.74 30.99 17.58
N PHE A 808 -30.38 29.71 17.45
CA PHE A 808 -29.01 29.30 17.14
C PHE A 808 -28.02 29.89 18.14
N GLU A 809 -28.42 29.89 19.41
CA GLU A 809 -27.54 30.27 20.51
C GLU A 809 -27.06 29.00 21.19
N VAL A 810 -25.75 28.92 21.44
CA VAL A 810 -25.17 27.73 22.05
C VAL A 810 -25.73 27.57 23.45
N LEU A 811 -26.52 26.51 23.65
CA LEU A 811 -27.15 26.29 24.94
C LEU A 811 -26.19 25.60 25.91
N HIS A 812 -25.51 24.56 25.44
CA HIS A 812 -24.57 23.82 26.28
C HIS A 812 -23.26 23.60 25.55
N ALA A 813 -22.18 23.51 26.32
CA ALA A 813 -20.81 23.49 25.80
C ALA A 813 -19.99 22.40 26.48
N HIS A 814 -20.49 21.17 26.48
CA HIS A 814 -19.81 20.09 27.17
C HIS A 814 -18.39 19.93 26.64
N GLN A 815 -17.43 19.77 27.55
CA GLN A 815 -16.03 19.64 27.19
C GLN A 815 -15.56 18.22 27.47
N PHE A 816 -14.77 17.67 26.55
CA PHE A 816 -14.27 16.31 26.67
C PHE A 816 -12.94 16.31 27.43
N LEU A 817 -12.39 15.12 27.64
CA LEU A 817 -11.17 14.98 28.41
C LEU A 817 -10.00 15.64 27.68
N GLN A 818 -8.92 15.88 28.42
CA GLN A 818 -7.74 16.47 27.84
C GLN A 818 -7.08 15.51 26.87
N ASN A 819 -6.47 16.07 25.83
CA ASN A 819 -5.91 15.36 24.68
C ASN A 819 -6.79 14.19 24.25
N GLU A 820 -8.10 14.40 24.24
CA GLU A 820 -9.06 13.42 23.76
C GLU A 820 -9.72 13.96 22.50
N TYR A 821 -9.70 13.18 21.43
CA TYR A 821 -10.20 13.62 20.13
C TYR A 821 -11.59 13.02 19.92
N ALA A 822 -12.59 13.88 19.78
CA ALA A 822 -13.95 13.44 19.54
C ALA A 822 -14.09 13.16 18.05
N LEU A 823 -13.99 11.88 17.68
CA LEU A 823 -14.00 11.51 16.27
C LEU A 823 -15.39 11.60 15.66
N SER A 824 -16.34 10.86 16.20
CA SER A 824 -17.64 10.72 15.56
C SER A 824 -18.77 11.07 16.52
N LEU A 825 -19.92 11.42 15.93
CA LEU A 825 -21.08 11.81 16.71
C LEU A 825 -22.34 11.46 15.91
N VAL A 826 -23.39 11.07 16.62
CA VAL A 826 -24.66 10.69 16.00
C VAL A 826 -25.77 10.95 17.01
N SER A 827 -27.00 11.03 16.51
CA SER A 827 -28.19 11.16 17.35
C SER A 827 -29.15 10.03 17.00
N CYS A 828 -29.65 9.34 18.02
CA CYS A 828 -30.47 8.16 17.75
C CYS A 828 -31.37 7.88 18.94
N LYS A 829 -32.12 6.76 18.83
CA LYS A 829 -33.02 6.29 19.89
C LYS A 829 -32.83 4.78 19.98
N LEU A 830 -31.92 4.36 20.84
CA LEU A 830 -31.50 2.97 20.88
C LEU A 830 -32.46 2.10 21.69
N GLY A 831 -32.61 0.86 21.26
CA GLY A 831 -33.39 -0.13 21.98
C GLY A 831 -34.86 0.24 22.06
N LYS A 832 -35.51 -0.25 23.12
CA LYS A 832 -36.91 0.07 23.40
C LYS A 832 -37.06 1.34 24.21
N ASP A 833 -35.96 1.96 24.64
CA ASP A 833 -36.04 3.18 25.42
C ASP A 833 -36.61 4.31 24.56
N PRO A 834 -37.55 5.10 25.10
CA PRO A 834 -38.15 6.17 24.30
C PRO A 834 -37.23 7.37 24.13
N ASN A 835 -36.37 7.62 25.11
CA ASN A 835 -35.50 8.79 25.06
C ASN A 835 -34.48 8.67 23.93
N THR A 836 -34.16 9.82 23.33
CA THR A 836 -33.17 9.90 22.28
C THR A 836 -31.87 10.46 22.86
N TYR A 837 -30.74 9.95 22.36
CA TYR A 837 -29.44 10.28 22.90
C TYR A 837 -28.49 10.73 21.80
N PHE A 838 -27.52 11.54 22.20
CA PHE A 838 -26.37 11.89 21.38
C PHE A 838 -25.24 10.92 21.73
N ILE A 839 -24.86 10.08 20.79
CA ILE A 839 -23.76 9.14 20.99
C ILE A 839 -22.51 9.76 20.38
N VAL A 840 -21.49 9.93 21.22
CA VAL A 840 -20.23 10.53 20.79
C VAL A 840 -19.12 9.51 21.00
N GLY A 841 -18.43 9.15 19.92
CA GLY A 841 -17.30 8.26 19.99
C GLY A 841 -16.01 9.05 19.87
N THR A 842 -15.18 8.96 20.91
CA THR A 842 -13.94 9.72 20.99
C THR A 842 -12.77 8.76 21.16
N ALA A 843 -11.58 9.24 20.80
CA ALA A 843 -10.36 8.44 20.87
C ALA A 843 -9.32 9.16 21.70
N MET A 844 -8.70 8.43 22.63
CA MET A 844 -7.59 8.96 23.38
C MET A 844 -6.36 9.01 22.50
N VAL A 845 -5.78 10.21 22.34
CA VAL A 845 -4.64 10.40 21.45
C VAL A 845 -3.48 10.99 22.25
N TYR A 846 -2.27 10.52 21.95
CA TYR A 846 -1.05 11.01 22.55
C TYR A 846 0.03 11.12 21.47
N PRO A 847 0.80 12.21 21.46
CA PRO A 847 1.82 12.37 20.40
C PRO A 847 2.84 11.25 20.38
N GLU A 848 3.18 10.67 21.54
CA GLU A 848 4.14 9.57 21.56
C GLU A 848 3.59 8.35 20.82
N GLU A 849 2.30 8.06 20.99
CA GLU A 849 1.69 6.87 20.40
C GLU A 849 1.23 7.18 18.98
N ALA A 850 1.86 6.53 18.00
CA ALA A 850 1.49 6.76 16.60
C ALA A 850 0.07 6.28 16.31
N GLU A 851 -0.30 5.11 16.84
CA GLU A 851 -1.63 4.56 16.62
C GLU A 851 -2.39 4.58 17.94
N PRO A 852 -3.53 5.28 18.01
CA PRO A 852 -4.29 5.32 19.27
C PRO A 852 -4.74 3.93 19.70
N LYS A 853 -4.70 3.70 21.02
CA LYS A 853 -5.06 2.42 21.59
C LYS A 853 -6.25 2.48 22.54
N GLN A 854 -6.67 3.66 22.98
CA GLN A 854 -7.76 3.80 23.92
C GLN A 854 -8.78 4.80 23.38
N GLY A 855 -10.05 4.49 23.58
CA GLY A 855 -11.14 5.37 23.19
C GLY A 855 -12.37 5.05 24.02
N ARG A 856 -13.40 5.87 23.86
CA ARG A 856 -14.62 5.67 24.63
C ARG A 856 -15.84 6.10 23.81
N ILE A 857 -16.91 5.35 23.97
CA ILE A 857 -18.21 5.68 23.38
C ILE A 857 -19.08 6.20 24.51
N VAL A 858 -19.28 7.52 24.56
CA VAL A 858 -20.09 8.15 25.59
C VAL A 858 -21.46 8.45 25.00
N VAL A 859 -22.47 8.50 25.86
CA VAL A 859 -23.82 8.84 25.43
C VAL A 859 -24.34 9.97 26.31
N PHE A 860 -25.11 10.86 25.72
CA PHE A 860 -25.64 12.03 26.41
C PHE A 860 -27.14 12.13 26.18
N GLN A 861 -27.85 12.56 27.20
CA GLN A 861 -29.27 12.89 27.11
C GLN A 861 -29.45 14.35 27.48
N TYR A 862 -30.07 15.12 26.59
CA TYR A 862 -30.28 16.54 26.81
C TYR A 862 -31.73 16.77 27.24
N SER A 863 -31.91 17.31 28.44
CA SER A 863 -33.23 17.64 28.94
C SER A 863 -33.08 18.67 30.05
N ASP A 864 -34.08 19.56 30.14
CA ASP A 864 -34.10 20.61 31.15
C ASP A 864 -32.85 21.48 31.06
N GLY A 865 -32.38 21.72 29.85
CA GLY A 865 -31.22 22.57 29.63
C GLY A 865 -29.94 22.05 30.28
N LYS A 866 -29.73 20.74 30.23
CA LYS A 866 -28.52 20.15 30.81
C LYS A 866 -28.26 18.82 30.14
N LEU A 867 -27.01 18.36 30.26
CA LEU A 867 -26.58 17.07 29.76
C LEU A 867 -26.17 16.17 30.92
N GLN A 868 -26.19 14.87 30.66
CA GLN A 868 -25.87 13.88 31.68
C GLN A 868 -25.33 12.64 30.99
N THR A 869 -24.13 12.23 31.39
CA THR A 869 -23.53 11.00 30.88
C THR A 869 -24.27 9.82 31.48
N VAL A 870 -25.22 9.24 30.73
CA VAL A 870 -25.97 8.10 31.24
C VAL A 870 -25.32 6.77 30.90
N ALA A 871 -24.25 6.78 30.11
CA ALA A 871 -23.46 5.58 29.83
C ALA A 871 -22.18 5.99 29.11
N GLU A 872 -21.13 5.24 29.37
CA GLU A 872 -19.83 5.47 28.75
C GLU A 872 -19.08 4.15 28.72
N LYS A 873 -18.80 3.65 27.51
CA LYS A 873 -18.23 2.34 27.30
C LYS A 873 -16.78 2.48 26.86
N GLU A 874 -15.88 1.82 27.58
CA GLU A 874 -14.50 1.68 27.13
C GLU A 874 -14.46 0.80 25.89
N VAL A 875 -13.56 1.13 24.96
CA VAL A 875 -13.53 0.42 23.68
C VAL A 875 -12.15 -0.10 23.32
N LYS A 876 -11.07 0.38 23.95
CA LYS A 876 -9.71 -0.09 23.68
C LYS A 876 -9.37 0.05 22.19
N GLY A 877 -9.69 1.22 21.63
CA GLY A 877 -9.42 1.50 20.24
C GLY A 877 -9.69 2.95 19.89
N ALA A 878 -9.87 3.26 18.62
CA ALA A 878 -10.11 4.63 18.16
C ALA A 878 -11.37 4.62 17.29
N VAL A 879 -12.53 4.72 17.93
CA VAL A 879 -13.80 4.67 17.20
C VAL A 879 -13.85 5.83 16.22
N TYR A 880 -14.08 5.51 14.94
CA TYR A 880 -14.01 6.48 13.86
C TYR A 880 -15.37 6.96 13.41
N SER A 881 -16.37 6.09 13.37
CA SER A 881 -17.69 6.46 12.88
C SER A 881 -18.72 5.49 13.44
N MET A 882 -19.85 6.02 13.88
CA MET A 882 -20.95 5.22 14.42
C MET A 882 -22.24 5.58 13.70
N VAL A 883 -23.06 4.57 13.44
CA VAL A 883 -24.38 4.76 12.86
C VAL A 883 -25.39 4.01 13.70
N GLU A 884 -26.66 4.35 13.50
CA GLU A 884 -27.74 3.70 14.24
C GLU A 884 -28.30 2.58 13.37
N PHE A 885 -27.74 1.39 13.54
CA PHE A 885 -28.37 0.20 12.99
C PHE A 885 -29.69 -0.01 13.71
N ASN A 886 -30.72 -0.40 12.96
CA ASN A 886 -32.08 -0.43 13.50
C ASN A 886 -32.12 -1.15 14.85
N GLY A 887 -32.38 -0.38 15.90
CA GLY A 887 -32.42 -0.89 17.24
C GLY A 887 -31.08 -1.08 17.92
N LYS A 888 -29.98 -0.73 17.27
CA LYS A 888 -28.65 -1.01 17.80
C LYS A 888 -27.68 0.09 17.40
N LEU A 889 -26.42 -0.09 17.79
CA LEU A 889 -25.36 0.88 17.52
C LEU A 889 -24.25 0.19 16.74
N LEU A 890 -24.01 0.63 15.50
CA LEU A 890 -22.97 0.03 14.68
C LEU A 890 -21.75 0.96 14.69
N ALA A 891 -20.66 0.51 15.30
CA ALA A 891 -19.47 1.32 15.45
C ALA A 891 -18.28 0.67 14.77
N SER A 892 -17.28 1.48 14.48
CA SER A 892 -16.03 1.02 13.88
C SER A 892 -14.87 1.46 14.77
N ILE A 893 -14.06 0.51 15.22
CA ILE A 893 -13.08 0.83 16.26
C ILE A 893 -11.67 0.87 15.69
N ASN A 894 -11.15 -0.28 15.24
CA ASN A 894 -9.85 -0.32 14.58
C ASN A 894 -9.85 -1.56 13.68
N SER A 895 -10.20 -1.36 12.41
CA SER A 895 -10.40 -2.45 11.46
C SER A 895 -11.38 -3.49 12.00
N THR A 896 -12.25 -3.06 12.92
CA THR A 896 -13.30 -3.90 13.49
C THR A 896 -14.61 -3.15 13.47
N VAL A 897 -15.68 -3.84 13.09
CA VAL A 897 -17.03 -3.30 13.09
C VAL A 897 -17.83 -4.04 14.15
N ARG A 898 -18.25 -3.32 15.17
CA ARG A 898 -18.90 -3.91 16.34
C ARG A 898 -20.36 -3.46 16.41
N LEU A 899 -21.23 -4.35 16.84
CA LEU A 899 -22.65 -4.07 16.99
C LEU A 899 -22.98 -4.10 18.48
N TYR A 900 -23.37 -2.95 19.01
CA TYR A 900 -23.69 -2.79 20.42
C TYR A 900 -25.20 -2.79 20.60
N GLU A 901 -25.67 -3.49 21.63
CA GLU A 901 -27.08 -3.55 21.97
C GLU A 901 -27.36 -2.68 23.19
N TRP A 902 -28.51 -2.02 23.19
CA TRP A 902 -28.91 -1.14 24.29
C TRP A 902 -29.78 -1.93 25.25
N THR A 903 -29.22 -2.27 26.40
CA THR A 903 -29.96 -3.05 27.39
C THR A 903 -30.95 -2.16 28.13
N THR A 904 -31.89 -2.80 28.82
CA THR A 904 -32.86 -2.08 29.63
C THR A 904 -32.24 -1.44 30.86
N GLU A 905 -30.99 -1.79 31.18
CA GLU A 905 -30.27 -1.18 32.30
C GLU A 905 -29.51 0.06 31.90
N LYS A 906 -29.75 0.58 30.69
CA LYS A 906 -29.06 1.77 30.18
C LYS A 906 -27.55 1.58 30.16
N GLU A 907 -27.12 0.60 29.36
CA GLU A 907 -25.70 0.30 29.21
C GLU A 907 -25.49 -0.42 27.89
N LEU A 908 -24.49 0.01 27.12
CA LEU A 908 -24.17 -0.64 25.87
C LEU A 908 -23.58 -2.03 26.14
N ARG A 909 -24.03 -3.00 25.36
CA ARG A 909 -23.56 -4.39 25.47
C ARG A 909 -23.21 -4.88 24.08
N THR A 910 -21.94 -5.25 23.88
CA THR A 910 -21.50 -5.72 22.58
C THR A 910 -22.17 -7.03 22.21
N GLU A 911 -22.57 -7.14 20.95
CA GLU A 911 -23.24 -8.34 20.44
C GLU A 911 -22.34 -9.16 19.53
N CYS A 912 -21.75 -8.54 18.52
CA CYS A 912 -20.87 -9.24 17.60
C CYS A 912 -19.94 -8.23 16.94
N ASN A 913 -18.68 -8.63 16.77
CA ASN A 913 -17.67 -7.81 16.13
C ASN A 913 -17.05 -8.57 14.97
N HIS A 914 -16.97 -7.93 13.81
CA HIS A 914 -16.42 -8.53 12.61
C HIS A 914 -15.18 -7.75 12.20
N TYR A 915 -14.10 -8.47 11.89
CA TYR A 915 -12.83 -7.86 11.55
C TYR A 915 -12.59 -7.98 10.05
N ASN A 916 -12.28 -6.84 9.41
CA ASN A 916 -12.18 -6.77 7.96
C ASN A 916 -10.81 -6.28 7.51
N ASN A 917 -9.80 -6.35 8.38
CA ASN A 917 -8.39 -6.13 8.05
C ASN A 917 -8.09 -4.77 7.42
N ILE A 918 -9.08 -3.87 7.39
CA ILE A 918 -8.87 -2.51 6.90
C ILE A 918 -9.55 -1.55 7.87
N MET A 919 -8.91 -0.41 8.11
CA MET A 919 -9.47 0.62 8.98
C MET A 919 -10.82 1.09 8.44
N ALA A 920 -11.89 0.79 9.17
CA ALA A 920 -13.24 1.10 8.72
C ALA A 920 -13.55 2.56 9.03
N LEU A 921 -13.04 3.45 8.17
CA LEU A 921 -13.25 4.88 8.36
C LEU A 921 -14.70 5.24 8.06
N TYR A 922 -15.14 5.02 6.83
CA TYR A 922 -16.49 5.38 6.42
C TYR A 922 -17.42 4.20 6.63
N LEU A 923 -18.57 4.46 7.24
CA LEU A 923 -19.53 3.39 7.56
C LEU A 923 -20.93 3.89 7.28
N LYS A 924 -21.64 3.19 6.40
CA LYS A 924 -23.01 3.56 6.05
C LYS A 924 -23.90 2.31 6.06
N THR A 925 -25.20 2.53 6.18
CA THR A 925 -26.16 1.46 6.23
C THR A 925 -27.30 1.70 5.25
N LYS A 926 -27.86 0.61 4.74
CA LYS A 926 -28.98 0.65 3.82
C LYS A 926 -30.00 -0.43 4.21
N GLY A 927 -30.37 -0.46 5.48
CA GLY A 927 -31.23 -1.51 5.98
C GLY A 927 -30.44 -2.57 6.73
N ASP A 928 -30.18 -3.70 6.08
CA ASP A 928 -29.31 -4.71 6.65
C ASP A 928 -27.94 -4.75 5.99
N PHE A 929 -27.74 -3.98 4.92
CA PHE A 929 -26.44 -3.92 4.26
C PHE A 929 -25.62 -2.79 4.85
N ILE A 930 -24.32 -3.03 5.02
CA ILE A 930 -23.40 -2.08 5.62
C ILE A 930 -22.23 -1.88 4.68
N LEU A 931 -21.98 -0.65 4.28
CA LEU A 931 -20.85 -0.28 3.46
C LEU A 931 -19.72 0.21 4.35
N VAL A 932 -18.53 -0.36 4.17
CA VAL A 932 -17.36 -0.02 4.95
C VAL A 932 -16.26 0.42 4.00
N GLY A 933 -15.67 1.58 4.27
CA GLY A 933 -14.67 2.11 3.37
C GLY A 933 -13.42 2.64 4.07
N ASP A 934 -12.26 2.21 3.60
CA ASP A 934 -10.99 2.74 4.07
C ASP A 934 -10.65 4.02 3.33
N LEU A 935 -9.66 4.75 3.85
CA LEU A 935 -9.24 5.97 3.18
C LEU A 935 -8.65 5.69 1.81
N MET A 936 -7.98 4.56 1.66
CA MET A 936 -7.32 4.21 0.40
C MET A 936 -8.19 3.29 -0.44
N ARG A 937 -9.42 3.76 -0.71
CA ARG A 937 -10.36 3.20 -1.68
C ARG A 937 -10.85 1.81 -1.31
N SER A 938 -10.34 1.20 -0.25
CA SER A 938 -10.76 -0.15 0.14
C SER A 938 -12.21 -0.10 0.60
N VAL A 939 -13.11 -0.61 -0.22
CA VAL A 939 -14.55 -0.59 0.07
C VAL A 939 -15.07 -2.02 0.05
N LEU A 940 -15.85 -2.37 1.07
CA LEU A 940 -16.43 -3.70 1.17
C LEU A 940 -17.86 -3.62 1.68
N LEU A 941 -18.61 -4.67 1.40
CA LEU A 941 -20.00 -4.81 1.79
C LEU A 941 -20.14 -5.88 2.87
N LEU A 942 -21.06 -5.65 3.80
CA LEU A 942 -21.35 -6.61 4.84
C LEU A 942 -22.86 -6.75 4.97
N ALA A 943 -23.30 -7.92 5.41
CA ALA A 943 -24.71 -8.17 5.66
C ALA A 943 -24.85 -8.73 7.07
N TYR A 944 -25.72 -8.10 7.85
CA TYR A 944 -26.01 -8.57 9.21
C TYR A 944 -27.20 -9.52 9.13
N LYS A 945 -26.96 -10.80 9.42
CA LYS A 945 -28.01 -11.79 9.38
C LYS A 945 -28.69 -11.84 10.75
N PRO A 946 -29.92 -11.33 10.85
CA PRO A 946 -30.59 -11.27 12.17
C PRO A 946 -30.82 -12.64 12.78
N MET A 947 -31.04 -13.67 11.96
CA MET A 947 -31.40 -14.98 12.50
C MET A 947 -30.22 -15.62 13.21
N GLU A 948 -29.00 -15.16 12.96
CA GLU A 948 -27.82 -15.60 13.68
C GLU A 948 -27.21 -14.52 14.54
N GLY A 949 -26.89 -13.36 13.95
CA GLY A 949 -26.26 -12.30 14.69
C GLY A 949 -24.78 -12.15 14.39
N ASN A 950 -24.41 -12.25 13.12
CA ASN A 950 -23.03 -12.05 12.69
C ASN A 950 -23.03 -11.44 11.30
N PHE A 951 -21.91 -10.82 10.94
CA PHE A 951 -21.77 -10.14 9.66
C PHE A 951 -21.06 -11.07 8.68
N GLU A 952 -21.63 -11.20 7.49
CA GLU A 952 -21.02 -11.95 6.40
C GLU A 952 -20.61 -10.97 5.30
N GLU A 953 -19.39 -11.12 4.81
CA GLU A 953 -18.90 -10.24 3.75
C GLU A 953 -19.55 -10.61 2.43
N ILE A 954 -20.14 -9.61 1.77
CA ILE A 954 -20.84 -9.85 0.51
C ILE A 954 -19.88 -9.63 -0.65
N ALA A 955 -19.29 -8.44 -0.73
CA ALA A 955 -18.37 -8.13 -1.80
C ALA A 955 -17.39 -7.07 -1.34
N ARG A 956 -16.28 -6.96 -2.05
CA ARG A 956 -15.22 -6.02 -1.73
C ARG A 956 -14.63 -5.47 -3.02
N ASP A 957 -13.80 -4.44 -2.87
CA ASP A 957 -13.16 -3.80 -4.03
C ASP A 957 -11.93 -3.06 -3.54
N PHE A 958 -10.75 -3.49 -3.99
CA PHE A 958 -9.48 -2.90 -3.58
C PHE A 958 -8.76 -2.37 -4.81
N ASN A 959 -8.88 -1.06 -5.04
CA ASN A 959 -8.17 -0.38 -6.12
C ASN A 959 -7.48 0.84 -5.51
N PRO A 960 -6.28 0.64 -4.94
CA PRO A 960 -5.68 1.67 -4.07
C PRO A 960 -5.66 3.07 -4.66
N ASN A 961 -6.41 3.97 -4.02
CA ASN A 961 -6.50 5.37 -4.43
C ASN A 961 -7.06 6.16 -3.26
N TRP A 962 -6.69 7.44 -3.20
CA TRP A 962 -7.20 8.29 -2.14
C TRP A 962 -8.70 8.48 -2.28
N MET A 963 -9.38 8.64 -1.15
CA MET A 963 -10.83 8.59 -1.11
C MET A 963 -11.32 9.34 0.13
N SER A 964 -12.41 10.08 -0.03
CA SER A 964 -12.82 11.03 1.01
C SER A 964 -14.20 10.79 1.58
N ALA A 965 -15.14 10.23 0.81
CA ALA A 965 -16.49 10.04 1.33
C ALA A 965 -17.17 8.92 0.56
N VAL A 966 -18.23 8.38 1.16
CA VAL A 966 -19.04 7.31 0.59
C VAL A 966 -20.52 7.64 0.77
N GLU A 967 -21.35 6.90 0.05
CA GLU A 967 -22.79 6.96 0.21
C GLU A 967 -23.41 5.79 -0.54
N ILE A 968 -24.60 5.39 -0.10
CA ILE A 968 -25.33 4.28 -0.69
C ILE A 968 -26.50 4.88 -1.45
N LEU A 969 -26.40 4.94 -2.78
CA LEU A 969 -27.49 5.45 -3.59
C LEU A 969 -28.71 4.55 -3.49
N ASP A 970 -28.52 3.25 -3.67
CA ASP A 970 -29.56 2.25 -3.45
C ASP A 970 -28.87 0.94 -3.09
N ASP A 971 -29.64 -0.15 -3.07
CA ASP A 971 -29.11 -1.42 -2.61
C ASP A 971 -28.02 -1.97 -3.53
N ASP A 972 -27.89 -1.45 -4.75
CA ASP A 972 -26.91 -1.97 -5.70
C ASP A 972 -25.79 -0.99 -6.03
N ASN A 973 -26.08 0.30 -6.10
CA ASN A 973 -25.08 1.30 -6.47
C ASN A 973 -24.52 1.97 -5.22
N PHE A 974 -23.21 2.22 -5.24
CA PHE A 974 -22.54 2.93 -4.15
C PHE A 974 -21.70 4.05 -4.74
N LEU A 975 -21.92 5.26 -4.24
CA LEU A 975 -21.25 6.45 -4.74
C LEU A 975 -20.13 6.84 -3.78
N GLY A 976 -19.07 7.43 -4.33
CA GLY A 976 -17.97 7.89 -3.50
C GLY A 976 -17.08 8.84 -4.25
N ALA A 977 -16.17 9.45 -3.51
CA ALA A 977 -15.19 10.36 -4.08
C ALA A 977 -13.84 9.67 -4.19
N GLU A 978 -12.95 10.29 -4.96
CA GLU A 978 -11.65 9.70 -5.26
C GLU A 978 -10.67 10.81 -5.60
N ASN A 979 -9.39 10.46 -5.59
CA ASN A 979 -8.31 11.41 -5.77
C ASN A 979 -8.47 12.19 -7.06
N ALA A 980 -7.88 13.39 -7.08
CA ALA A 980 -8.01 14.34 -8.18
C ALA A 980 -9.47 14.72 -8.40
N PHE A 981 -10.21 14.88 -7.29
CA PHE A 981 -11.56 15.44 -7.31
C PHE A 981 -12.49 14.66 -8.22
N ASN A 982 -12.49 13.34 -8.07
CA ASN A 982 -13.27 12.48 -8.94
C ASN A 982 -14.42 11.84 -8.17
N LEU A 983 -15.43 11.39 -8.92
CA LEU A 983 -16.58 10.68 -8.38
C LEU A 983 -16.65 9.32 -9.05
N PHE A 984 -16.88 8.29 -8.25
CA PHE A 984 -16.99 6.93 -8.76
C PHE A 984 -18.22 6.25 -8.18
N VAL A 985 -18.81 5.38 -9.00
CA VAL A 985 -19.98 4.59 -8.62
C VAL A 985 -19.65 3.13 -8.88
N CYS A 986 -19.64 2.33 -7.81
CA CYS A 986 -19.40 0.90 -7.88
C CYS A 986 -20.72 0.18 -7.67
N GLN A 987 -21.02 -0.78 -8.54
CA GLN A 987 -22.29 -1.48 -8.52
C GLN A 987 -22.07 -2.95 -8.18
N LYS A 988 -22.85 -3.46 -7.25
CA LYS A 988 -22.87 -4.89 -6.94
C LYS A 988 -23.80 -5.56 -7.94
N ASP A 989 -23.21 -6.13 -8.99
CA ASP A 989 -24.02 -6.71 -10.06
C ASP A 989 -24.88 -7.86 -9.55
N SER A 990 -24.29 -8.76 -8.74
CA SER A 990 -24.99 -9.90 -8.15
C SER A 990 -25.57 -10.83 -9.21
N ALA A 991 -26.14 -11.95 -8.77
CA ALA A 991 -26.77 -12.94 -9.64
C ALA A 991 -25.80 -13.45 -10.72
N ALA A 992 -24.50 -13.36 -10.44
CA ALA A 992 -23.50 -13.77 -11.41
C ALA A 992 -23.36 -15.30 -11.42
N THR A 993 -22.80 -15.80 -12.52
CA THR A 993 -22.60 -17.24 -12.66
C THR A 993 -21.61 -17.78 -11.64
N THR A 994 -20.55 -17.05 -11.36
CA THR A 994 -19.47 -17.50 -10.51
C THR A 994 -19.52 -16.80 -9.15
N ASP A 995 -19.20 -17.56 -8.10
CA ASP A 995 -19.19 -17.01 -6.75
C ASP A 995 -18.15 -15.89 -6.61
N GLU A 996 -16.93 -16.16 -7.07
CA GLU A 996 -15.88 -15.14 -6.94
C GLU A 996 -16.16 -13.92 -7.80
N GLU A 997 -16.93 -14.08 -8.88
CA GLU A 997 -17.32 -12.92 -9.68
C GLU A 997 -18.35 -12.07 -8.95
N ARG A 998 -19.35 -12.69 -8.33
CA ARG A 998 -20.35 -11.95 -7.58
C ARG A 998 -19.83 -11.47 -6.23
N GLN A 999 -18.64 -11.92 -5.81
CA GLN A 999 -18.01 -11.43 -4.59
C GLN A 999 -17.17 -10.17 -4.83
N HIS A 1000 -17.18 -9.63 -6.05
CA HIS A 1000 -16.35 -8.49 -6.40
C HIS A 1000 -17.22 -7.41 -7.02
N LEU A 1001 -17.11 -6.19 -6.48
CA LEU A 1001 -17.94 -5.07 -6.94
C LEU A 1001 -17.38 -4.51 -8.23
N GLN A 1002 -18.23 -4.40 -9.25
CA GLN A 1002 -17.82 -3.90 -10.55
C GLN A 1002 -17.98 -2.39 -10.59
N GLU A 1003 -16.86 -1.68 -10.76
CA GLU A 1003 -16.92 -0.24 -10.94
C GLU A 1003 -17.62 0.09 -12.25
N VAL A 1004 -18.53 1.06 -12.20
CA VAL A 1004 -19.35 1.42 -13.36
C VAL A 1004 -19.17 2.88 -13.74
N GLY A 1005 -19.38 3.79 -12.80
CA GLY A 1005 -19.41 5.22 -13.10
C GLY A 1005 -18.14 5.93 -12.68
N LEU A 1006 -17.64 6.77 -13.58
CA LEU A 1006 -16.48 7.61 -13.31
C LEU A 1006 -16.75 9.00 -13.87
N PHE A 1007 -16.42 10.03 -13.09
CA PHE A 1007 -16.76 11.40 -13.48
C PHE A 1007 -15.85 12.37 -12.75
N HIS A 1008 -15.05 13.13 -13.49
CA HIS A 1008 -14.18 14.13 -12.89
C HIS A 1008 -15.02 15.34 -12.51
N LEU A 1009 -15.35 15.45 -11.23
CA LEU A 1009 -16.19 16.54 -10.77
C LEU A 1009 -15.42 17.86 -10.67
N GLY A 1010 -14.14 17.80 -10.35
CA GLY A 1010 -13.36 19.00 -10.16
C GLY A 1010 -13.42 19.59 -8.77
N GLU A 1011 -14.06 18.92 -7.82
CA GLU A 1011 -14.15 19.39 -6.45
C GLU A 1011 -13.85 18.26 -5.49
N PHE A 1012 -13.27 18.61 -4.35
CA PHE A 1012 -12.93 17.64 -3.31
C PHE A 1012 -14.17 17.41 -2.46
N VAL A 1013 -14.94 16.37 -2.82
CA VAL A 1013 -16.15 16.06 -2.08
C VAL A 1013 -15.80 15.65 -0.66
N ASN A 1014 -16.47 16.27 0.31
CA ASN A 1014 -16.15 16.07 1.71
C ASN A 1014 -17.23 15.31 2.47
N VAL A 1015 -18.50 15.51 2.15
CA VAL A 1015 -19.57 14.85 2.91
C VAL A 1015 -20.75 14.60 2.00
N PHE A 1016 -21.43 13.47 2.21
CA PHE A 1016 -22.66 13.12 1.53
C PHE A 1016 -23.82 13.12 2.52
N CYS A 1017 -25.01 13.42 2.01
CA CYS A 1017 -26.20 13.47 2.86
C CYS A 1017 -27.44 13.23 1.99
N HIS A 1018 -28.27 12.27 2.40
CA HIS A 1018 -29.51 12.02 1.69
C HIS A 1018 -30.51 13.14 1.93
N GLY A 1019 -31.27 13.49 0.89
CA GLY A 1019 -32.28 14.52 0.97
C GLY A 1019 -32.13 15.56 -0.12
N SER A 1020 -33.17 16.37 -0.26
CA SER A 1020 -33.21 17.43 -1.24
C SER A 1020 -33.68 18.72 -0.60
N LEU A 1021 -33.27 19.84 -1.19
CA LEU A 1021 -33.58 21.17 -0.67
C LEU A 1021 -34.78 21.81 -1.35
N VAL A 1022 -35.43 21.13 -2.29
CA VAL A 1022 -36.45 21.78 -3.10
C VAL A 1022 -37.83 21.70 -2.45
N MET A 1023 -38.34 20.49 -2.25
CA MET A 1023 -39.71 20.28 -1.79
C MET A 1023 -39.86 18.77 -1.60
N GLN A 1024 -41.02 18.31 -1.14
CA GLN A 1024 -41.21 16.88 -0.97
C GLN A 1024 -41.61 16.29 -2.33
N ASN A 1025 -41.97 15.00 -2.35
CA ASN A 1025 -42.39 14.36 -3.58
C ASN A 1025 -43.60 15.07 -4.19
N LEU A 1026 -43.41 15.70 -5.34
CA LEU A 1026 -44.46 16.46 -6.01
C LEU A 1026 -45.16 15.62 -7.08
N GLY A 1027 -44.41 15.03 -7.99
CA GLY A 1027 -44.96 14.18 -9.01
C GLY A 1027 -45.07 12.72 -8.65
N GLU A 1028 -44.74 12.36 -7.41
CA GLU A 1028 -44.81 10.99 -6.91
C GLU A 1028 -43.93 10.10 -7.79
N THR A 1029 -44.44 9.02 -8.38
CA THR A 1029 -43.63 8.14 -9.20
C THR A 1029 -43.41 8.68 -10.61
N SER A 1030 -44.14 9.73 -11.02
CA SER A 1030 -43.94 10.30 -12.34
C SER A 1030 -42.63 11.06 -12.47
N THR A 1031 -41.91 11.27 -11.37
CA THR A 1031 -40.63 11.95 -11.42
C THR A 1031 -39.59 11.05 -12.09
N PRO A 1032 -38.96 11.48 -13.18
CA PRO A 1032 -37.93 10.64 -13.82
C PRO A 1032 -36.76 10.32 -12.92
N THR A 1033 -36.37 11.24 -12.05
CA THR A 1033 -35.21 11.04 -11.18
C THR A 1033 -35.62 10.24 -9.96
N GLN A 1034 -34.86 9.18 -9.67
CA GLN A 1034 -35.11 8.34 -8.51
C GLN A 1034 -34.06 8.63 -7.45
N GLY A 1035 -34.51 9.03 -6.27
CA GLY A 1035 -33.59 9.35 -5.19
C GLY A 1035 -32.83 10.63 -5.44
N SER A 1036 -32.23 11.19 -4.38
CA SER A 1036 -31.47 12.42 -4.51
C SER A 1036 -30.60 12.60 -3.28
N VAL A 1037 -29.30 12.81 -3.50
CA VAL A 1037 -28.35 13.05 -2.42
C VAL A 1037 -27.65 14.37 -2.70
N LEU A 1038 -27.14 14.98 -1.63
CA LEU A 1038 -26.36 16.20 -1.71
C LEU A 1038 -24.95 15.92 -1.21
N PHE A 1039 -23.98 16.60 -1.80
CA PHE A 1039 -22.60 16.51 -1.33
C PHE A 1039 -22.03 17.90 -1.13
N GLY A 1040 -21.28 18.04 -0.05
CA GLY A 1040 -20.58 19.27 0.28
C GLY A 1040 -19.08 19.05 0.15
N THR A 1041 -18.40 20.05 -0.40
CA THR A 1041 -17.00 19.97 -0.76
C THR A 1041 -16.18 20.97 0.04
N VAL A 1042 -14.91 21.11 -0.34
CA VAL A 1042 -14.01 22.02 0.36
C VAL A 1042 -14.14 23.44 -0.18
N ASN A 1043 -14.27 23.59 -1.49
CA ASN A 1043 -14.41 24.93 -2.06
C ASN A 1043 -15.76 25.55 -1.80
N GLY A 1044 -16.74 24.77 -1.33
CA GLY A 1044 -18.03 25.30 -0.97
C GLY A 1044 -19.17 24.89 -1.87
N MET A 1045 -18.93 24.16 -2.95
CA MET A 1045 -20.03 23.70 -3.79
C MET A 1045 -20.86 22.66 -3.04
N ILE A 1046 -22.17 22.75 -3.20
CA ILE A 1046 -23.10 21.77 -2.66
C ILE A 1046 -23.83 21.18 -3.86
N GLY A 1047 -23.33 20.05 -4.36
CA GLY A 1047 -23.92 19.43 -5.53
C GLY A 1047 -24.97 18.40 -5.19
N LEU A 1048 -25.67 17.94 -6.22
CA LEU A 1048 -26.79 17.02 -6.06
C LEU A 1048 -26.66 15.90 -7.08
N VAL A 1049 -26.84 14.67 -6.61
CA VAL A 1049 -26.71 13.47 -7.44
C VAL A 1049 -28.02 12.70 -7.38
N THR A 1050 -28.53 12.33 -8.55
CA THR A 1050 -29.76 11.56 -8.69
C THR A 1050 -29.52 10.40 -9.65
N SER A 1051 -30.48 9.49 -9.69
CA SER A 1051 -30.44 8.35 -10.60
C SER A 1051 -31.53 8.49 -11.65
N LEU A 1052 -31.22 8.08 -12.87
CA LEU A 1052 -32.12 8.21 -14.01
C LEU A 1052 -32.41 6.85 -14.61
N SER A 1053 -33.22 6.85 -15.68
CA SER A 1053 -33.54 5.66 -16.44
C SER A 1053 -32.65 5.56 -17.67
N GLU A 1054 -32.66 4.38 -18.29
CA GLU A 1054 -31.78 4.14 -19.43
C GLU A 1054 -32.13 5.05 -20.60
N SER A 1055 -33.41 5.18 -20.92
CA SER A 1055 -33.82 6.01 -22.05
C SER A 1055 -33.44 7.47 -21.82
N TRP A 1056 -33.70 7.97 -20.61
CA TRP A 1056 -33.33 9.35 -20.30
C TRP A 1056 -31.82 9.53 -20.31
N TYR A 1057 -31.07 8.52 -19.84
CA TYR A 1057 -29.62 8.61 -19.88
C TYR A 1057 -29.11 8.71 -21.32
N ASN A 1058 -29.64 7.87 -22.21
CA ASN A 1058 -29.20 7.93 -23.60
C ASN A 1058 -29.57 9.26 -24.25
N LEU A 1059 -30.80 9.73 -24.00
CA LEU A 1059 -31.22 11.00 -24.58
C LEU A 1059 -30.36 12.15 -24.09
N LEU A 1060 -30.07 12.18 -22.78
CA LEU A 1060 -29.26 13.26 -22.23
C LEU A 1060 -27.81 13.16 -22.66
N LEU A 1061 -27.31 11.94 -22.90
CA LEU A 1061 -25.94 11.82 -23.39
C LEU A 1061 -25.82 12.31 -24.83
N ASP A 1062 -26.83 12.01 -25.66
CA ASP A 1062 -26.86 12.56 -27.01
C ASP A 1062 -26.95 14.09 -26.95
N MET A 1063 -27.80 14.60 -26.06
CA MET A 1063 -27.88 16.05 -25.85
C MET A 1063 -26.53 16.62 -25.46
N GLN A 1064 -25.82 15.94 -24.56
CA GLN A 1064 -24.51 16.41 -24.11
C GLN A 1064 -23.52 16.46 -25.26
N ASN A 1065 -23.49 15.41 -26.09
CA ASN A 1065 -22.57 15.39 -27.22
C ASN A 1065 -22.88 16.53 -28.20
N ARG A 1066 -24.15 16.70 -28.54
CA ARG A 1066 -24.50 17.75 -29.49
C ARG A 1066 -24.26 19.14 -28.90
N LEU A 1067 -24.52 19.32 -27.61
CA LEU A 1067 -24.23 20.59 -26.97
C LEU A 1067 -22.75 20.90 -27.01
N ASN A 1068 -21.90 19.91 -26.69
CA ASN A 1068 -20.47 20.10 -26.82
C ASN A 1068 -20.09 20.46 -28.25
N LYS A 1069 -20.78 19.87 -29.23
CA LYS A 1069 -20.50 20.22 -30.62
C LYS A 1069 -20.85 21.68 -30.91
N VAL A 1070 -21.96 22.17 -30.37
CA VAL A 1070 -22.44 23.51 -30.72
C VAL A 1070 -21.93 24.58 -29.76
N ILE A 1071 -21.87 24.29 -28.45
CA ILE A 1071 -21.50 25.32 -27.49
C ILE A 1071 -20.00 25.60 -27.60
N LYS A 1072 -19.62 26.83 -27.28
CA LYS A 1072 -18.22 27.24 -27.26
C LYS A 1072 -17.82 27.51 -25.82
N SER A 1073 -16.81 26.80 -25.34
CA SER A 1073 -16.32 26.99 -23.98
C SER A 1073 -15.40 28.20 -23.94
N VAL A 1074 -14.72 28.39 -22.82
CA VAL A 1074 -13.73 29.45 -22.65
C VAL A 1074 -12.36 28.80 -22.61
N GLY A 1075 -11.47 29.25 -23.48
CA GLY A 1075 -10.19 28.61 -23.68
C GLY A 1075 -10.20 27.47 -24.67
N LYS A 1076 -11.33 27.25 -25.36
CA LYS A 1076 -11.46 26.20 -26.36
C LYS A 1076 -11.08 24.84 -25.77
N ILE A 1077 -11.60 24.56 -24.58
CA ILE A 1077 -11.31 23.33 -23.85
C ILE A 1077 -12.46 22.36 -24.06
N GLU A 1078 -12.14 21.15 -24.51
CA GLU A 1078 -13.16 20.15 -24.76
C GLU A 1078 -13.79 19.69 -23.45
N HIS A 1079 -15.13 19.66 -23.42
CA HIS A 1079 -15.83 19.26 -22.20
C HIS A 1079 -15.60 17.78 -21.89
N SER A 1080 -15.49 16.94 -22.92
CA SER A 1080 -15.23 15.53 -22.69
C SER A 1080 -13.89 15.31 -21.99
N PHE A 1081 -12.87 16.06 -22.40
CA PHE A 1081 -11.58 15.97 -21.71
C PHE A 1081 -11.68 16.50 -20.29
N TRP A 1082 -12.41 17.59 -20.08
CA TRP A 1082 -12.52 18.18 -18.75
C TRP A 1082 -13.21 17.22 -17.78
N ARG A 1083 -14.28 16.57 -18.22
CA ARG A 1083 -15.02 15.67 -17.34
C ARG A 1083 -14.43 14.27 -17.28
N SER A 1084 -13.37 13.99 -18.04
CA SER A 1084 -12.80 12.65 -18.04
C SER A 1084 -12.15 12.34 -16.70
N PHE A 1085 -12.40 11.14 -16.18
CA PHE A 1085 -11.84 10.69 -14.91
C PHE A 1085 -10.32 10.73 -14.97
N HIS A 1086 -9.71 11.62 -14.20
CA HIS A 1086 -8.27 11.87 -14.29
C HIS A 1086 -7.59 11.45 -13.00
N THR A 1087 -6.47 10.75 -13.14
CA THR A 1087 -5.59 10.42 -12.03
C THR A 1087 -4.23 10.05 -12.60
N GLU A 1088 -3.32 9.62 -11.73
CA GLU A 1088 -1.98 9.27 -12.17
C GLU A 1088 -1.94 7.92 -12.88
N ARG A 1089 -2.81 6.99 -12.49
CA ARG A 1089 -2.82 5.67 -13.12
C ARG A 1089 -3.19 5.78 -14.60
N LYS A 1090 -4.29 6.45 -14.90
CA LYS A 1090 -4.80 6.54 -16.26
C LYS A 1090 -5.83 7.67 -16.31
N THR A 1091 -6.44 7.83 -17.48
CA THR A 1091 -7.47 8.86 -17.68
C THR A 1091 -8.58 8.24 -18.53
N GLU A 1092 -9.58 7.66 -17.87
CA GLU A 1092 -10.66 7.12 -18.68
C GLU A 1092 -11.72 8.19 -18.92
N PRO A 1093 -12.38 8.17 -20.08
CA PRO A 1093 -13.48 9.11 -20.32
C PRO A 1093 -14.63 8.87 -19.35
N ALA A 1094 -15.36 9.94 -19.06
CA ALA A 1094 -16.44 9.87 -18.08
C ALA A 1094 -17.58 8.99 -18.58
N THR A 1095 -18.02 8.06 -17.75
CA THR A 1095 -19.13 7.17 -18.07
C THR A 1095 -20.09 7.12 -16.89
N GLY A 1096 -21.38 6.99 -17.20
CA GLY A 1096 -22.39 6.83 -16.18
C GLY A 1096 -22.84 8.10 -15.49
N PHE A 1097 -22.34 9.26 -15.90
CA PHE A 1097 -22.72 10.52 -15.29
C PHE A 1097 -23.10 11.53 -16.37
N ILE A 1098 -24.06 12.38 -16.04
CA ILE A 1098 -24.53 13.44 -16.93
C ILE A 1098 -24.16 14.77 -16.28
N ASP A 1099 -23.43 15.60 -17.01
CA ASP A 1099 -23.03 16.92 -16.51
C ASP A 1099 -24.26 17.82 -16.49
N GLY A 1100 -24.89 17.92 -15.33
CA GLY A 1100 -26.13 18.69 -15.23
C GLY A 1100 -25.94 20.15 -15.56
N ASP A 1101 -24.74 20.68 -15.35
CA ASP A 1101 -24.50 22.09 -15.67
C ASP A 1101 -24.66 22.34 -17.16
N LEU A 1102 -24.16 21.43 -18.00
CA LEU A 1102 -24.31 21.58 -19.44
C LEU A 1102 -25.78 21.55 -19.87
N ILE A 1103 -26.54 20.60 -19.32
CA ILE A 1103 -27.95 20.49 -19.68
C ILE A 1103 -28.71 21.74 -19.24
N GLU A 1104 -28.41 22.24 -18.04
CA GLU A 1104 -29.06 23.46 -17.57
C GLU A 1104 -28.64 24.67 -18.40
N SER A 1105 -27.41 24.69 -18.90
CA SER A 1105 -26.96 25.79 -19.74
C SER A 1105 -27.53 25.69 -21.15
N PHE A 1106 -28.03 24.52 -21.54
CA PHE A 1106 -28.64 24.37 -22.86
C PHE A 1106 -29.75 25.40 -23.08
N LEU A 1107 -30.55 25.67 -22.06
CA LEU A 1107 -31.62 26.67 -22.20
C LEU A 1107 -31.09 28.09 -22.23
N ASP A 1108 -29.81 28.31 -21.92
CA ASP A 1108 -29.25 29.64 -21.82
C ASP A 1108 -28.67 30.14 -23.15
N ILE A 1109 -28.82 29.39 -24.23
CA ILE A 1109 -28.30 29.79 -25.53
C ILE A 1109 -29.46 30.28 -26.39
N SER A 1110 -29.11 30.84 -27.55
CA SER A 1110 -30.12 31.42 -28.43
C SER A 1110 -30.94 30.33 -29.12
N ARG A 1111 -32.14 30.73 -29.55
CA ARG A 1111 -33.02 29.79 -30.25
C ARG A 1111 -32.39 29.17 -31.49
N PRO A 1112 -31.66 29.91 -32.34
CA PRO A 1112 -30.98 29.23 -33.46
C PRO A 1112 -30.04 28.12 -33.00
N LYS A 1113 -29.37 28.31 -31.86
CA LYS A 1113 -28.54 27.24 -31.32
C LYS A 1113 -29.37 26.04 -30.92
N MET A 1114 -30.55 26.27 -30.32
CA MET A 1114 -31.44 25.16 -30.00
C MET A 1114 -31.87 24.43 -31.26
N GLN A 1115 -32.18 25.16 -32.33
CA GLN A 1115 -32.54 24.50 -33.59
C GLN A 1115 -31.37 23.70 -34.13
N GLU A 1116 -30.15 24.24 -34.04
CA GLU A 1116 -28.99 23.54 -34.55
C GLU A 1116 -28.65 22.30 -33.73
N VAL A 1117 -29.01 22.29 -32.44
CA VAL A 1117 -28.68 21.17 -31.57
C VAL A 1117 -29.74 20.06 -31.62
N VAL A 1118 -30.88 20.30 -32.26
CA VAL A 1118 -31.95 19.32 -32.35
C VAL A 1118 -32.08 18.75 -33.75
N ALA A 1119 -31.09 18.99 -34.61
CA ALA A 1119 -31.13 18.49 -35.98
C ALA A 1119 -31.09 16.97 -35.98
N ASN A 1120 -32.18 16.34 -36.40
CA ASN A 1120 -32.32 14.89 -36.49
C ASN A 1120 -32.14 14.18 -35.16
N LEU A 1121 -32.60 14.79 -34.06
CA LEU A 1121 -32.58 14.10 -32.77
C LEU A 1121 -33.53 12.92 -32.75
N GLN A 1122 -34.73 13.09 -33.29
CA GLN A 1122 -35.86 12.18 -33.06
C GLN A 1122 -36.09 12.16 -31.55
N TYR A 1123 -36.25 11.01 -30.91
CA TYR A 1123 -36.37 10.89 -29.45
C TYR A 1123 -37.58 11.72 -29.03
N ASP A 1124 -37.40 12.76 -28.20
CA ASP A 1124 -38.40 13.80 -27.92
C ASP A 1124 -39.55 13.20 -27.11
N ASP A 1125 -40.81 13.41 -27.50
CA ASP A 1125 -41.92 13.21 -26.58
C ASP A 1125 -42.19 11.72 -26.37
N GLY A 1126 -42.35 11.36 -25.10
CA GLY A 1126 -42.67 9.99 -24.72
C GLY A 1126 -41.63 8.97 -25.10
N SER A 1127 -40.52 9.39 -25.71
CA SER A 1127 -39.49 8.48 -26.21
C SER A 1127 -40.12 7.42 -27.12
N GLY A 1128 -41.06 7.84 -27.97
CA GLY A 1128 -41.84 6.92 -28.77
C GLY A 1128 -41.73 7.22 -30.26
N MET A 1129 -41.77 6.15 -31.06
CA MET A 1129 -41.74 6.21 -32.52
C MET A 1129 -40.66 7.13 -33.08
N LYS A 1130 -39.62 7.41 -32.28
CA LYS A 1130 -38.53 8.29 -32.69
C LYS A 1130 -39.04 9.55 -33.36
N ARG A 1131 -40.06 10.19 -32.77
CA ARG A 1131 -40.63 11.39 -33.37
C ARG A 1131 -39.64 12.56 -33.25
N GLU A 1132 -39.62 13.40 -34.28
CA GLU A 1132 -38.61 14.44 -34.39
C GLU A 1132 -38.71 15.42 -33.21
N ALA A 1133 -37.55 15.97 -32.84
CA ALA A 1133 -37.42 16.81 -31.66
C ALA A 1133 -37.67 18.28 -32.00
N THR A 1134 -37.99 19.05 -30.96
CA THR A 1134 -38.25 20.47 -31.09
C THR A 1134 -38.01 21.13 -29.74
N ALA A 1135 -37.91 22.46 -29.77
CA ALA A 1135 -37.68 23.22 -28.54
C ALA A 1135 -38.99 23.46 -27.80
N ASP A 1136 -39.75 22.40 -27.59
CA ASP A 1136 -40.97 22.44 -26.79
C ASP A 1136 -40.97 21.38 -25.69
N ASP A 1137 -40.44 20.19 -25.97
CA ASP A 1137 -40.24 19.14 -24.98
C ASP A 1137 -38.82 19.08 -24.46
N LEU A 1138 -37.83 19.36 -25.31
CA LEU A 1138 -36.47 19.50 -24.82
C LEU A 1138 -36.38 20.67 -23.84
N ILE A 1139 -37.00 21.80 -24.19
CA ILE A 1139 -37.15 22.87 -23.21
C ILE A 1139 -37.92 22.37 -22.00
N LYS A 1140 -38.96 21.57 -22.24
CA LYS A 1140 -39.76 21.04 -21.13
C LYS A 1140 -38.94 20.12 -20.24
N VAL A 1141 -38.18 19.20 -20.84
CA VAL A 1141 -37.40 18.26 -20.03
C VAL A 1141 -36.30 19.01 -19.28
N VAL A 1142 -35.69 20.01 -19.90
CA VAL A 1142 -34.64 20.77 -19.24
C VAL A 1142 -35.21 21.56 -18.07
N GLU A 1143 -36.34 22.23 -18.27
CA GLU A 1143 -36.93 23.01 -17.19
C GLU A 1143 -37.52 22.12 -16.11
N GLU A 1144 -37.83 20.86 -16.42
CA GLU A 1144 -38.24 19.94 -15.37
C GLU A 1144 -37.04 19.44 -14.59
N LEU A 1145 -35.92 19.21 -15.27
CA LEU A 1145 -34.71 18.79 -14.57
C LEU A 1145 -34.15 19.90 -13.69
N THR A 1146 -34.34 21.15 -14.08
CA THR A 1146 -33.81 22.22 -13.24
C THR A 1146 -34.63 22.46 -11.97
N ARG A 1147 -35.65 21.65 -11.68
CA ARG A 1147 -36.41 21.78 -10.45
C ARG A 1147 -35.95 20.82 -9.35
N ILE A 1148 -35.20 19.77 -9.70
CA ILE A 1148 -34.78 18.79 -8.70
C ILE A 1148 -33.84 19.43 -7.70
N HIS A 1149 -33.17 20.51 -8.08
CA HIS A 1149 -32.24 21.19 -7.20
C HIS A 1149 -32.72 22.60 -6.87
N PRO B 53 25.23 -9.32 24.99
CA PRO B 53 24.51 -9.91 23.86
C PRO B 53 24.44 -8.98 22.66
N ASN B 54 24.53 -7.67 22.91
CA ASN B 54 24.42 -6.67 21.86
C ASN B 54 25.77 -6.17 21.37
N ILE B 55 26.86 -6.82 21.78
CA ILE B 55 28.18 -6.43 21.32
C ILE B 55 28.29 -6.68 19.83
N ILE B 56 28.88 -5.71 19.12
CA ILE B 56 28.91 -5.71 17.66
C ILE B 56 30.28 -6.23 17.21
N ASN B 57 30.28 -7.26 16.36
CA ASN B 57 31.52 -7.76 15.78
C ASN B 57 31.23 -8.50 14.48
N PHE B 58 32.26 -8.55 13.63
CA PHE B 58 32.27 -9.20 12.32
C PHE B 58 31.39 -8.36 11.41
N ASP B 59 31.63 -8.38 10.10
CA ASP B 59 30.96 -7.46 9.19
C ASP B 59 29.80 -8.15 8.51
N THR B 60 28.65 -7.47 8.50
CA THR B 60 27.44 -8.01 7.89
C THR B 60 27.53 -8.17 6.38
N SER B 61 28.57 -7.61 5.76
CA SER B 61 28.71 -7.71 4.30
C SER B 61 28.94 -9.14 3.84
N LEU B 62 29.64 -9.94 4.64
CA LEU B 62 30.04 -11.28 4.20
C LEU B 62 28.86 -12.20 3.89
N PRO B 63 27.84 -12.33 4.74
CA PRO B 63 26.73 -13.23 4.38
C PRO B 63 26.03 -12.85 3.09
N THR B 64 25.91 -11.56 2.80
CA THR B 64 25.29 -11.12 1.55
C THR B 64 26.12 -11.50 0.33
N SER B 65 27.44 -11.66 0.49
CA SER B 65 28.30 -11.99 -0.63
C SER B 65 28.06 -13.40 -1.15
N HIS B 66 27.49 -14.29 -0.33
CA HIS B 66 27.27 -15.69 -0.69
C HIS B 66 28.59 -16.35 -1.10
N THR B 67 29.54 -16.35 -0.17
CA THR B 67 30.86 -16.91 -0.41
C THR B 67 30.74 -18.43 -0.41
N TYR B 68 30.29 -18.96 -1.54
CA TYR B 68 30.09 -20.39 -1.72
C TYR B 68 31.09 -21.01 -2.68
N LEU B 69 31.59 -20.24 -3.65
CA LEU B 69 32.64 -20.72 -4.55
C LEU B 69 33.69 -19.65 -4.83
N GLY B 70 33.65 -18.52 -4.14
CA GLY B 70 34.68 -17.51 -4.30
C GLY B 70 34.21 -16.23 -4.96
N ALA B 71 34.62 -16.00 -6.20
CA ALA B 71 34.38 -14.74 -6.89
C ALA B 71 34.23 -15.04 -8.38
N ASP B 72 34.40 -14.01 -9.21
CA ASP B 72 34.29 -14.11 -10.66
C ASP B 72 32.85 -14.44 -11.08
N MET B 73 31.93 -13.66 -10.53
CA MET B 73 30.52 -13.76 -10.89
C MET B 73 30.29 -13.06 -12.23
N GLU B 74 29.10 -13.27 -12.80
CA GLU B 74 28.76 -12.60 -14.05
C GLU B 74 28.78 -11.09 -13.86
N GLU B 75 28.04 -10.60 -12.87
CA GLU B 75 28.13 -9.21 -12.41
C GLU B 75 27.94 -8.22 -13.56
N PHE B 76 26.85 -8.40 -14.31
CA PHE B 76 26.58 -7.54 -15.45
C PHE B 76 25.94 -6.21 -15.03
N HIS B 77 25.17 -6.24 -13.94
CA HIS B 77 24.37 -5.10 -13.44
C HIS B 77 23.62 -4.38 -14.57
N GLY B 78 23.27 -5.11 -15.62
CA GLY B 78 22.55 -4.49 -16.72
C GLY B 78 21.07 -4.32 -16.48
N ARG B 79 20.48 -5.19 -15.64
CA ARG B 79 19.08 -5.11 -15.27
C ARG B 79 18.16 -5.25 -16.48
N THR B 80 16.84 -5.26 -16.24
CA THR B 80 15.86 -5.36 -17.30
C THR B 80 14.54 -4.84 -16.77
N LEU B 81 13.82 -4.10 -17.61
CA LEU B 81 12.50 -3.57 -17.26
C LEU B 81 11.48 -4.08 -18.26
N HIS B 82 10.30 -4.45 -17.76
CA HIS B 82 9.21 -4.97 -18.58
C HIS B 82 8.01 -4.05 -18.47
N ASP B 83 7.29 -3.91 -19.58
CA ASP B 83 6.10 -3.06 -19.58
C ASP B 83 5.04 -3.64 -18.64
N ASP B 84 4.48 -2.79 -17.80
CA ASP B 84 3.50 -3.24 -16.83
C ASP B 84 2.17 -3.55 -17.53
N ASP B 85 1.39 -4.44 -16.89
CA ASP B 85 0.07 -4.85 -17.36
C ASP B 85 0.15 -5.62 -18.67
N SER B 86 1.37 -5.86 -19.17
CA SER B 86 1.55 -6.60 -20.39
C SER B 86 1.43 -8.10 -20.13
N CYS B 87 1.54 -8.89 -21.20
CA CYS B 87 1.42 -10.34 -21.11
C CYS B 87 2.67 -10.95 -21.73
N GLN B 88 3.55 -11.49 -20.90
CA GLN B 88 4.80 -12.06 -21.37
C GLN B 88 4.84 -13.56 -21.11
N VAL B 89 5.38 -14.30 -22.07
CA VAL B 89 5.74 -15.71 -21.87
C VAL B 89 7.10 -15.74 -21.19
N ILE B 90 7.22 -16.57 -20.16
CA ILE B 90 8.43 -16.60 -19.34
C ILE B 90 8.64 -18.00 -18.81
N PRO B 91 9.86 -18.53 -18.87
CA PRO B 91 10.10 -19.89 -18.38
C PRO B 91 10.04 -19.98 -16.87
N VAL B 92 9.41 -21.04 -16.39
CA VAL B 92 9.28 -21.30 -14.95
C VAL B 92 10.28 -22.37 -14.56
N LEU B 93 11.19 -22.02 -13.66
CA LEU B 93 12.19 -22.97 -13.19
C LEU B 93 11.56 -23.87 -12.12
N PRO B 94 11.57 -25.18 -12.30
CA PRO B 94 10.88 -26.07 -11.35
C PRO B 94 11.76 -26.45 -10.17
N GLN B 95 11.13 -27.07 -9.17
CA GLN B 95 11.80 -27.56 -7.97
C GLN B 95 12.50 -26.44 -7.21
N VAL B 96 11.91 -25.25 -7.22
CA VAL B 96 12.47 -24.09 -6.53
C VAL B 96 11.42 -23.54 -5.57
N MET B 97 10.59 -24.42 -5.02
CA MET B 97 9.43 -24.02 -4.24
C MET B 97 9.81 -23.06 -3.13
N MET B 98 9.38 -21.81 -3.26
CA MET B 98 9.64 -20.73 -2.32
C MET B 98 8.96 -19.47 -2.83
N ILE B 99 8.67 -18.53 -1.93
CA ILE B 99 8.04 -17.27 -2.31
C ILE B 99 9.14 -16.22 -2.42
N LEU B 100 9.38 -15.76 -3.64
CA LEU B 100 10.39 -14.73 -3.91
C LEU B 100 9.71 -13.39 -4.09
N ILE B 101 10.25 -12.36 -3.44
CA ILE B 101 9.70 -11.01 -3.53
C ILE B 101 10.75 -10.10 -4.14
N PRO B 102 10.36 -9.03 -4.83
CA PRO B 102 11.35 -8.20 -5.54
C PRO B 102 12.39 -7.62 -4.59
N GLY B 103 13.60 -7.47 -5.12
CA GLY B 103 14.74 -7.01 -4.36
C GLY B 103 15.49 -8.10 -3.63
N GLN B 104 14.82 -9.20 -3.29
CA GLN B 104 15.47 -10.31 -2.61
C GLN B 104 16.42 -11.03 -3.57
N THR B 105 17.57 -11.44 -3.05
CA THR B 105 18.57 -12.16 -3.82
C THR B 105 18.43 -13.65 -3.54
N LEU B 106 18.34 -14.45 -4.61
CA LEU B 106 18.09 -15.88 -4.50
C LEU B 106 19.28 -16.66 -5.06
N PRO B 107 20.00 -17.42 -4.25
CA PRO B 107 21.02 -18.32 -4.80
C PRO B 107 20.38 -19.61 -5.29
N LEU B 108 21.02 -20.22 -6.29
CA LEU B 108 20.47 -21.41 -6.89
C LEU B 108 21.58 -22.37 -7.30
N GLN B 109 21.33 -23.66 -7.10
CA GLN B 109 22.20 -24.72 -7.58
C GLN B 109 21.35 -25.69 -8.39
N LEU B 110 21.82 -26.03 -9.59
CA LEU B 110 21.05 -26.82 -10.53
C LEU B 110 21.81 -28.09 -10.89
N PHE B 111 21.09 -29.22 -10.92
CA PHE B 111 21.65 -30.50 -11.31
C PHE B 111 20.92 -31.16 -12.47
N HIS B 112 19.64 -30.86 -12.65
CA HIS B 112 18.85 -31.49 -13.70
C HIS B 112 19.35 -31.01 -15.07
N PRO B 113 19.57 -31.92 -16.03
CA PRO B 113 20.01 -31.47 -17.36
C PRO B 113 19.03 -30.52 -18.02
N GLN B 114 17.72 -30.72 -17.81
CA GLN B 114 16.73 -29.78 -18.32
C GLN B 114 16.95 -28.40 -17.72
N GLU B 115 17.26 -28.35 -16.43
CA GLU B 115 17.46 -27.05 -15.79
C GLU B 115 18.74 -26.37 -16.25
N VAL B 116 19.79 -27.14 -16.54
CA VAL B 116 21.00 -26.50 -17.04
C VAL B 116 20.81 -26.03 -18.48
N SER B 117 20.03 -26.76 -19.27
CA SER B 117 19.64 -26.26 -20.59
C SER B 117 18.84 -24.97 -20.45
N MET B 118 17.95 -24.93 -19.46
CA MET B 118 17.23 -23.69 -19.15
C MET B 118 18.19 -22.56 -18.80
N VAL B 119 19.21 -22.86 -18.00
CA VAL B 119 20.19 -21.84 -17.60
C VAL B 119 20.89 -21.27 -18.81
N ARG B 120 21.34 -22.15 -19.71
CA ARG B 120 21.98 -21.68 -20.94
C ARG B 120 21.02 -20.84 -21.77
N ASN B 121 19.78 -21.33 -21.94
CA ASN B 121 18.81 -20.61 -22.74
C ASN B 121 18.59 -19.20 -22.20
N LEU B 122 18.49 -19.07 -20.88
CA LEU B 122 18.41 -17.74 -20.29
C LEU B 122 19.70 -16.95 -20.53
N ILE B 123 20.85 -17.61 -20.45
CA ILE B 123 22.12 -16.89 -20.49
C ILE B 123 22.32 -16.24 -21.85
N GLN B 124 21.74 -16.82 -22.92
CA GLN B 124 21.73 -16.06 -24.17
C GLN B 124 20.57 -15.06 -24.20
N LYS B 125 19.47 -15.39 -23.53
CA LYS B 125 18.31 -14.50 -23.53
C LYS B 125 18.47 -13.39 -22.50
N ASP B 126 17.35 -12.70 -22.23
CA ASP B 126 17.34 -11.66 -21.21
C ASP B 126 17.42 -12.26 -19.80
N ARG B 127 17.35 -13.58 -19.69
CA ARG B 127 17.58 -14.36 -18.47
C ARG B 127 16.65 -14.00 -17.33
N THR B 128 15.45 -13.50 -17.62
CA THR B 128 14.45 -13.32 -16.58
C THR B 128 13.50 -14.52 -16.59
N PHE B 129 13.44 -15.24 -15.46
CA PHE B 129 12.63 -16.44 -15.35
C PHE B 129 11.67 -16.32 -14.17
N ALA B 130 10.52 -16.96 -14.31
CA ALA B 130 9.46 -16.86 -13.32
C ALA B 130 9.74 -17.75 -12.11
N VAL B 131 9.22 -17.34 -10.97
CA VAL B 131 9.25 -18.13 -9.74
C VAL B 131 7.86 -18.01 -9.13
N LEU B 132 7.05 -19.05 -9.31
CA LEU B 132 5.66 -18.98 -8.89
C LEU B 132 5.55 -19.04 -7.36
N ALA B 133 4.50 -18.42 -6.85
CA ALA B 133 4.18 -18.43 -5.43
C ALA B 133 3.08 -19.48 -5.22
N TYR B 134 3.49 -20.72 -5.02
CA TYR B 134 2.56 -21.83 -4.90
C TYR B 134 1.74 -21.69 -3.62
N SER B 135 0.47 -21.30 -3.77
CA SER B 135 -0.40 -21.20 -2.61
C SER B 135 -0.59 -22.57 -1.95
N ASN B 136 -0.80 -23.60 -2.76
CA ASN B 136 -0.82 -24.98 -2.28
C ASN B 136 0.17 -25.79 -3.10
N VAL B 137 0.86 -26.71 -2.43
CA VAL B 137 1.96 -27.45 -3.02
C VAL B 137 1.39 -28.66 -3.75
N GLN B 138 0.07 -28.85 -3.65
CA GLN B 138 -0.61 -30.06 -4.12
C GLN B 138 -0.15 -30.48 -5.51
N GLU B 139 -0.40 -29.66 -6.53
CA GLU B 139 0.38 -29.76 -7.76
C GLU B 139 1.13 -28.45 -8.02
N ARG B 140 0.43 -27.35 -8.26
CA ARG B 140 1.02 -26.00 -8.30
C ARG B 140 0.22 -24.97 -7.54
N GLU B 141 -1.11 -24.97 -7.67
CA GLU B 141 -2.00 -23.93 -7.14
C GLU B 141 -1.36 -22.55 -7.23
N ALA B 142 -1.00 -22.16 -8.45
CA ALA B 142 -0.25 -20.94 -8.70
C ALA B 142 -1.13 -19.91 -9.39
N GLN B 143 -1.19 -18.72 -8.81
CA GLN B 143 -1.88 -17.58 -9.41
C GLN B 143 -0.99 -16.35 -9.53
N PHE B 144 0.00 -16.18 -8.67
CA PHE B 144 0.92 -15.06 -8.75
C PHE B 144 2.35 -15.57 -8.55
N GLY B 145 3.31 -14.82 -9.10
CA GLY B 145 4.71 -15.16 -8.95
C GLY B 145 5.60 -13.94 -8.96
N THR B 146 6.87 -14.12 -9.32
CA THR B 146 7.81 -13.01 -9.35
C THR B 146 8.92 -13.34 -10.32
N THR B 147 9.10 -12.49 -11.33
CA THR B 147 10.22 -12.65 -12.24
C THR B 147 11.53 -12.41 -11.50
N ALA B 148 12.56 -13.16 -11.87
CA ALA B 148 13.89 -12.99 -11.32
C ALA B 148 14.90 -12.98 -12.46
N GLU B 149 15.81 -12.02 -12.41
CA GLU B 149 16.83 -11.85 -13.43
C GLU B 149 18.18 -12.30 -12.87
N ILE B 150 19.00 -12.88 -13.74
CA ILE B 150 20.31 -13.37 -13.32
C ILE B 150 21.27 -12.20 -13.18
N TYR B 151 22.06 -12.21 -12.12
CA TYR B 151 23.11 -11.22 -11.91
C TYR B 151 24.44 -11.84 -11.51
N ALA B 152 24.50 -13.16 -11.35
CA ALA B 152 25.71 -13.81 -10.87
C ALA B 152 25.64 -15.28 -11.28
N TYR B 153 26.54 -15.69 -12.19
CA TYR B 153 26.52 -17.05 -12.71
C TYR B 153 27.93 -17.57 -12.91
N ARG B 154 28.16 -18.81 -12.50
CA ARG B 154 29.39 -19.52 -12.82
C ARG B 154 29.06 -21.00 -13.02
N GLU B 155 29.91 -21.67 -13.78
CA GLU B 155 29.73 -23.08 -14.10
C GLU B 155 31.05 -23.82 -13.88
N GLU B 156 30.96 -24.99 -13.27
CA GLU B 156 32.14 -25.80 -12.97
C GLU B 156 32.07 -27.21 -13.54
N GLN B 157 30.89 -27.83 -13.59
CA GLN B 157 30.71 -29.17 -14.12
C GLN B 157 31.61 -30.18 -13.40
N ASP B 158 31.43 -30.24 -12.08
CA ASP B 158 32.23 -31.12 -11.25
C ASP B 158 31.94 -32.58 -11.58
N PHE B 159 32.99 -33.40 -11.54
CA PHE B 159 32.93 -34.82 -11.93
C PHE B 159 32.38 -34.89 -13.36
N GLY B 160 31.69 -35.98 -13.69
CA GLY B 160 31.04 -36.12 -14.98
C GLY B 160 29.69 -35.46 -15.08
N ILE B 161 29.19 -34.88 -14.00
CA ILE B 161 27.91 -34.22 -13.99
C ILE B 161 28.12 -32.72 -14.10
N GLU B 162 27.04 -31.99 -14.35
CA GLU B 162 27.08 -30.54 -14.53
C GLU B 162 26.43 -29.85 -13.34
N ILE B 163 27.02 -28.74 -12.92
CA ILE B 163 26.53 -27.97 -11.79
C ILE B 163 26.46 -26.49 -12.19
N VAL B 164 25.44 -25.80 -11.72
CA VAL B 164 25.24 -24.38 -11.96
C VAL B 164 25.14 -23.68 -10.62
N LYS B 165 25.85 -22.56 -10.48
CA LYS B 165 25.85 -21.81 -9.23
C LYS B 165 25.27 -20.42 -9.46
N VAL B 166 24.14 -20.37 -10.16
CA VAL B 166 23.53 -19.11 -10.55
C VAL B 166 22.92 -18.41 -9.34
N LYS B 167 23.16 -17.10 -9.23
CA LYS B 167 22.50 -16.24 -8.26
C LYS B 167 21.66 -15.22 -9.02
N ALA B 168 20.40 -15.08 -8.63
CA ALA B 168 19.48 -14.18 -9.32
C ALA B 168 18.87 -13.20 -8.31
N ILE B 169 18.04 -12.31 -8.81
CA ILE B 169 17.39 -11.32 -7.95
C ILE B 169 16.00 -11.02 -8.53
N GLY B 170 15.00 -10.96 -7.66
CA GLY B 170 13.66 -10.67 -8.11
C GLY B 170 13.52 -9.25 -8.61
N ARG B 171 12.71 -9.07 -9.65
CA ARG B 171 12.53 -7.77 -10.27
C ARG B 171 11.10 -7.28 -10.27
N GLN B 172 10.14 -8.09 -10.73
CA GLN B 172 8.77 -7.66 -10.88
C GLN B 172 7.82 -8.77 -10.48
N ARG B 173 6.61 -8.39 -10.10
CA ARG B 173 5.54 -9.33 -9.75
C ARG B 173 4.55 -9.45 -10.90
N PHE B 174 3.82 -10.56 -10.92
CA PHE B 174 2.87 -10.82 -11.99
C PHE B 174 1.75 -11.69 -11.49
N LYS B 175 0.67 -11.73 -12.27
CA LYS B 175 -0.44 -12.65 -12.06
C LYS B 175 -0.44 -13.67 -13.18
N VAL B 176 -0.45 -14.95 -12.81
CA VAL B 176 -0.34 -16.02 -13.80
C VAL B 176 -1.64 -16.14 -14.59
N LEU B 177 -1.53 -16.14 -15.91
CA LEU B 177 -2.68 -16.23 -16.79
C LEU B 177 -2.83 -17.62 -17.41
N GLU B 178 -1.76 -18.17 -17.97
CA GLU B 178 -1.80 -19.49 -18.59
C GLU B 178 -0.52 -20.22 -18.25
N LEU B 179 -0.59 -21.17 -17.31
CA LEU B 179 0.60 -21.89 -16.88
C LEU B 179 1.15 -22.79 -18.00
N ARG B 180 0.33 -23.73 -18.48
CA ARG B 180 0.68 -24.59 -19.60
C ARG B 180 1.91 -25.47 -19.31
N THR B 181 2.29 -26.33 -20.26
CA THR B 181 3.41 -27.23 -20.04
C THR B 181 4.23 -27.39 -21.34
N GLN B 182 4.26 -26.35 -22.17
CA GLN B 182 5.06 -26.42 -23.40
C GLN B 182 6.54 -26.55 -23.05
N SER B 183 7.31 -27.08 -24.01
CA SER B 183 8.73 -27.34 -23.83
C SER B 183 8.96 -28.26 -22.63
N ASP B 184 8.51 -29.51 -22.80
CA ASP B 184 8.40 -30.45 -21.69
C ASP B 184 9.68 -30.51 -20.85
N GLY B 185 10.81 -30.08 -21.41
CA GLY B 185 12.01 -29.95 -20.60
C GLY B 185 11.85 -28.91 -19.51
N ILE B 186 11.24 -27.76 -19.84
CA ILE B 186 11.08 -26.66 -18.90
C ILE B 186 9.76 -25.96 -19.19
N GLN B 187 8.94 -25.78 -18.16
CA GLN B 187 7.60 -25.23 -18.33
C GLN B 187 7.68 -23.72 -18.55
N GLN B 188 7.05 -23.25 -19.63
CA GLN B 188 6.91 -21.82 -19.90
C GLN B 188 5.47 -21.40 -19.59
N ALA B 189 5.32 -20.29 -18.90
CA ALA B 189 4.01 -19.77 -18.52
C ALA B 189 3.83 -18.37 -19.05
N LYS B 190 2.63 -18.07 -19.53
CA LYS B 190 2.28 -16.74 -20.02
C LYS B 190 1.57 -15.99 -18.90
N VAL B 191 2.19 -14.91 -18.42
CA VAL B 191 1.73 -14.22 -17.21
C VAL B 191 1.55 -12.74 -17.51
N GLN B 192 0.70 -12.11 -16.70
CA GLN B 192 0.40 -10.69 -16.80
C GLN B 192 1.11 -9.96 -15.66
N ILE B 193 1.94 -8.98 -16.02
CA ILE B 193 2.73 -8.26 -15.04
C ILE B 193 1.83 -7.31 -14.26
N LEU B 194 1.93 -7.36 -12.94
CA LEU B 194 1.16 -6.45 -12.08
C LEU B 194 1.85 -5.10 -12.02
N PRO B 195 1.18 -4.01 -12.36
CA PRO B 195 1.84 -2.70 -12.33
C PRO B 195 2.06 -2.22 -10.89
N GLU B 196 3.10 -1.41 -10.73
CA GLU B 196 3.43 -0.82 -9.44
C GLU B 196 2.71 0.52 -9.33
N CYS B 197 1.63 0.57 -8.55
CA CYS B 197 0.86 1.78 -8.38
C CYS B 197 1.45 2.62 -7.25
N VAL B 198 1.76 3.87 -7.57
CA VAL B 198 2.31 4.81 -6.59
C VAL B 198 1.30 5.94 -6.40
N LEU B 199 1.03 6.27 -5.17
CA LEU B 199 0.03 7.29 -4.93
C LEU B 199 0.66 8.62 -4.56
N PRO B 200 0.04 9.73 -4.91
CA PRO B 200 0.53 11.04 -4.47
C PRO B 200 0.20 11.26 -3.01
N SER B 201 0.82 12.31 -2.45
CA SER B 201 0.58 12.65 -1.06
C SER B 201 -0.91 12.88 -0.81
N THR B 202 -1.41 12.37 0.31
CA THR B 202 -2.83 12.49 0.61
C THR B 202 -3.28 13.93 0.77
N MET B 203 -2.35 14.84 1.04
CA MET B 203 -2.66 16.26 1.14
C MET B 203 -2.59 16.99 -0.18
N SER B 204 -2.19 16.31 -1.26
CA SER B 204 -2.15 16.96 -2.56
C SER B 204 -3.54 17.27 -3.09
N ALA B 205 -4.57 16.57 -2.63
CA ALA B 205 -5.92 16.80 -3.13
C ALA B 205 -6.45 18.15 -2.65
N VAL B 206 -6.39 18.41 -1.34
CA VAL B 206 -6.97 19.64 -0.81
C VAL B 206 -6.30 20.86 -1.41
N GLN B 207 -4.96 20.84 -1.49
CA GLN B 207 -4.19 21.80 -2.28
C GLN B 207 -4.45 23.24 -1.82
N LEU B 208 -4.02 23.51 -0.60
CA LEU B 208 -3.98 24.89 -0.12
C LEU B 208 -2.83 25.60 -0.82
N GLU B 209 -3.15 26.32 -1.89
CA GLU B 209 -2.13 26.82 -2.80
C GLU B 209 -1.20 27.82 -2.12
N SER B 210 -1.75 28.66 -1.25
CA SER B 210 -0.92 29.64 -0.54
C SER B 210 0.12 28.94 0.33
N LEU B 211 -0.29 27.89 1.05
CA LEU B 211 0.58 27.15 1.94
C LEU B 211 1.59 26.27 1.23
N ASN B 212 1.55 26.23 -0.11
CA ASN B 212 2.37 25.30 -0.85
C ASN B 212 3.87 25.52 -0.62
N LYS B 213 4.28 26.76 -0.35
CA LYS B 213 5.68 27.03 -0.09
C LYS B 213 6.17 26.40 1.21
N CYS B 214 5.26 26.06 2.12
CA CYS B 214 5.64 25.47 3.40
C CYS B 214 5.71 23.95 3.36
N GLN B 215 5.50 23.33 2.20
CA GLN B 215 5.58 21.88 2.09
C GLN B 215 7.00 21.35 2.12
N ILE B 216 8.00 22.21 1.94
CA ILE B 216 9.41 21.83 1.99
C ILE B 216 9.98 22.31 3.31
N PHE B 217 10.62 21.41 4.03
CA PHE B 217 11.10 21.64 5.38
C PHE B 217 12.55 21.20 5.49
N PRO B 218 13.29 21.70 6.48
CA PRO B 218 14.67 21.24 6.66
C PRO B 218 14.73 19.76 6.98
N SER B 219 15.86 19.16 6.61
CA SER B 219 16.07 17.73 6.84
C SER B 219 16.14 17.43 8.34
N LYS B 220 16.24 16.15 8.64
CA LYS B 220 16.37 15.71 10.02
C LYS B 220 17.61 16.36 10.64
N PRO B 221 17.52 16.93 11.84
CA PRO B 221 18.70 17.60 12.42
C PRO B 221 19.91 16.69 12.50
N VAL B 222 19.80 15.57 13.21
CA VAL B 222 20.79 14.50 13.17
C VAL B 222 20.01 13.20 13.02
N SER B 223 20.71 12.16 12.56
CA SER B 223 20.05 10.87 12.35
C SER B 223 19.40 10.36 13.63
N ARG B 224 20.21 10.08 14.65
CA ARG B 224 19.66 9.61 15.92
C ARG B 224 20.37 10.20 17.13
N GLU B 225 21.33 11.11 16.95
CA GLU B 225 22.12 11.59 18.09
C GLU B 225 21.28 12.43 19.04
N ASP B 226 20.24 13.09 18.53
CA ASP B 226 19.44 14.00 19.33
C ASP B 226 18.03 13.45 19.53
N GLN B 227 17.60 13.43 20.79
CA GLN B 227 16.23 13.05 21.13
C GLN B 227 15.22 14.15 20.81
N CYS B 228 15.64 15.42 20.86
CA CYS B 228 14.73 16.50 20.50
C CYS B 228 14.36 16.43 19.02
N SER B 229 15.13 15.68 18.23
CA SER B 229 14.79 15.47 16.83
C SER B 229 13.50 14.67 16.69
N TYR B 230 13.02 14.05 17.76
CA TYR B 230 11.69 13.45 17.73
C TYR B 230 10.61 14.52 17.68
N LYS B 231 10.88 15.70 18.25
CA LYS B 231 9.95 16.81 18.12
C LYS B 231 9.87 17.31 16.68
N TRP B 232 10.91 17.04 15.89
CA TRP B 232 10.88 17.35 14.47
C TRP B 232 9.76 16.58 13.80
N TRP B 233 9.60 15.31 14.16
CA TRP B 233 8.47 14.52 13.66
C TRP B 233 7.15 15.11 14.15
N GLN B 234 7.12 15.55 15.41
CA GLN B 234 5.95 16.25 15.93
C GLN B 234 5.70 17.57 15.23
N LYS B 235 6.76 18.22 14.73
CA LYS B 235 6.63 19.46 13.96
C LYS B 235 6.39 19.20 12.49
N TYR B 236 6.91 18.09 11.96
CA TYR B 236 6.66 17.70 10.58
C TYR B 236 5.18 17.46 10.34
N GLN B 237 4.52 16.81 11.29
CA GLN B 237 3.08 16.54 11.18
C GLN B 237 2.27 17.84 11.14
N LYS B 238 2.64 18.80 11.98
CA LYS B 238 1.86 20.03 12.06
C LYS B 238 1.97 20.86 10.78
N ARG B 239 3.09 20.75 10.07
CA ARG B 239 3.29 21.56 8.88
C ARG B 239 2.76 20.89 7.62
N LYS B 240 3.17 19.65 7.36
CA LYS B 240 2.78 18.97 6.13
C LYS B 240 1.28 18.74 6.06
N PHE B 241 0.67 18.34 7.18
CA PHE B 241 -0.73 17.96 7.21
C PHE B 241 -1.63 19.04 7.77
N HIS B 242 -1.25 20.31 7.63
CA HIS B 242 -2.10 21.38 8.15
C HIS B 242 -3.41 21.45 7.40
N CYS B 243 -3.37 21.26 6.08
CA CYS B 243 -4.59 21.38 5.27
C CYS B 243 -5.61 20.29 5.58
N ALA B 244 -5.30 19.36 6.50
CA ALA B 244 -6.28 18.38 6.92
C ALA B 244 -7.44 19.01 7.65
N ASN B 245 -7.31 20.27 8.09
CA ASN B 245 -8.41 20.97 8.73
C ASN B 245 -9.55 21.24 7.76
N LEU B 246 -9.31 21.17 6.46
CA LEU B 246 -10.36 21.31 5.46
C LEU B 246 -11.11 20.01 5.20
N THR B 247 -10.63 18.90 5.74
CA THR B 247 -11.26 17.60 5.54
C THR B 247 -12.01 17.20 6.81
N SER B 248 -12.54 16.00 6.83
CA SER B 248 -13.31 15.48 7.95
C SER B 248 -12.49 14.58 8.87
N TRP B 249 -11.17 14.58 8.73
CA TRP B 249 -10.33 13.68 9.50
C TRP B 249 -9.21 14.45 10.19
N PRO B 250 -8.76 13.98 11.35
CA PRO B 250 -7.70 14.68 12.08
C PRO B 250 -6.34 14.50 11.42
N ARG B 251 -5.37 15.30 11.89
CA ARG B 251 -4.03 15.26 11.31
C ARG B 251 -3.37 13.90 11.54
N TRP B 252 -3.51 13.34 12.74
CA TRP B 252 -2.81 12.10 13.06
C TRP B 252 -3.31 10.94 12.22
N LEU B 253 -4.58 10.96 11.81
CA LEU B 253 -5.09 9.88 10.96
C LEU B 253 -4.38 9.88 9.62
N TYR B 254 -4.16 11.06 9.04
CA TYR B 254 -3.46 11.12 7.76
C TYR B 254 -2.01 10.69 7.91
N SER B 255 -1.41 10.93 9.08
CA SER B 255 -0.06 10.46 9.32
C SER B 255 0.02 8.95 9.35
N LEU B 256 -1.11 8.28 9.63
CA LEU B 256 -1.16 6.82 9.57
C LEU B 256 -1.10 6.29 8.15
N TYR B 257 -1.22 7.17 7.16
CA TYR B 257 -1.17 6.76 5.76
C TYR B 257 0.00 7.41 5.01
N ASP B 258 0.81 8.21 5.67
CA ASP B 258 1.97 8.81 5.04
C ASP B 258 3.09 7.78 4.90
N ALA B 259 3.74 7.78 3.73
CA ALA B 259 4.81 6.83 3.49
C ALA B 259 6.01 7.11 4.39
N GLU B 260 6.38 8.38 4.53
CA GLU B 260 7.55 8.74 5.33
C GLU B 260 7.38 8.36 6.80
N THR B 261 6.20 8.63 7.36
CA THR B 261 5.96 8.30 8.76
C THR B 261 5.98 6.78 8.97
N LEU B 262 5.35 6.03 8.06
CA LEU B 262 5.38 4.58 8.18
C LEU B 262 6.80 4.04 8.01
N MET B 263 7.56 4.61 7.08
CA MET B 263 8.94 4.19 6.91
C MET B 263 9.76 4.44 8.16
N ASP B 264 9.57 5.60 8.79
CA ASP B 264 10.32 5.91 10.02
C ASP B 264 9.91 4.98 11.16
N ARG B 265 8.62 4.67 11.26
CA ARG B 265 8.17 3.76 12.32
C ARG B 265 8.81 2.39 12.18
N ILE B 266 8.86 1.86 10.95
CA ILE B 266 9.53 0.59 10.73
C ILE B 266 11.02 0.71 10.99
N LYS B 267 11.64 1.80 10.52
CA LYS B 267 13.07 2.00 10.71
C LYS B 267 13.42 2.06 12.19
N LYS B 268 12.55 2.67 13.01
CA LYS B 268 12.79 2.71 14.45
C LYS B 268 12.82 1.31 15.04
N GLN B 269 11.88 0.45 14.64
CA GLN B 269 11.85 -0.90 15.17
C GLN B 269 12.96 -1.75 14.58
N LEU B 270 13.34 -1.50 13.32
CA LEU B 270 14.48 -2.20 12.73
C LEU B 270 15.76 -1.89 13.49
N ARG B 271 15.98 -0.61 13.82
CA ARG B 271 17.12 -0.25 14.65
C ARG B 271 16.97 -0.78 16.07
N GLU B 272 15.74 -0.98 16.54
CA GLU B 272 15.54 -1.70 17.80
C GLU B 272 15.98 -3.14 17.66
N TRP B 273 15.69 -3.76 16.52
CA TRP B 273 16.19 -5.11 16.27
C TRP B 273 17.72 -5.12 16.17
N ASP B 274 18.29 -4.09 15.55
CA ASP B 274 19.73 -4.03 15.29
C ASP B 274 20.22 -2.62 15.59
N GLU B 275 20.85 -2.44 16.75
CA GLU B 275 21.40 -1.14 17.11
C GLU B 275 22.52 -0.72 16.16
N ASN B 276 23.17 -1.70 15.52
CA ASN B 276 24.26 -1.44 14.58
C ASN B 276 23.78 -1.20 13.15
N LEU B 277 22.48 -1.30 12.89
CA LEU B 277 21.98 -1.17 11.53
C LEU B 277 22.31 0.20 10.95
N LYS B 278 22.09 1.26 11.74
CA LYS B 278 22.37 2.64 11.32
C LYS B 278 21.55 3.02 10.09
N ASP B 279 21.80 4.22 9.57
CA ASP B 279 21.09 4.71 8.40
C ASP B 279 21.90 4.40 7.14
N ASP B 280 21.49 4.98 6.01
CA ASP B 280 22.15 4.93 4.71
C ASP B 280 22.12 3.55 4.07
N SER B 281 21.57 2.54 4.73
CA SER B 281 21.47 1.20 4.17
C SER B 281 20.10 0.91 3.58
N LEU B 282 19.03 1.29 4.26
CA LEU B 282 17.69 1.08 3.74
C LEU B 282 17.45 2.01 2.54
N PRO B 283 16.69 1.56 1.56
CA PRO B 283 16.37 2.42 0.42
C PRO B 283 15.53 3.62 0.82
N SER B 284 15.74 4.73 0.12
CA SER B 284 14.95 5.93 0.37
C SER B 284 13.56 5.84 -0.23
N ASN B 285 13.42 5.15 -1.36
CA ASN B 285 12.13 5.07 -2.02
C ASN B 285 11.17 4.20 -1.22
N PRO B 286 9.90 4.61 -1.09
CA PRO B 286 8.94 3.78 -0.35
C PRO B 286 8.72 2.40 -0.95
N ILE B 287 8.79 2.28 -2.28
CA ILE B 287 8.53 0.99 -2.91
C ILE B 287 9.62 -0.01 -2.54
N ASP B 288 10.88 0.39 -2.67
CA ASP B 288 11.98 -0.51 -2.35
C ASP B 288 12.05 -0.79 -0.85
N PHE B 289 11.74 0.22 -0.02
CA PHE B 289 11.75 0.01 1.42
C PHE B 289 10.70 -1.01 1.84
N SER B 290 9.51 -0.94 1.23
CA SER B 290 8.46 -1.88 1.56
C SER B 290 8.85 -3.30 1.21
N TYR B 291 9.48 -3.49 0.04
CA TYR B 291 9.91 -4.82 -0.38
C TYR B 291 11.00 -5.36 0.53
N ARG B 292 11.95 -4.49 0.92
CA ARG B 292 13.06 -4.94 1.76
C ARG B 292 12.57 -5.43 3.11
N VAL B 293 11.63 -4.71 3.73
CA VAL B 293 11.10 -5.13 5.02
C VAL B 293 10.31 -6.42 4.87
N ALA B 294 9.61 -6.59 3.74
CA ALA B 294 8.87 -7.82 3.49
C ALA B 294 9.80 -9.03 3.44
N ALA B 295 11.06 -8.82 3.04
CA ALA B 295 12.00 -9.93 2.99
C ALA B 295 12.34 -10.43 4.39
N CYS B 296 12.41 -9.54 5.37
CA CYS B 296 12.84 -9.87 6.72
C CYS B 296 11.66 -10.07 7.67
N LEU B 297 10.54 -10.59 7.17
CA LEU B 297 9.38 -10.84 8.00
C LEU B 297 9.21 -12.34 8.22
N PRO B 298 9.36 -12.83 9.45
CA PRO B 298 9.17 -14.27 9.69
C PRO B 298 7.71 -14.67 9.67
N ILE B 299 7.13 -14.75 8.47
CA ILE B 299 5.73 -15.09 8.30
C ILE B 299 5.63 -16.37 7.47
N ASP B 300 4.41 -16.91 7.39
CA ASP B 300 4.16 -18.12 6.64
C ASP B 300 3.87 -17.79 5.19
N ASP B 301 3.50 -18.79 4.40
CA ASP B 301 3.26 -18.58 2.97
C ASP B 301 2.00 -17.76 2.73
N VAL B 302 0.95 -18.00 3.52
CA VAL B 302 -0.31 -17.30 3.29
C VAL B 302 -0.15 -15.81 3.53
N LEU B 303 0.57 -15.42 4.58
CA LEU B 303 0.86 -14.00 4.78
C LEU B 303 1.79 -13.47 3.71
N ARG B 304 2.79 -14.27 3.30
CA ARG B 304 3.74 -13.83 2.30
C ARG B 304 3.04 -13.52 0.97
N ILE B 305 2.16 -14.42 0.52
CA ILE B 305 1.43 -14.17 -0.71
C ILE B 305 0.46 -13.02 -0.54
N GLN B 306 -0.08 -12.85 0.67
CA GLN B 306 -0.94 -11.69 0.94
C GLN B 306 -0.15 -10.39 0.76
N LEU B 307 1.09 -10.36 1.24
CA LEU B 307 1.94 -9.19 1.03
C LEU B 307 2.25 -9.00 -0.45
N LEU B 308 2.51 -10.10 -1.16
CA LEU B 308 2.86 -10.01 -2.57
C LEU B 308 1.69 -9.49 -3.40
N LYS B 309 0.46 -9.92 -3.06
CA LYS B 309 -0.71 -9.45 -3.80
C LYS B 309 -0.95 -7.96 -3.65
N ILE B 310 -0.45 -7.36 -2.57
CA ILE B 310 -0.68 -5.93 -2.34
C ILE B 310 0.13 -5.11 -3.34
N GLY B 311 -0.55 -4.18 -4.00
CA GLY B 311 0.08 -3.40 -5.05
C GLY B 311 0.68 -2.10 -4.59
N SER B 312 -0.07 -1.31 -3.82
CA SER B 312 0.40 -0.01 -3.37
C SER B 312 1.43 -0.17 -2.26
N ALA B 313 2.46 0.67 -2.31
CA ALA B 313 3.51 0.61 -1.32
C ALA B 313 3.01 0.97 0.07
N ILE B 314 2.10 1.93 0.18
CA ILE B 314 1.58 2.34 1.48
C ILE B 314 0.83 1.20 2.14
N GLN B 315 0.03 0.45 1.37
CA GLN B 315 -0.65 -0.72 1.93
C GLN B 315 0.34 -1.75 2.42
N ARG B 316 1.43 -1.97 1.67
CA ARG B 316 2.44 -2.92 2.11
C ARG B 316 3.08 -2.48 3.42
N LEU B 317 3.39 -1.18 3.54
CA LEU B 317 4.00 -0.69 4.77
C LEU B 317 3.06 -0.82 5.96
N ARG B 318 1.77 -0.54 5.75
CA ARG B 318 0.82 -0.63 6.85
C ARG B 318 0.67 -2.06 7.35
N CYS B 319 0.54 -3.02 6.43
CA CYS B 319 0.37 -4.40 6.85
C CYS B 319 1.67 -4.98 7.40
N GLU B 320 2.81 -4.55 6.86
CA GLU B 320 4.09 -4.96 7.43
C GLU B 320 4.23 -4.46 8.86
N LEU B 321 3.80 -3.23 9.13
CA LEU B 321 3.84 -2.70 10.47
C LEU B 321 2.92 -3.45 11.40
N ASP B 322 1.71 -3.79 10.93
CA ASP B 322 0.76 -4.49 11.78
C ASP B 322 1.26 -5.88 12.15
N ILE B 323 1.79 -6.62 11.17
CA ILE B 323 2.38 -7.92 11.48
C ILE B 323 3.57 -7.76 12.42
N MET B 324 4.41 -6.76 12.15
CA MET B 324 5.59 -6.52 12.96
C MET B 324 5.22 -6.09 14.38
N ASN B 325 4.01 -5.57 14.57
CA ASN B 325 3.58 -5.20 15.91
C ASN B 325 2.82 -6.32 16.62
N LYS B 326 2.18 -7.22 15.86
CA LYS B 326 1.32 -8.23 16.46
C LYS B 326 2.06 -9.54 16.72
N CYS B 327 2.62 -10.14 15.67
CA CYS B 327 3.23 -11.46 15.78
C CYS B 327 4.48 -11.38 16.64
N THR B 328 4.43 -11.97 17.85
CA THR B 328 5.54 -11.90 18.79
C THR B 328 5.87 -13.27 19.38
N SER B 329 5.55 -14.35 18.67
CA SER B 329 5.91 -15.70 19.12
C SER B 329 5.80 -16.66 17.95
N LEU B 330 6.83 -17.48 17.77
CA LEU B 330 6.87 -18.45 16.68
C LEU B 330 6.90 -19.86 17.25
N CYS B 331 5.96 -20.69 16.81
CA CYS B 331 5.87 -22.09 17.21
C CYS B 331 6.21 -22.99 16.05
N CYS B 332 6.30 -24.29 16.33
CA CYS B 332 6.64 -25.26 15.29
C CYS B 332 5.53 -25.33 14.25
N LYS B 333 5.92 -25.75 13.04
CA LYS B 333 4.96 -25.77 11.93
C LYS B 333 3.80 -26.71 12.21
N GLN B 334 4.06 -27.87 12.79
CA GLN B 334 3.02 -28.84 13.11
C GLN B 334 2.54 -28.75 14.55
N CYS B 335 3.45 -28.87 15.52
CA CYS B 335 3.08 -28.79 16.93
C CYS B 335 3.11 -27.33 17.33
N GLN B 336 1.95 -26.68 17.31
CA GLN B 336 1.83 -25.28 17.69
C GLN B 336 2.08 -25.04 19.17
N GLU B 337 2.13 -26.10 19.98
CA GLU B 337 2.41 -25.96 21.41
C GLU B 337 3.91 -26.09 21.69
N THR B 338 4.71 -25.29 20.99
CA THR B 338 6.15 -25.31 21.14
C THR B 338 6.72 -23.97 21.58
N GLU B 339 6.35 -22.88 20.90
CA GLU B 339 6.79 -21.53 21.24
C GLU B 339 8.32 -21.44 21.28
N ILE B 340 8.94 -21.66 20.13
CA ILE B 340 10.39 -21.73 20.05
C ILE B 340 11.02 -20.40 20.45
N THR B 341 10.49 -19.30 19.91
CA THR B 341 11.06 -17.99 20.20
C THR B 341 9.98 -16.93 20.06
N THR B 342 10.22 -15.79 20.72
CA THR B 342 9.35 -14.63 20.66
C THR B 342 9.97 -13.57 19.74
N LYS B 343 9.38 -12.38 19.72
CA LYS B 343 9.88 -11.30 18.87
C LYS B 343 11.16 -10.68 19.43
N ASN B 344 11.32 -10.67 20.75
CA ASN B 344 12.40 -9.93 21.38
C ASN B 344 13.78 -10.55 21.18
N GLU B 345 13.95 -11.62 20.40
CA GLU B 345 15.25 -12.23 20.23
C GLU B 345 15.75 -12.16 18.79
N ILE B 346 15.08 -11.42 17.93
CA ILE B 346 15.48 -11.32 16.53
C ILE B 346 16.59 -10.29 16.39
N PHE B 347 17.60 -10.62 15.59
CA PHE B 347 18.65 -9.67 15.27
C PHE B 347 19.14 -9.95 13.86
N SER B 348 19.51 -8.88 13.15
CA SER B 348 20.00 -9.00 11.78
C SER B 348 21.51 -9.14 11.79
N LEU B 349 22.02 -9.97 10.87
CA LEU B 349 23.45 -10.20 10.74
C LEU B 349 23.93 -9.93 9.32
N SER B 350 23.03 -9.45 8.45
CA SER B 350 23.37 -9.12 7.08
C SER B 350 22.57 -7.89 6.67
N LEU B 351 23.07 -7.22 5.62
CA LEU B 351 22.41 -6.00 5.15
C LEU B 351 20.98 -6.26 4.70
N CYS B 352 20.69 -7.46 4.21
CA CYS B 352 19.33 -7.77 3.80
C CYS B 352 18.37 -7.79 4.99
N GLY B 353 18.89 -8.05 6.19
CA GLY B 353 18.08 -8.04 7.39
C GLY B 353 18.24 -9.30 8.20
N PRO B 354 17.39 -9.48 9.21
CA PRO B 354 17.44 -10.70 10.02
C PRO B 354 17.13 -11.96 9.25
N MET B 355 16.52 -11.84 8.07
CA MET B 355 16.11 -12.98 7.28
C MET B 355 16.78 -12.93 5.93
N ALA B 356 17.21 -14.10 5.43
CA ALA B 356 17.91 -14.17 4.16
C ALA B 356 17.66 -15.54 3.55
N ALA B 357 17.88 -15.65 2.25
CA ALA B 357 17.71 -16.89 1.52
C ALA B 357 19.07 -17.48 1.20
N TYR B 358 19.31 -18.71 1.63
CA TYR B 358 20.53 -19.45 1.35
C TYR B 358 20.17 -20.83 0.83
N VAL B 359 21.13 -21.47 0.16
CA VAL B 359 20.92 -22.78 -0.43
C VAL B 359 22.01 -23.73 0.05
N ASN B 360 21.60 -24.90 0.55
CA ASN B 360 22.54 -25.94 0.90
C ASN B 360 23.11 -26.57 -0.36
N PRO B 361 24.25 -27.27 -0.26
CA PRO B 361 24.83 -27.86 -1.48
C PRO B 361 24.02 -29.03 -1.99
N HIS B 362 22.71 -28.83 -2.12
CA HIS B 362 21.81 -29.82 -2.69
C HIS B 362 20.72 -29.19 -3.56
N GLY B 363 20.77 -27.89 -3.80
CA GLY B 363 19.73 -27.20 -4.52
C GLY B 363 18.53 -26.78 -3.70
N TYR B 364 18.52 -27.07 -2.40
CA TYR B 364 17.39 -26.73 -1.54
C TYR B 364 17.63 -25.37 -0.90
N VAL B 365 16.72 -24.44 -1.16
CA VAL B 365 16.82 -23.11 -0.58
C VAL B 365 16.27 -23.12 0.84
N HIS B 366 16.93 -22.38 1.72
CA HIS B 366 16.53 -22.31 3.12
C HIS B 366 16.46 -20.85 3.54
N GLU B 367 15.26 -20.37 3.85
CA GLU B 367 15.06 -19.00 4.31
C GLU B 367 15.33 -18.98 5.81
N THR B 368 16.60 -18.83 6.17
CA THR B 368 17.01 -18.86 7.56
C THR B 368 16.61 -17.58 8.28
N LEU B 369 16.53 -17.69 9.61
CA LEU B 369 16.23 -16.55 10.45
C LEU B 369 17.20 -16.56 11.63
N THR B 370 18.02 -15.52 11.72
CA THR B 370 18.98 -15.40 12.80
C THR B 370 18.28 -14.93 14.07
N VAL B 371 18.58 -15.59 15.18
CA VAL B 371 17.91 -15.32 16.45
C VAL B 371 18.86 -15.68 17.58
N TYR B 372 18.78 -14.91 18.67
CA TYR B 372 19.70 -15.07 19.79
C TYR B 372 19.46 -16.38 20.53
N LYS B 373 18.28 -16.56 21.10
CA LYS B 373 17.98 -17.67 21.99
C LYS B 373 16.80 -18.47 21.45
N ALA B 374 16.94 -19.79 21.44
CA ALA B 374 15.86 -20.70 21.06
C ALA B 374 15.68 -21.75 22.15
N CYS B 375 14.45 -21.90 22.62
CA CYS B 375 14.14 -22.83 23.68
C CYS B 375 13.54 -24.12 23.10
N ASN B 376 13.41 -25.12 23.98
CA ASN B 376 12.93 -26.47 23.64
C ASN B 376 13.52 -26.97 22.31
N LEU B 377 14.83 -26.75 22.16
CA LEU B 377 15.57 -27.20 20.99
C LEU B 377 16.77 -28.03 21.46
N ASN B 378 16.94 -29.21 20.87
CA ASN B 378 18.06 -30.08 21.20
C ASN B 378 18.96 -30.23 19.98
N LEU B 379 20.27 -30.10 20.21
CA LEU B 379 21.24 -30.27 19.14
C LEU B 379 21.30 -31.74 18.72
N ILE B 380 21.61 -31.96 17.44
CA ILE B 380 21.69 -33.29 16.86
C ILE B 380 23.09 -33.61 16.36
N GLY B 381 23.66 -32.72 15.55
CA GLY B 381 24.97 -32.92 14.97
C GLY B 381 26.09 -32.42 15.86
N ARG B 382 27.22 -32.14 15.23
CA ARG B 382 28.41 -31.64 15.90
C ARG B 382 28.89 -30.36 15.22
N PRO B 383 29.57 -29.49 15.96
CA PRO B 383 29.98 -28.20 15.39
C PRO B 383 31.08 -28.33 14.34
N SER B 384 30.71 -28.70 13.13
CA SER B 384 31.61 -28.75 11.99
C SER B 384 31.29 -27.60 11.04
N THR B 385 32.32 -26.85 10.66
CA THR B 385 32.09 -25.71 9.77
C THR B 385 31.60 -26.16 8.39
N GLU B 386 32.32 -27.09 7.76
CA GLU B 386 31.97 -27.65 6.46
C GLU B 386 31.65 -26.54 5.46
N HIS B 387 30.38 -26.25 5.24
CA HIS B 387 29.97 -25.22 4.29
C HIS B 387 30.15 -23.84 4.90
N SER B 388 30.47 -22.86 4.05
CA SER B 388 30.76 -21.52 4.56
C SER B 388 29.56 -20.91 5.24
N TRP B 389 28.50 -20.61 4.48
CA TRP B 389 27.35 -19.85 4.98
C TRP B 389 27.84 -18.63 5.75
N PHE B 390 27.54 -18.57 7.03
CA PHE B 390 28.11 -17.54 7.89
C PHE B 390 29.57 -17.87 8.13
N PRO B 391 30.51 -17.00 7.74
CA PRO B 391 31.93 -17.37 7.74
C PRO B 391 32.48 -17.79 9.09
N GLY B 392 32.90 -19.04 9.20
CA GLY B 392 33.51 -19.53 10.44
C GLY B 392 32.59 -19.56 11.63
N TYR B 393 31.38 -20.09 11.47
CA TYR B 393 30.43 -20.19 12.57
C TYR B 393 29.94 -21.61 12.83
N ALA B 394 30.24 -22.57 11.95
CA ALA B 394 29.85 -23.97 12.13
C ALA B 394 28.34 -24.14 12.15
N TRP B 395 27.87 -25.39 12.21
CA TRP B 395 26.43 -25.63 12.22
C TRP B 395 26.15 -26.99 12.86
N THR B 396 25.10 -27.03 13.67
CA THR B 396 24.60 -28.27 14.26
C THR B 396 23.10 -28.33 14.03
N VAL B 397 22.61 -29.48 13.59
CA VAL B 397 21.18 -29.64 13.34
C VAL B 397 20.40 -29.52 14.65
N ALA B 398 19.22 -28.91 14.57
CA ALA B 398 18.39 -28.66 15.74
C ALA B 398 16.99 -29.20 15.49
N GLN B 399 16.31 -29.56 16.59
CA GLN B 399 14.97 -30.13 16.53
C GLN B 399 14.22 -29.75 17.80
N CYS B 400 12.91 -29.62 17.70
CA CYS B 400 12.08 -29.35 18.86
C CYS B 400 11.77 -30.65 19.59
N LYS B 401 11.70 -30.57 20.93
CA LYS B 401 11.53 -31.77 21.74
C LYS B 401 10.20 -32.46 21.43
N ILE B 402 9.12 -31.69 21.31
CA ILE B 402 7.80 -32.27 21.08
C ILE B 402 7.74 -32.95 19.73
N CYS B 403 8.26 -32.29 18.70
CA CYS B 403 8.11 -32.71 17.31
C CYS B 403 9.45 -33.15 16.74
N ALA B 404 9.53 -34.40 16.28
CA ALA B 404 10.77 -34.94 15.72
C ALA B 404 10.90 -34.48 14.27
N SER B 405 11.31 -33.22 14.10
CA SER B 405 11.51 -32.67 12.77
C SER B 405 12.53 -31.55 12.83
N HIS B 406 13.11 -31.25 11.66
CA HIS B 406 14.13 -30.22 11.56
C HIS B 406 13.52 -28.84 11.81
N ILE B 407 14.26 -28.00 12.55
CA ILE B 407 13.88 -26.62 12.79
C ILE B 407 14.91 -25.64 12.26
N GLY B 408 16.18 -25.89 12.53
CA GLY B 408 17.22 -24.98 12.06
C GLY B 408 18.58 -25.47 12.49
N TRP B 409 19.55 -24.56 12.44
CA TRP B 409 20.92 -24.86 12.82
C TRP B 409 21.33 -24.00 14.00
N LYS B 410 22.50 -24.33 14.57
CA LYS B 410 23.10 -23.55 15.65
C LYS B 410 24.51 -23.19 15.22
N PHE B 411 24.80 -21.89 15.19
CA PHE B 411 26.09 -21.38 14.74
C PHE B 411 26.88 -20.91 15.95
N THR B 412 28.10 -21.43 16.10
CA THR B 412 29.00 -21.04 17.18
C THR B 412 30.33 -20.64 16.56
N ALA B 413 30.75 -19.40 16.82
CA ALA B 413 31.97 -18.87 16.21
C ALA B 413 33.17 -19.75 16.56
N THR B 414 33.96 -20.10 15.55
CA THR B 414 35.10 -20.97 15.74
C THR B 414 36.31 -20.24 16.32
N LYS B 415 36.32 -18.91 16.28
CA LYS B 415 37.45 -18.13 16.76
C LYS B 415 37.34 -17.74 18.24
N LYS B 416 36.19 -18.00 18.86
CA LYS B 416 35.94 -17.84 20.29
C LYS B 416 35.95 -16.37 20.72
N ASP B 417 36.31 -15.45 19.84
CA ASP B 417 36.35 -14.03 20.17
C ASP B 417 35.51 -13.21 19.18
N MET B 418 34.41 -13.80 18.72
CA MET B 418 33.47 -13.07 17.81
C MET B 418 32.24 -12.66 18.62
N SER B 419 31.75 -11.42 18.44
CA SER B 419 30.61 -10.92 19.25
C SER B 419 29.33 -11.74 18.99
N PRO B 420 28.95 -12.08 17.73
CA PRO B 420 27.70 -12.80 17.50
C PRO B 420 27.68 -14.02 18.42
N GLN B 421 28.86 -14.59 18.70
CA GLN B 421 28.94 -15.73 19.64
C GLN B 421 28.04 -16.87 19.13
N LYS B 422 27.19 -17.41 19.99
CA LYS B 422 26.30 -18.54 19.59
C LYS B 422 24.89 -18.01 19.31
N PHE B 423 24.35 -18.33 18.13
CA PHE B 423 22.97 -17.94 17.79
C PHE B 423 22.32 -19.12 17.09
N TRP B 424 21.06 -18.93 16.70
CA TRP B 424 20.27 -19.98 16.08
C TRP B 424 19.87 -19.58 14.66
N GLY B 425 19.72 -20.59 13.80
CA GLY B 425 19.47 -20.36 12.39
C GLY B 425 18.15 -20.93 11.89
N LEU B 426 17.07 -20.72 12.64
CA LEU B 426 15.78 -21.31 12.31
C LEU B 426 15.34 -20.95 10.89
N THR B 427 14.58 -21.86 10.29
CA THR B 427 14.08 -21.71 8.93
C THR B 427 12.62 -21.29 8.93
N ARG B 428 12.21 -20.61 7.87
CA ARG B 428 10.83 -20.12 7.78
C ARG B 428 9.83 -21.27 7.72
N SER B 429 10.11 -22.30 6.93
CA SER B 429 9.13 -23.36 6.72
C SER B 429 8.82 -24.11 8.00
N ALA B 430 9.82 -24.29 8.87
CA ALA B 430 9.64 -25.03 10.12
C ALA B 430 9.03 -24.18 11.22
N LEU B 431 8.82 -22.89 11.00
CA LEU B 431 8.29 -22.00 12.01
C LEU B 431 6.92 -21.47 11.57
N LEU B 432 5.99 -21.38 12.53
CA LEU B 432 4.64 -20.90 12.26
C LEU B 432 4.30 -19.80 13.26
N PRO B 433 4.28 -18.54 12.83
CA PRO B 433 3.89 -17.45 13.73
C PRO B 433 2.41 -17.53 14.08
N THR B 434 2.07 -16.99 15.24
CA THR B 434 0.69 -16.93 15.71
C THR B 434 0.28 -15.48 15.87
N ILE B 435 -0.86 -15.12 15.29
CA ILE B 435 -1.34 -13.74 15.38
C ILE B 435 -1.64 -13.31 16.81
N PRO B 436 -2.41 -14.06 17.62
CA PRO B 436 -2.70 -13.57 18.98
C PRO B 436 -1.53 -13.69 19.93
N ASP B 437 -0.67 -14.70 19.74
CA ASP B 437 0.45 -14.96 20.64
C ASP B 437 -0.03 -15.12 22.08
N THR B 438 -1.19 -15.74 22.25
CA THR B 438 -1.79 -15.92 23.57
C THR B 438 -2.34 -17.33 23.72
N MET C 3 47.74 -64.76 -9.11
CA MET C 3 47.99 -63.34 -9.36
C MET C 3 46.88 -62.50 -8.74
N PRO C 4 47.21 -61.79 -7.65
CA PRO C 4 46.22 -60.90 -7.04
C PRO C 4 45.97 -59.67 -7.88
N THR C 5 44.76 -59.14 -7.77
CA THR C 5 44.40 -57.92 -8.47
C THR C 5 44.69 -56.70 -7.60
N THR C 6 44.52 -55.51 -8.19
CA THR C 6 44.79 -54.27 -7.47
C THR C 6 43.80 -54.03 -6.33
N ILE C 7 42.65 -54.70 -6.35
CA ILE C 7 41.67 -54.53 -5.29
C ILE C 7 42.22 -55.02 -3.95
N GLU C 8 42.87 -56.19 -3.96
CA GLU C 8 43.46 -56.71 -2.73
C GLU C 8 44.58 -55.80 -2.23
N ARG C 9 45.38 -55.28 -3.16
CA ARG C 9 46.46 -54.36 -2.76
C ARG C 9 45.90 -53.10 -2.13
N GLU C 10 44.82 -52.54 -2.72
CA GLU C 10 44.18 -51.38 -2.13
C GLU C 10 43.59 -51.70 -0.77
N PHE C 11 43.01 -52.89 -0.62
CA PHE C 11 42.46 -53.31 0.67
C PHE C 11 43.55 -53.36 1.74
N GLU C 12 44.68 -54.00 1.40
CA GLU C 12 45.79 -54.07 2.35
C GLU C 12 46.34 -52.70 2.67
N GLU C 13 46.42 -51.82 1.66
CA GLU C 13 46.88 -50.45 1.90
C GLU C 13 45.94 -49.73 2.87
N LEU C 14 44.63 -49.86 2.66
CA LEU C 14 43.66 -49.21 3.54
C LEU C 14 43.77 -49.74 4.96
N ASP C 15 43.96 -51.06 5.11
CA ASP C 15 44.16 -51.62 6.45
C ASP C 15 45.42 -51.06 7.09
N THR C 16 46.49 -50.90 6.31
CA THR C 16 47.76 -50.46 6.88
C THR C 16 47.70 -49.00 7.33
N GLN C 17 47.20 -48.11 6.48
CA GLN C 17 47.23 -46.69 6.84
C GLN C 17 46.04 -46.24 7.67
N ARG C 18 45.07 -47.12 7.92
CA ARG C 18 43.86 -46.79 8.68
C ARG C 18 43.12 -45.62 8.01
N ARG C 19 42.65 -45.90 6.80
CA ARG C 19 41.97 -44.91 5.98
C ARG C 19 40.52 -45.30 5.68
N TRP C 20 39.98 -46.34 6.32
CA TRP C 20 38.61 -46.74 6.05
C TRP C 20 37.63 -45.65 6.47
N GLN C 21 37.81 -45.09 7.67
CA GLN C 21 36.95 -44.01 8.11
C GLN C 21 37.07 -42.77 7.23
N PRO C 22 38.27 -42.27 6.90
CA PRO C 22 38.34 -41.18 5.92
C PRO C 22 37.76 -41.55 4.56
N LEU C 23 37.91 -42.80 4.13
CA LEU C 23 37.35 -43.21 2.85
C LEU C 23 35.84 -43.10 2.86
N TYR C 24 35.20 -43.60 3.91
CA TYR C 24 33.74 -43.50 4.00
C TYR C 24 33.31 -42.04 4.15
N LEU C 25 34.06 -41.24 4.91
CA LEU C 25 33.70 -39.84 5.07
C LEU C 25 33.75 -39.11 3.74
N GLU C 26 34.80 -39.33 2.95
CA GLU C 26 34.90 -38.66 1.67
C GLU C 26 33.90 -39.20 0.66
N ILE C 27 33.57 -40.49 0.72
CA ILE C 27 32.58 -41.03 -0.20
C ILE C 27 31.19 -40.51 0.15
N ARG C 28 30.94 -40.21 1.42
CA ARG C 28 29.66 -39.60 1.79
C ARG C 28 29.65 -38.11 1.43
N ASN C 29 30.79 -37.44 1.56
CA ASN C 29 30.87 -36.03 1.17
C ASN C 29 30.68 -35.87 -0.33
N GLU C 30 31.25 -36.76 -1.13
CA GLU C 30 31.10 -36.69 -2.58
C GLU C 30 29.82 -37.33 -3.08
N SER C 31 29.00 -37.88 -2.19
CA SER C 31 27.71 -38.39 -2.59
C SER C 31 26.79 -37.25 -3.00
N HIS C 32 25.84 -37.56 -3.88
CA HIS C 32 24.94 -36.56 -4.44
C HIS C 32 23.50 -36.98 -4.21
N ASP C 33 22.67 -36.02 -3.82
CA ASP C 33 21.26 -36.27 -3.54
C ASP C 33 20.40 -35.90 -4.74
N TYR C 34 19.16 -36.35 -4.70
CA TYR C 34 18.19 -36.17 -5.77
C TYR C 34 16.87 -35.74 -5.16
N PRO C 35 15.98 -35.09 -5.96
CA PRO C 35 14.83 -34.38 -5.39
C PRO C 35 14.07 -35.07 -4.26
N HIS C 36 13.54 -36.27 -4.53
CA HIS C 36 12.73 -37.04 -3.59
C HIS C 36 11.70 -36.17 -2.87
N ARG C 37 11.19 -35.14 -3.54
CA ARG C 37 10.26 -34.21 -2.92
C ARG C 37 8.88 -34.81 -2.75
N VAL C 38 8.41 -35.57 -3.75
CA VAL C 38 7.07 -36.15 -3.69
C VAL C 38 6.96 -37.16 -2.56
N ALA C 39 8.06 -37.88 -2.27
CA ALA C 39 8.01 -38.92 -1.24
C ALA C 39 7.70 -38.35 0.13
N LYS C 40 8.03 -37.09 0.37
CA LYS C 40 7.78 -36.43 1.65
C LYS C 40 6.67 -35.40 1.48
N PHE C 41 5.57 -35.59 2.21
CA PHE C 41 4.47 -34.65 2.23
C PHE C 41 4.02 -34.45 3.66
N PRO C 42 3.45 -33.29 3.99
CA PRO C 42 2.90 -33.10 5.34
C PRO C 42 1.81 -34.09 5.69
N GLU C 43 1.03 -34.52 4.70
CA GLU C 43 0.01 -35.54 4.90
C GLU C 43 0.54 -36.95 4.72
N ASN C 44 1.81 -37.10 4.38
CA ASN C 44 2.42 -38.41 4.16
C ASN C 44 3.31 -38.86 5.30
N ARG C 45 3.60 -38.00 6.27
CA ARG C 45 4.50 -38.35 7.36
C ARG C 45 3.97 -39.53 8.16
N ASN C 46 2.66 -39.72 8.19
CA ASN C 46 2.09 -40.88 8.88
C ASN C 46 2.52 -42.17 8.21
N ARG C 47 2.58 -42.20 6.89
CA ARG C 47 2.92 -43.39 6.13
C ARG C 47 4.42 -43.54 5.89
N ASN C 48 5.24 -42.67 6.45
CA ASN C 48 6.69 -42.74 6.34
C ASN C 48 7.25 -43.39 7.59
N ARG C 49 7.87 -44.57 7.45
CA ARG C 49 8.43 -45.26 8.60
C ARG C 49 9.56 -44.46 9.23
N TYR C 50 10.46 -43.91 8.41
CA TYR C 50 11.55 -43.07 8.87
C TYR C 50 11.45 -41.72 8.17
N ARG C 51 11.26 -40.66 8.95
CA ARG C 51 11.17 -39.32 8.38
C ARG C 51 12.52 -38.81 7.88
N ASP C 52 13.62 -39.49 8.22
CA ASP C 52 14.94 -39.06 7.78
C ASP C 52 15.18 -39.41 6.31
N VAL C 53 15.09 -40.70 5.98
CA VAL C 53 15.38 -41.14 4.62
C VAL C 53 14.18 -40.83 3.71
N SER C 54 14.43 -40.91 2.40
CA SER C 54 13.41 -40.66 1.40
C SER C 54 13.86 -41.21 0.05
N PRO C 55 13.02 -41.96 -0.65
CA PRO C 55 13.40 -42.50 -1.95
C PRO C 55 13.32 -41.44 -3.04
N TYR C 56 14.34 -41.42 -3.89
CA TYR C 56 14.41 -40.43 -4.95
C TYR C 56 13.28 -40.63 -5.96
N ASP C 57 12.70 -39.52 -6.40
CA ASP C 57 11.50 -39.58 -7.23
C ASP C 57 11.75 -40.32 -8.54
N HIS C 58 12.89 -40.04 -9.19
CA HIS C 58 13.20 -40.75 -10.42
C HIS C 58 13.49 -42.23 -10.15
N SER C 59 14.21 -42.53 -9.07
CA SER C 59 14.51 -43.92 -8.75
C SER C 59 13.28 -44.65 -8.25
N ARG C 60 12.52 -44.03 -7.35
CA ARG C 60 11.28 -44.64 -6.87
C ARG C 60 10.25 -44.69 -7.99
N VAL C 61 9.44 -45.74 -7.98
CA VAL C 61 8.38 -45.93 -8.97
C VAL C 61 7.07 -46.03 -8.22
N LYS C 62 6.16 -45.10 -8.48
CA LYS C 62 4.86 -45.05 -7.80
C LYS C 62 3.86 -46.00 -8.49
N LEU C 63 4.24 -47.28 -8.51
CA LEU C 63 3.39 -48.33 -9.08
C LEU C 63 2.26 -48.61 -8.09
N GLN C 64 1.21 -47.79 -8.19
CA GLN C 64 0.10 -47.84 -7.24
C GLN C 64 -1.22 -48.01 -7.99
N ASN C 65 -1.23 -47.61 -9.26
CA ASN C 65 -2.40 -47.65 -10.15
C ASN C 65 -3.68 -47.23 -9.43
N ALA C 66 -3.59 -46.22 -8.58
CA ALA C 66 -4.73 -45.73 -7.82
C ALA C 66 -4.57 -44.25 -7.49
N GLU C 67 -5.37 -43.76 -6.56
CA GLU C 67 -5.29 -42.38 -6.10
C GLU C 67 -4.47 -42.33 -4.82
N ASN C 68 -3.50 -41.42 -4.78
CA ASN C 68 -2.60 -41.25 -3.62
C ASN C 68 -1.93 -42.60 -3.37
N ASP C 69 -2.12 -43.22 -2.20
CA ASP C 69 -1.54 -44.53 -1.89
C ASP C 69 -0.01 -44.50 -1.98
N TYR C 70 0.61 -43.67 -1.15
CA TYR C 70 2.06 -43.52 -1.18
C TYR C 70 2.75 -44.81 -0.79
N ILE C 71 3.89 -45.07 -1.41
CA ILE C 71 4.77 -46.17 -1.05
C ILE C 71 6.16 -45.61 -0.77
N ASN C 72 6.76 -46.03 0.34
CA ASN C 72 8.13 -45.65 0.67
C ASN C 72 9.12 -46.63 0.07
N ALA C 73 8.99 -46.88 -1.22
CA ALA C 73 9.79 -47.86 -1.93
C ALA C 73 10.60 -47.20 -3.03
N SER C 74 11.45 -47.98 -3.67
CA SER C 74 12.29 -47.49 -4.75
C SER C 74 12.75 -48.66 -5.60
N LEU C 75 13.13 -48.34 -6.84
CA LEU C 75 13.65 -49.32 -7.78
C LEU C 75 15.02 -48.86 -8.28
N VAL C 76 15.95 -49.80 -8.38
CA VAL C 76 17.30 -49.54 -8.88
C VAL C 76 17.54 -50.41 -10.11
N ASP C 77 18.11 -49.81 -11.14
CA ASP C 77 18.33 -50.50 -12.42
C ASP C 77 19.65 -50.00 -13.02
N ILE C 78 20.71 -50.79 -12.85
CA ILE C 78 22.02 -50.46 -13.38
C ILE C 78 22.26 -51.29 -14.64
N GLU C 79 22.61 -50.62 -15.73
CA GLU C 79 22.81 -51.30 -17.00
C GLU C 79 24.00 -52.25 -16.98
N GLU C 80 24.98 -52.02 -16.10
CA GLU C 80 26.13 -52.90 -16.03
C GLU C 80 25.72 -54.30 -15.57
N ALA C 81 24.83 -54.39 -14.58
CA ALA C 81 24.37 -55.67 -14.07
C ALA C 81 23.10 -56.16 -14.76
N GLN C 82 22.31 -55.25 -15.34
CA GLN C 82 21.07 -55.57 -16.05
C GLN C 82 20.03 -56.24 -15.16
N ARG C 83 20.19 -56.15 -13.84
CA ARG C 83 19.27 -56.77 -12.90
C ARG C 83 18.76 -55.70 -11.94
N SER C 84 17.48 -55.35 -12.08
CA SER C 84 16.87 -54.36 -11.21
C SER C 84 16.57 -54.97 -9.85
N TYR C 85 16.57 -54.12 -8.82
CA TYR C 85 16.24 -54.51 -7.46
C TYR C 85 15.25 -53.52 -6.87
N ILE C 86 14.53 -53.95 -5.84
CA ILE C 86 13.53 -53.13 -5.17
C ILE C 86 13.97 -52.93 -3.72
N LEU C 87 13.91 -51.68 -3.27
CA LEU C 87 14.30 -51.30 -1.92
C LEU C 87 13.07 -50.76 -1.18
N THR C 88 12.92 -51.16 0.07
CA THR C 88 11.75 -50.79 0.87
C THR C 88 12.19 -50.49 2.29
N GLN C 89 11.21 -50.37 3.19
CA GLN C 89 11.44 -49.98 4.58
C GLN C 89 10.70 -50.91 5.52
N GLY C 90 10.66 -50.57 6.81
CA GLY C 90 9.87 -51.30 7.77
C GLY C 90 8.40 -51.31 7.39
N PRO C 91 7.80 -52.49 7.39
CA PRO C 91 6.41 -52.65 6.87
C PRO C 91 5.30 -52.30 7.86
N LEU C 92 4.99 -51.01 7.96
CA LEU C 92 3.80 -50.58 8.67
C LEU C 92 2.57 -51.16 7.98
N PRO C 93 1.50 -51.44 8.72
CA PRO C 93 0.36 -52.17 8.11
C PRO C 93 -0.16 -51.56 6.82
N ASN C 94 -0.31 -50.24 6.76
CA ASN C 94 -0.64 -49.60 5.49
C ASN C 94 0.47 -49.82 4.47
N THR C 95 1.71 -49.55 4.86
CA THR C 95 2.84 -49.86 4.01
C THR C 95 3.01 -51.37 3.81
N CYS C 96 2.47 -52.19 4.71
CA CYS C 96 2.49 -53.63 4.50
C CYS C 96 1.60 -54.03 3.33
N CYS C 97 0.37 -53.49 3.31
CA CYS C 97 -0.50 -53.73 2.16
C CYS C 97 0.10 -53.13 0.89
N HIS C 98 0.77 -51.98 1.04
CA HIS C 98 1.49 -51.38 -0.09
C HIS C 98 2.56 -52.32 -0.62
N PHE C 99 3.31 -52.96 0.28
CA PHE C 99 4.32 -53.93 -0.11
C PHE C 99 3.69 -55.14 -0.79
N TRP C 100 2.55 -55.61 -0.28
CA TRP C 100 1.85 -56.71 -0.91
C TRP C 100 1.49 -56.39 -2.35
N LEU C 101 0.84 -55.24 -2.57
CA LEU C 101 0.47 -54.88 -3.94
C LEU C 101 1.71 -54.57 -4.79
N MET C 102 2.76 -54.04 -4.17
CA MET C 102 4.00 -53.74 -4.89
C MET C 102 4.61 -55.01 -5.46
N VAL C 103 4.80 -56.02 -4.60
CA VAL C 103 5.39 -57.28 -5.06
C VAL C 103 4.43 -58.04 -5.96
N TRP C 104 3.12 -57.81 -5.80
CA TRP C 104 2.16 -58.47 -6.69
C TRP C 104 2.23 -57.89 -8.09
N GLN C 105 2.36 -56.58 -8.21
CA GLN C 105 2.44 -55.92 -9.51
C GLN C 105 3.81 -56.06 -10.15
N GLN C 106 4.87 -56.25 -9.36
CA GLN C 106 6.22 -56.32 -9.90
C GLN C 106 6.60 -57.72 -10.36
N LYS C 107 5.70 -58.71 -10.25
CA LYS C 107 6.01 -60.09 -10.62
C LYS C 107 7.24 -60.60 -9.87
N THR C 108 7.34 -60.26 -8.59
CA THR C 108 8.51 -60.62 -7.80
C THR C 108 8.62 -62.13 -7.64
N LYS C 109 9.86 -62.58 -7.50
CA LYS C 109 10.16 -64.00 -7.39
C LYS C 109 10.77 -64.40 -6.05
N ALA C 110 11.32 -63.45 -5.30
CA ALA C 110 11.93 -63.74 -4.01
C ALA C 110 11.84 -62.52 -3.10
N VAL C 111 11.95 -62.77 -1.81
CA VAL C 111 11.92 -61.72 -0.78
C VAL C 111 13.08 -61.96 0.16
N VAL C 112 13.86 -60.91 0.43
CA VAL C 112 15.04 -61.00 1.28
C VAL C 112 14.80 -60.18 2.53
N MET C 113 14.81 -60.83 3.69
CA MET C 113 14.75 -60.17 4.99
C MET C 113 16.06 -60.42 5.71
N LEU C 114 16.65 -59.36 6.27
CA LEU C 114 18.01 -59.42 6.79
C LEU C 114 18.10 -59.01 8.26
N ASN C 115 16.98 -58.86 8.95
CA ASN C 115 17.01 -58.53 10.37
C ASN C 115 15.76 -59.10 11.03
N ARG C 116 15.84 -59.28 12.34
CA ARG C 116 14.74 -59.84 13.10
C ARG C 116 13.74 -58.76 13.50
N ILE C 117 12.58 -59.20 13.97
CA ILE C 117 11.59 -58.28 14.52
C ILE C 117 12.08 -57.67 15.83
N VAL C 118 12.92 -58.41 16.57
CA VAL C 118 13.25 -58.05 17.94
C VAL C 118 14.72 -57.68 18.06
N GLU C 119 15.28 -57.12 16.99
CA GLU C 119 16.65 -56.63 17.04
C GLU C 119 16.80 -55.59 18.14
N LYS C 120 17.84 -55.76 18.98
CA LYS C 120 18.05 -54.93 20.17
C LYS C 120 16.78 -54.93 21.04
N GLU C 121 16.25 -56.14 21.26
CA GLU C 121 15.07 -56.41 22.08
C GLU C 121 13.97 -55.36 21.89
N SER C 122 13.75 -54.93 20.66
CA SER C 122 12.76 -53.90 20.36
C SER C 122 12.23 -54.12 18.96
N VAL C 123 11.05 -53.56 18.70
CA VAL C 123 10.39 -53.73 17.41
C VAL C 123 10.97 -52.72 16.42
N LYS C 124 11.49 -53.21 15.32
CA LYS C 124 12.00 -52.39 14.23
C LYS C 124 11.27 -52.62 12.92
N CYS C 125 10.82 -53.85 12.67
CA CYS C 125 10.01 -54.18 11.51
C CYS C 125 8.77 -54.93 11.99
N ALA C 126 7.64 -54.71 11.30
CA ALA C 126 6.40 -55.37 11.67
C ALA C 126 6.32 -56.72 10.98
N GLN C 127 6.19 -57.79 11.77
CA GLN C 127 6.12 -59.13 11.22
C GLN C 127 4.86 -59.32 10.40
N TYR C 128 4.99 -59.97 9.24
CA TYR C 128 3.85 -60.19 8.37
C TYR C 128 3.78 -61.61 7.80
N TRP C 129 4.74 -62.48 8.09
CA TRP C 129 4.74 -63.84 7.55
C TRP C 129 4.66 -64.84 8.69
N PRO C 130 3.68 -65.73 8.70
CA PRO C 130 3.60 -66.74 9.77
C PRO C 130 4.68 -67.81 9.60
N THR C 131 5.06 -68.40 10.73
CA THR C 131 6.03 -69.50 10.70
C THR C 131 5.44 -70.74 10.05
N ASP C 132 4.24 -71.12 10.47
CA ASP C 132 3.51 -72.23 9.86
C ASP C 132 2.71 -71.71 8.67
N ASP C 133 1.79 -72.52 8.16
CA ASP C 133 0.95 -72.09 7.04
C ASP C 133 0.12 -70.88 7.45
N GLN C 134 -0.81 -71.07 8.36
CA GLN C 134 -1.60 -70.00 8.98
C GLN C 134 -2.10 -68.99 7.95
N GLU C 135 -2.93 -69.49 7.04
CA GLU C 135 -3.46 -68.64 5.97
C GLU C 135 -4.29 -67.51 6.55
N MET C 136 -4.05 -66.29 6.08
CA MET C 136 -4.74 -65.11 6.55
C MET C 136 -5.21 -64.28 5.36
N LEU C 137 -6.47 -63.85 5.40
CA LEU C 137 -7.07 -63.05 4.33
C LEU C 137 -7.20 -61.62 4.82
N PHE C 138 -6.57 -60.68 4.11
CA PHE C 138 -6.65 -59.27 4.40
C PHE C 138 -7.61 -58.61 3.43
N LYS C 139 -8.62 -57.92 3.98
CA LYS C 139 -9.66 -57.28 3.17
C LYS C 139 -9.30 -55.86 2.76
N GLU C 140 -8.11 -55.36 3.15
CA GLU C 140 -7.69 -54.04 2.70
C GLU C 140 -7.52 -54.00 1.19
N THR C 141 -6.94 -55.06 0.62
CA THR C 141 -6.81 -55.15 -0.83
C THR C 141 -7.11 -56.56 -1.35
N GLY C 142 -7.83 -57.37 -0.57
CA GLY C 142 -8.14 -58.72 -0.99
C GLY C 142 -6.92 -59.61 -1.13
N PHE C 143 -5.99 -59.53 -0.19
CA PHE C 143 -4.75 -60.28 -0.24
C PHE C 143 -4.87 -61.56 0.59
N SER C 144 -4.11 -62.58 0.18
CA SER C 144 -4.05 -63.84 0.90
C SER C 144 -2.60 -64.15 1.24
N VAL C 145 -2.36 -64.55 2.49
CA VAL C 145 -1.01 -64.83 2.98
C VAL C 145 -0.97 -66.28 3.44
N LYS C 146 -0.01 -67.04 2.93
CA LYS C 146 0.20 -68.42 3.33
C LYS C 146 1.67 -68.77 3.12
N LEU C 147 2.16 -69.68 3.96
CA LEU C 147 3.56 -70.10 3.92
C LEU C 147 3.66 -71.49 3.31
N LEU C 148 4.57 -71.63 2.35
CA LEU C 148 4.76 -72.91 1.69
C LEU C 148 5.34 -73.95 2.65
N SER C 149 6.40 -73.58 3.37
CA SER C 149 7.04 -74.50 4.30
C SER C 149 7.88 -73.67 5.28
N GLU C 150 8.27 -74.33 6.38
CA GLU C 150 9.15 -73.69 7.35
C GLU C 150 10.53 -73.44 6.74
N ASP C 151 11.12 -74.47 6.14
CA ASP C 151 12.37 -74.38 5.38
C ASP C 151 13.48 -73.69 6.19
N VAL C 152 13.85 -74.34 7.30
CA VAL C 152 14.91 -73.83 8.17
C VAL C 152 16.25 -74.37 7.69
N LYS C 153 17.21 -73.47 7.49
CA LYS C 153 18.54 -73.83 7.04
C LYS C 153 19.55 -73.63 8.17
N SER C 154 20.80 -73.97 7.90
CA SER C 154 21.84 -73.90 8.93
C SER C 154 22.13 -72.46 9.33
N TYR C 155 22.36 -71.58 8.35
CA TYR C 155 22.76 -70.21 8.63
C TYR C 155 21.65 -69.20 8.38
N TYR C 156 20.53 -69.61 7.79
CA TYR C 156 19.42 -68.73 7.51
C TYR C 156 18.14 -69.54 7.45
N THR C 157 17.07 -68.93 6.94
CA THR C 157 15.80 -69.63 6.76
C THR C 157 15.16 -69.17 5.47
N VAL C 158 14.30 -70.02 4.92
CA VAL C 158 13.51 -69.69 3.73
C VAL C 158 12.05 -69.66 4.12
N HIS C 159 11.35 -68.59 3.76
CA HIS C 159 9.95 -68.44 4.14
C HIS C 159 9.10 -68.25 2.89
N LEU C 160 9.30 -69.11 1.90
CA LEU C 160 8.63 -68.99 0.61
C LEU C 160 7.12 -68.90 0.79
N LEU C 161 6.53 -67.87 0.18
CA LEU C 161 5.10 -67.61 0.28
C LEU C 161 4.41 -67.95 -1.03
N GLN C 162 3.09 -68.07 -0.96
CA GLN C 162 2.25 -68.42 -2.09
C GLN C 162 1.19 -67.36 -2.29
N LEU C 163 1.63 -66.10 -2.35
CA LEU C 163 0.71 -64.97 -2.27
C LEU C 163 -0.30 -65.01 -3.41
N GLU C 164 -1.58 -65.03 -3.06
CA GLU C 164 -2.65 -65.15 -4.03
C GLU C 164 -3.62 -63.99 -3.88
N ASN C 165 -4.06 -63.46 -5.01
CA ASN C 165 -5.10 -62.42 -5.05
C ASN C 165 -6.42 -63.07 -5.42
N ILE C 166 -7.42 -62.90 -4.56
CA ILE C 166 -8.72 -63.52 -4.80
C ILE C 166 -9.57 -62.68 -5.75
N ASN C 167 -9.56 -61.35 -5.56
CA ASN C 167 -10.30 -60.48 -6.46
C ASN C 167 -9.77 -60.59 -7.89
N SER C 168 -8.45 -60.59 -8.04
CA SER C 168 -7.86 -60.83 -9.35
C SER C 168 -7.93 -62.30 -9.73
N GLY C 169 -7.84 -63.20 -8.76
CA GLY C 169 -7.92 -64.63 -9.01
C GLY C 169 -6.65 -65.20 -9.61
N GLU C 170 -5.54 -65.06 -8.89
CA GLU C 170 -4.26 -65.56 -9.36
C GLU C 170 -3.36 -65.81 -8.17
N THR C 171 -2.20 -66.41 -8.43
CA THR C 171 -1.26 -66.76 -7.37
C THR C 171 0.16 -66.52 -7.86
N ARG C 172 1.08 -66.39 -6.90
CA ARG C 172 2.49 -66.21 -7.20
C ARG C 172 3.31 -66.73 -6.03
N THR C 173 4.22 -67.67 -6.30
CA THR C 173 5.09 -68.23 -5.28
C THR C 173 6.43 -67.52 -5.29
N ILE C 174 6.86 -67.08 -4.11
CA ILE C 174 8.09 -66.30 -3.95
C ILE C 174 8.98 -67.01 -2.93
N SER C 175 10.25 -67.17 -3.28
CA SER C 175 11.23 -67.77 -2.36
C SER C 175 11.70 -66.69 -1.40
N HIS C 176 10.87 -66.44 -0.39
CA HIS C 176 11.13 -65.38 0.59
C HIS C 176 12.25 -65.82 1.53
N PHE C 177 13.48 -65.44 1.19
CA PHE C 177 14.62 -65.76 2.02
C PHE C 177 14.63 -64.91 3.30
N HIS C 178 15.40 -65.37 4.28
CA HIS C 178 15.47 -64.67 5.56
C HIS C 178 16.81 -65.00 6.21
N TYR C 179 17.75 -64.06 6.17
CA TYR C 179 19.07 -64.24 6.76
C TYR C 179 18.93 -64.13 8.28
N THR C 180 18.75 -65.28 8.93
CA THR C 180 18.50 -65.30 10.37
C THR C 180 19.70 -64.81 11.16
N THR C 181 20.91 -65.22 10.77
CA THR C 181 22.11 -64.96 11.56
C THR C 181 22.68 -63.58 11.23
N TRP C 182 21.91 -62.56 11.62
CA TRP C 182 22.35 -61.18 11.43
C TRP C 182 21.68 -60.23 12.41
N PRO C 183 22.45 -59.61 13.30
CA PRO C 183 21.89 -58.57 14.18
C PRO C 183 21.97 -57.19 13.54
N ASP C 184 21.08 -56.32 14.00
CA ASP C 184 20.98 -54.97 13.45
C ASP C 184 22.27 -54.18 13.71
N PHE C 185 22.62 -53.34 12.74
CA PHE C 185 23.81 -52.49 12.81
C PHE C 185 25.07 -53.33 13.07
N GLY C 186 25.18 -54.45 12.37
CA GLY C 186 26.32 -55.33 12.52
C GLY C 186 26.46 -56.24 11.32
N VAL C 187 27.51 -57.04 11.35
CA VAL C 187 27.79 -57.98 10.25
C VAL C 187 28.19 -59.32 10.84
N PRO C 188 27.86 -60.40 10.13
CA PRO C 188 28.28 -61.73 10.60
C PRO C 188 29.80 -61.87 10.59
N GLU C 189 30.31 -62.62 11.56
CA GLU C 189 31.75 -62.81 11.67
C GLU C 189 32.30 -63.60 10.49
N SER C 190 31.59 -64.63 10.05
CA SER C 190 32.09 -65.52 9.00
C SER C 190 31.56 -65.05 7.65
N PRO C 191 32.41 -64.58 6.74
CA PRO C 191 31.94 -64.25 5.39
C PRO C 191 31.63 -65.48 4.55
N ALA C 192 32.06 -66.67 4.98
CA ALA C 192 31.73 -67.89 4.24
C ALA C 192 30.23 -68.15 4.25
N SER C 193 29.57 -67.91 5.38
CA SER C 193 28.12 -68.05 5.44
C SER C 193 27.45 -67.08 4.49
N PHE C 194 27.94 -65.83 4.43
CA PHE C 194 27.40 -64.87 3.49
C PHE C 194 27.60 -65.33 2.05
N LEU C 195 28.78 -65.87 1.73
CA LEU C 195 29.04 -66.35 0.38
C LEU C 195 28.10 -67.49 0.01
N ASN C 196 27.90 -68.44 0.93
CA ASN C 196 26.99 -69.54 0.67
C ASN C 196 25.57 -69.04 0.48
N PHE C 197 25.12 -68.12 1.33
CA PHE C 197 23.76 -67.60 1.23
C PHE C 197 23.55 -66.86 -0.09
N LEU C 198 24.52 -66.03 -0.48
CA LEU C 198 24.37 -65.28 -1.73
C LEU C 198 24.47 -66.19 -2.95
N PHE C 199 25.28 -67.24 -2.88
CA PHE C 199 25.29 -68.23 -3.96
C PHE C 199 23.94 -68.93 -4.07
N LYS C 200 23.35 -69.29 -2.93
CA LYS C 200 22.04 -69.92 -2.96
C LYS C 200 20.98 -68.99 -3.53
N VAL C 201 21.04 -67.71 -3.16
CA VAL C 201 20.09 -66.74 -3.69
C VAL C 201 20.28 -66.55 -5.19
N ARG C 202 21.53 -66.41 -5.64
CA ARG C 202 21.79 -66.19 -7.05
C ARG C 202 21.45 -67.41 -7.90
N GLU C 203 21.53 -68.61 -7.32
CA GLU C 203 21.13 -69.82 -8.02
C GLU C 203 19.64 -70.12 -7.89
N SER C 204 18.89 -69.29 -7.17
CA SER C 204 17.46 -69.47 -6.99
C SER C 204 16.64 -68.81 -8.10
N GLY C 205 17.30 -68.23 -9.10
CA GLY C 205 16.60 -67.56 -10.18
C GLY C 205 16.30 -66.09 -9.94
N SER C 206 16.62 -65.58 -8.75
CA SER C 206 16.37 -64.16 -8.46
C SER C 206 17.22 -63.26 -9.34
N LEU C 207 18.45 -63.69 -9.64
CA LEU C 207 19.38 -62.91 -10.44
C LEU C 207 19.24 -63.21 -11.92
N ASN C 208 18.00 -63.15 -12.43
CA ASN C 208 17.71 -63.49 -13.81
C ASN C 208 16.57 -62.60 -14.29
N PRO C 209 16.43 -62.39 -15.60
CA PRO C 209 15.29 -61.62 -16.11
C PRO C 209 14.05 -62.48 -16.30
N ASP C 210 14.04 -63.66 -15.70
CA ASP C 210 12.90 -64.57 -15.84
C ASP C 210 11.63 -63.95 -15.28
N HIS C 211 11.69 -63.45 -14.06
CA HIS C 211 10.56 -62.81 -13.41
C HIS C 211 10.91 -61.35 -13.11
N GLY C 212 10.03 -60.68 -12.38
CA GLY C 212 10.23 -59.31 -12.01
C GLY C 212 11.38 -59.14 -11.06
N PRO C 213 11.87 -57.90 -10.92
CA PRO C 213 13.03 -57.66 -10.04
C PRO C 213 12.72 -58.04 -8.60
N ALA C 214 13.72 -58.61 -7.94
CA ALA C 214 13.58 -59.01 -6.56
C ALA C 214 13.58 -57.78 -5.65
N VAL C 215 13.00 -57.94 -4.46
CA VAL C 215 12.90 -56.88 -3.47
C VAL C 215 13.77 -57.24 -2.27
N ILE C 216 14.66 -56.33 -1.91
CA ILE C 216 15.58 -56.53 -0.79
C ILE C 216 15.30 -55.44 0.23
N HIS C 217 15.11 -55.86 1.48
CA HIS C 217 14.75 -54.91 2.54
C HIS C 217 15.33 -55.38 3.86
N CYS C 218 15.67 -54.39 4.70
CA CYS C 218 16.17 -54.63 6.05
C CYS C 218 15.45 -53.73 7.05
N SER C 219 14.16 -53.47 6.80
CA SER C 219 13.30 -52.58 7.59
C SER C 219 13.72 -51.12 7.42
N ALA C 220 14.87 -50.90 6.77
CA ALA C 220 15.29 -49.56 6.37
C ALA C 220 15.81 -49.48 4.95
N GLY C 221 16.28 -50.58 4.37
CA GLY C 221 16.76 -50.57 3.00
C GLY C 221 18.00 -49.75 2.76
N ILE C 222 18.72 -49.37 3.82
CA ILE C 222 19.89 -48.51 3.67
C ILE C 222 21.12 -49.18 4.26
N GLY C 223 21.11 -49.42 5.57
CA GLY C 223 22.31 -49.90 6.24
C GLY C 223 22.73 -51.30 5.82
N ARG C 224 21.78 -52.21 5.73
CA ARG C 224 22.07 -53.62 5.48
C ARG C 224 21.78 -54.06 4.07
N SER C 225 20.69 -53.58 3.46
CA SER C 225 20.38 -53.95 2.10
C SER C 225 21.39 -53.38 1.11
N GLY C 226 21.94 -52.20 1.41
CA GLY C 226 22.87 -51.57 0.48
C GLY C 226 24.13 -52.38 0.26
N THR C 227 24.73 -52.87 1.34
CA THR C 227 25.96 -53.64 1.21
C THR C 227 25.72 -54.96 0.47
N PHE C 228 24.60 -55.63 0.76
CA PHE C 228 24.27 -56.85 0.05
C PHE C 228 24.06 -56.58 -1.43
N SER C 229 23.35 -55.50 -1.76
CA SER C 229 23.13 -55.16 -3.17
C SER C 229 24.44 -54.85 -3.87
N LEU C 230 25.35 -54.13 -3.20
CA LEU C 230 26.60 -53.76 -3.86
C LEU C 230 27.51 -54.97 -4.03
N VAL C 231 27.55 -55.89 -3.06
CA VAL C 231 28.35 -57.09 -3.25
C VAL C 231 27.75 -57.95 -4.36
N ASP C 232 26.42 -58.00 -4.44
CA ASP C 232 25.79 -58.76 -5.51
C ASP C 232 26.14 -58.20 -6.88
N THR C 233 26.05 -56.86 -7.02
CA THR C 233 26.34 -56.25 -8.32
C THR C 233 27.82 -56.32 -8.64
N CYS C 234 28.70 -56.30 -7.63
CA CYS C 234 30.11 -56.49 -7.89
C CYS C 234 30.41 -57.92 -8.35
N LEU C 235 29.77 -58.90 -7.72
CA LEU C 235 29.95 -60.28 -8.14
C LEU C 235 29.46 -60.50 -9.56
N VAL C 236 28.33 -59.88 -9.92
CA VAL C 236 27.76 -60.09 -11.25
C VAL C 236 28.29 -59.03 -12.22
N LEU C 237 29.27 -58.24 -11.77
CA LEU C 237 29.83 -57.17 -12.58
C LEU C 237 31.27 -57.42 -12.98
N MET C 238 32.17 -57.62 -12.01
CA MET C 238 33.59 -57.73 -12.32
C MET C 238 34.11 -59.18 -12.34
N GLU C 239 33.32 -60.14 -11.85
CA GLU C 239 33.73 -61.53 -11.98
C GLU C 239 33.47 -62.09 -13.37
N LYS C 240 32.67 -61.40 -14.18
CA LYS C 240 32.30 -61.87 -15.51
C LYS C 240 33.24 -61.35 -16.60
N GLY C 241 34.32 -60.67 -16.23
CA GLY C 241 35.24 -60.14 -17.22
C GLY C 241 36.28 -59.21 -16.63
N ASP C 242 36.46 -58.05 -17.26
CA ASP C 242 37.46 -57.09 -16.80
C ASP C 242 37.13 -56.60 -15.39
N ASP C 243 38.17 -56.43 -14.59
CA ASP C 243 37.99 -55.95 -13.22
C ASP C 243 37.50 -54.51 -13.20
N ILE C 244 36.54 -54.23 -12.34
CA ILE C 244 35.92 -52.92 -12.21
C ILE C 244 36.13 -52.42 -10.80
N ASN C 245 36.53 -51.16 -10.66
CA ASN C 245 36.74 -50.57 -9.34
C ASN C 245 35.43 -50.52 -8.56
N ILE C 246 35.52 -50.77 -7.26
CA ILE C 246 34.32 -50.87 -6.44
C ILE C 246 33.72 -49.49 -6.16
N LYS C 247 34.56 -48.48 -5.91
CA LYS C 247 34.05 -47.20 -5.43
C LYS C 247 33.24 -46.48 -6.52
N GLN C 248 33.66 -46.58 -7.78
CA GLN C 248 32.95 -45.88 -8.85
C GLN C 248 31.56 -46.45 -9.05
N VAL C 249 31.45 -47.77 -9.15
CA VAL C 249 30.13 -48.39 -9.32
C VAL C 249 29.30 -48.22 -8.04
N LEU C 250 29.96 -48.18 -6.88
CA LEU C 250 29.24 -47.90 -5.64
C LEU C 250 28.62 -46.51 -5.66
N LEU C 251 29.37 -45.52 -6.12
CA LEU C 251 28.81 -44.18 -6.29
C LEU C 251 27.67 -44.19 -7.31
N ASN C 252 27.85 -44.92 -8.40
CA ASN C 252 26.82 -44.98 -9.44
C ASN C 252 25.51 -45.54 -8.91
N MET C 253 25.58 -46.63 -8.12
CA MET C 253 24.34 -47.18 -7.56
C MET C 253 23.83 -46.33 -6.41
N ARG C 254 24.73 -45.60 -5.74
CA ARG C 254 24.31 -44.63 -4.74
C ARG C 254 23.53 -43.47 -5.35
N LYS C 255 23.73 -43.20 -6.64
CA LYS C 255 22.87 -42.24 -7.31
C LYS C 255 21.41 -42.66 -7.27
N TYR C 256 21.14 -43.97 -7.32
CA TYR C 256 19.77 -44.45 -7.26
C TYR C 256 19.15 -44.22 -5.89
N ARG C 257 19.86 -44.59 -4.83
CA ARG C 257 19.36 -44.44 -3.47
C ARG C 257 20.54 -44.26 -2.54
N MET C 258 20.27 -43.70 -1.36
CA MET C 258 21.31 -43.48 -0.37
C MET C 258 21.63 -44.78 0.36
N GLY C 259 21.91 -45.83 -0.39
CA GLY C 259 22.22 -47.13 0.19
C GLY C 259 23.64 -47.18 0.76
N LEU C 260 23.94 -46.27 1.67
CA LEU C 260 25.25 -46.21 2.30
C LEU C 260 25.35 -47.33 3.34
N ILE C 261 26.43 -47.33 4.11
CA ILE C 261 26.67 -48.39 5.07
C ILE C 261 26.74 -47.89 6.51
N GLN C 262 26.86 -46.59 6.74
CA GLN C 262 26.91 -45.93 8.05
C GLN C 262 28.18 -46.26 8.83
N THR C 263 29.05 -47.14 8.31
CA THR C 263 30.29 -47.51 8.96
C THR C 263 31.19 -48.23 7.97
N PRO C 264 32.47 -47.84 7.86
CA PRO C 264 33.37 -48.52 6.92
C PRO C 264 33.61 -49.99 7.24
N ASP C 265 33.15 -50.47 8.40
CA ASP C 265 33.23 -51.89 8.69
C ASP C 265 32.42 -52.70 7.68
N GLN C 266 31.26 -52.19 7.28
CA GLN C 266 30.48 -52.85 6.25
C GLN C 266 31.22 -52.84 4.91
N LEU C 267 31.94 -51.76 4.61
CA LEU C 267 32.76 -51.74 3.40
C LEU C 267 33.85 -52.80 3.45
N ARG C 268 34.49 -52.95 4.61
CA ARG C 268 35.51 -53.99 4.77
C ARG C 268 34.91 -55.38 4.58
N PHE C 269 33.73 -55.61 5.17
CA PHE C 269 33.05 -56.89 5.00
C PHE C 269 32.69 -57.14 3.54
N SER C 270 32.22 -56.09 2.85
CA SER C 270 31.88 -56.21 1.44
C SER C 270 33.10 -56.58 0.60
N TYR C 271 34.23 -55.89 0.85
CA TYR C 271 35.45 -56.21 0.13
C TYR C 271 35.92 -57.63 0.41
N MET C 272 35.82 -58.06 1.67
CA MET C 272 36.23 -59.40 2.04
C MET C 272 35.37 -60.43 1.30
N ALA C 273 34.06 -60.23 1.28
CA ALA C 273 33.16 -61.15 0.59
C ALA C 273 33.45 -61.17 -0.91
N ILE C 274 33.69 -60.01 -1.50
CA ILE C 274 33.99 -59.95 -2.93
C ILE C 274 35.27 -60.69 -3.25
N ILE C 275 36.31 -60.50 -2.43
CA ILE C 275 37.57 -61.19 -2.65
C ILE C 275 37.38 -62.70 -2.49
N GLU C 276 36.61 -63.12 -1.49
CA GLU C 276 36.36 -64.54 -1.29
C GLU C 276 35.60 -65.15 -2.47
N GLY C 277 34.68 -64.40 -3.05
CA GLY C 277 33.91 -64.85 -4.18
C GLY C 277 34.57 -64.64 -5.53
N ALA C 278 35.87 -64.30 -5.56
CA ALA C 278 36.55 -64.04 -6.82
C ALA C 278 36.58 -65.29 -7.70
N LYS C 279 37.24 -66.34 -7.23
CA LYS C 279 37.36 -67.57 -7.99
C LYS C 279 37.52 -68.79 -7.07
#